data_8EIZ
#
_entry.id   8EIZ
#
_cell.length_a   1.00
_cell.length_b   1.00
_cell.length_c   1.00
_cell.angle_alpha   90.00
_cell.angle_beta   90.00
_cell.angle_gamma   90.00
#
_symmetry.space_group_name_H-M   'P 1'
#
loop_
_entity.id
_entity.type
_entity.pdbx_description
1 polymer 'Squid sensory receptor CRB1'
2 branched beta-D-mannopyranose-(1-4)-2-acetamido-2-deoxy-beta-D-glucopyranose-(1-4)-2-acetamido-2-deoxy-beta-D-glucopyranose
3 non-polymer N-benzyl-2-(2,6-dimethylanilino)-N,N-diethyl-2-oxoethan-1-aminium
4 water water
#
_entity_poly.entity_id   1
_entity_poly.type   'polypeptide(L)'
_entity_poly.pdbx_seq_one_letter_code
;CWTYEEEYYFRSNFLQQYNKDIRPLNDLSKPISVGIHLEIAKMNDFNLAEGRLKIQTYLILQWYDEKIFWNESTYPIPKL
MVSSKKIWSPAISVYYTENEMDSKDQFQMEIYKNGSVHQWKSFYFNILCDVNARAFPFDKYTCETMFYFNDYDIQTAIFS
SFRCISSTDLSRKAWYVSFSCDTKIGEEGSLGQLSLKLVRKVSLQCLSVLLPLFIFFILNIMIGYLPIESGEKVTFATTV
FLSNVIYIDNLSKQLPKESSEIPLIFLCHIFLAFLSGLSAVGTIITSKIFCKYKSTESAPSPSPAPANNKIDVKKNSQIY
SISKEGRVEKEANSSDGIKATTTTTTTTITEDLKKICLSYAKIESAILYIMTFISILCALVFTSLFFESFLD
;
_entity_poly.pdbx_strand_id   A,B,C,D,E
#
loop_
_chem_comp.id
_chem_comp.type
_chem_comp.name
_chem_comp.formula
BMA D-saccharide, beta linking beta-D-mannopyranose 'C6 H12 O6'
NAG D-saccharide, beta linking 2-acetamido-2-deoxy-beta-D-glucopyranose 'C8 H15 N O6'
WK3 non-polymer N-benzyl-2-(2,6-dimethylanilino)-N,N-diethyl-2-oxoethan-1-aminium 'C21 H29 N2 O 1'
#
# COMPACT_ATOMS: atom_id res chain seq x y z
N CYS A 1 -2.33 -53.40 2.20
CA CYS A 1 -3.14 -53.07 3.41
C CYS A 1 -2.22 -52.72 4.59
N TRP A 2 -1.18 -51.95 4.30
CA TRP A 2 -0.17 -51.70 5.31
C TRP A 2 -0.79 -51.01 6.51
N THR A 3 -0.45 -51.49 7.70
CA THR A 3 -1.02 -51.00 8.94
C THR A 3 -0.21 -49.82 9.47
N TYR A 4 -0.66 -49.26 10.58
CA TYR A 4 0.06 -48.13 11.18
C TYR A 4 1.44 -48.55 11.66
N GLU A 5 1.55 -49.73 12.28
CA GLU A 5 2.81 -50.12 12.87
C GLU A 5 3.91 -50.33 11.84
N GLU A 6 3.61 -50.96 10.70
CA GLU A 6 4.65 -51.17 9.72
C GLU A 6 5.00 -49.91 8.95
N GLU A 7 4.06 -48.97 8.78
CA GLU A 7 4.45 -47.68 8.23
C GLU A 7 5.31 -46.90 9.21
N TYR A 8 5.00 -47.00 10.50
CA TYR A 8 5.86 -46.39 11.52
C TYR A 8 7.27 -46.96 11.43
N TYR A 9 7.36 -48.29 11.35
CA TYR A 9 8.67 -48.94 11.27
C TYR A 9 9.40 -48.53 10.00
N PHE A 10 8.69 -48.45 8.88
CA PHE A 10 9.32 -48.03 7.63
C PHE A 10 9.85 -46.61 7.74
N ARG A 11 9.01 -45.67 8.16
CA ARG A 11 9.46 -44.29 8.29
C ARG A 11 10.66 -44.19 9.20
N SER A 12 10.75 -45.05 10.21
CA SER A 12 11.89 -44.98 11.11
C SER A 12 13.19 -45.42 10.45
N ASN A 13 13.13 -46.36 9.50
CA ASN A 13 14.34 -47.00 8.96
C ASN A 13 14.34 -46.97 7.44
N PHE A 14 14.09 -45.80 6.86
CA PHE A 14 14.21 -45.66 5.41
C PHE A 14 15.05 -44.46 5.01
N LEU A 15 15.69 -43.79 5.95
CA LEU A 15 16.66 -42.73 5.69
C LEU A 15 17.90 -42.96 6.53
N GLN A 16 18.34 -44.22 6.60
CA GLN A 16 19.40 -44.58 7.54
C GLN A 16 20.72 -43.92 7.17
N GLN A 17 21.14 -44.07 5.91
CA GLN A 17 22.40 -43.54 5.42
C GLN A 17 22.15 -42.47 4.37
N TYR A 18 21.24 -41.56 4.67
CA TYR A 18 20.78 -40.56 3.73
C TYR A 18 21.05 -39.17 4.28
N ASN A 19 21.73 -38.34 3.49
CA ASN A 19 21.95 -36.94 3.81
C ASN A 19 21.16 -36.11 2.82
N LYS A 20 20.29 -35.26 3.31
CA LYS A 20 19.45 -34.46 2.43
C LYS A 20 20.24 -33.36 1.73
N ASP A 21 21.48 -33.11 2.14
CA ASP A 21 22.30 -32.08 1.54
C ASP A 21 23.11 -32.58 0.35
N ILE A 22 23.00 -33.86 0.00
CA ILE A 22 23.72 -34.46 -1.12
C ILE A 22 22.70 -34.82 -2.19
N ARG A 23 23.03 -34.53 -3.44
CA ARG A 23 22.13 -34.90 -4.52
C ARG A 23 21.97 -36.41 -4.56
N PRO A 24 20.76 -36.93 -4.69
CA PRO A 24 20.56 -38.39 -4.60
C PRO A 24 20.96 -39.14 -5.87
N LEU A 25 22.27 -39.28 -6.07
CA LEU A 25 22.81 -39.99 -7.21
C LEU A 25 23.86 -40.97 -6.75
N ASN A 26 23.99 -42.08 -7.48
CA ASN A 26 25.06 -43.03 -7.23
C ASN A 26 26.39 -42.61 -7.85
N ASP A 27 26.36 -41.66 -8.78
CA ASP A 27 27.58 -41.13 -9.40
C ASP A 27 27.40 -39.63 -9.50
N LEU A 28 28.04 -38.89 -8.60
CA LEU A 28 27.75 -37.48 -8.43
C LEU A 28 28.49 -36.58 -9.40
N SER A 29 29.31 -37.13 -10.29
CA SER A 29 29.97 -36.32 -11.30
C SER A 29 29.03 -35.85 -12.40
N LYS A 30 27.86 -36.46 -12.54
CA LYS A 30 26.91 -36.13 -13.58
C LYS A 30 25.76 -35.33 -13.01
N PRO A 31 25.08 -34.54 -13.83
CA PRO A 31 23.97 -33.74 -13.32
C PRO A 31 22.77 -34.60 -12.94
N ILE A 32 21.92 -34.04 -12.10
CA ILE A 32 20.64 -34.64 -11.77
C ILE A 32 19.58 -34.01 -12.66
N SER A 33 18.76 -34.85 -13.28
CA SER A 33 17.75 -34.39 -14.23
C SER A 33 16.44 -34.13 -13.50
N VAL A 34 16.02 -32.87 -13.46
CA VAL A 34 14.76 -32.47 -12.87
C VAL A 34 13.81 -32.06 -13.98
N GLY A 35 12.59 -32.57 -13.95
CA GLY A 35 11.58 -32.21 -14.92
C GLY A 35 10.55 -31.31 -14.29
N ILE A 36 10.05 -30.35 -15.06
CA ILE A 36 9.14 -29.34 -14.56
C ILE A 36 7.90 -29.31 -15.45
N HIS A 37 6.74 -29.12 -14.83
CA HIS A 37 5.48 -28.95 -15.54
C HIS A 37 4.77 -27.78 -14.89
N LEU A 38 4.57 -26.71 -15.63
CA LEU A 38 4.09 -25.45 -15.08
C LEU A 38 2.69 -25.15 -15.59
N GLU A 39 1.90 -24.46 -14.76
CA GLU A 39 0.58 -23.98 -15.14
C GLU A 39 0.43 -22.54 -14.68
N ILE A 40 0.24 -21.62 -15.62
CA ILE A 40 -0.07 -20.24 -15.28
C ILE A 40 -1.52 -20.19 -14.85
N ALA A 41 -1.76 -19.88 -13.58
CA ALA A 41 -3.11 -19.91 -13.04
C ALA A 41 -3.81 -18.56 -13.13
N LYS A 42 -3.17 -17.49 -12.69
CA LYS A 42 -3.84 -16.19 -12.62
C LYS A 42 -2.84 -15.08 -12.90
N MET A 43 -3.39 -13.92 -13.30
CA MET A 43 -2.62 -12.71 -13.49
C MET A 43 -3.30 -11.57 -12.74
N ASN A 44 -2.51 -10.57 -12.33
CA ASN A 44 -3.04 -9.47 -11.53
C ASN A 44 -3.35 -8.23 -12.37
N ASP A 45 -2.44 -7.83 -13.23
CA ASP A 45 -2.63 -6.80 -14.24
C ASP A 45 -2.60 -5.40 -13.63
N PHE A 46 -2.60 -5.28 -12.30
CA PHE A 46 -2.80 -3.97 -11.68
C PHE A 46 -1.72 -2.98 -12.09
N ASN A 47 -0.45 -3.38 -12.01
CA ASN A 47 0.66 -2.51 -12.38
C ASN A 47 1.09 -2.68 -13.83
N LEU A 48 0.28 -3.33 -14.65
CA LEU A 48 0.71 -3.61 -16.01
C LEU A 48 1.05 -2.34 -16.77
N ALA A 49 0.52 -1.20 -16.34
CA ALA A 49 0.92 0.07 -16.94
C ALA A 49 2.38 0.40 -16.62
N GLU A 50 2.83 0.08 -15.41
CA GLU A 50 4.21 0.33 -15.01
C GLU A 50 5.18 -0.70 -15.55
N GLY A 51 4.69 -1.75 -16.19
CA GLY A 51 5.55 -2.76 -16.77
C GLY A 51 5.75 -4.01 -15.94
N ARG A 52 4.93 -4.24 -14.92
CA ARG A 52 5.04 -5.42 -14.08
C ARG A 52 3.70 -6.14 -14.06
N LEU A 53 3.71 -7.41 -14.45
CA LEU A 53 2.53 -8.25 -14.41
C LEU A 53 2.75 -9.30 -13.32
N LYS A 54 1.84 -9.37 -12.37
CA LYS A 54 1.98 -10.28 -11.24
C LYS A 54 1.21 -11.55 -11.55
N ILE A 55 1.92 -12.65 -11.78
CA ILE A 55 1.28 -13.90 -12.17
C ILE A 55 1.54 -14.95 -11.10
N GLN A 56 0.66 -15.95 -11.05
CA GLN A 56 0.79 -17.10 -10.17
C GLN A 56 0.92 -18.36 -11.01
N THR A 57 1.89 -19.20 -10.67
CA THR A 57 2.18 -20.41 -11.42
C THR A 57 2.30 -21.59 -10.46
N TYR A 58 1.84 -22.75 -10.93
CA TYR A 58 1.89 -24.00 -10.19
C TYR A 58 2.88 -24.94 -10.88
N LEU A 59 3.86 -25.41 -10.13
CA LEU A 59 4.92 -26.27 -10.65
C LEU A 59 4.81 -27.66 -10.05
N ILE A 60 5.03 -28.67 -10.87
CA ILE A 60 5.12 -30.05 -10.43
C ILE A 60 6.51 -30.54 -10.83
N LEU A 61 7.48 -30.40 -9.94
CA LEU A 61 8.82 -30.91 -10.19
C LEU A 61 8.83 -32.41 -10.04
N GLN A 62 9.56 -33.09 -10.92
CA GLN A 62 9.66 -34.54 -10.90
C GLN A 62 11.11 -34.92 -11.08
N TRP A 63 11.61 -35.80 -10.22
CA TRP A 63 12.97 -36.31 -10.39
C TRP A 63 13.03 -37.72 -9.85
N TYR A 64 14.21 -38.32 -9.89
CA TYR A 64 14.41 -39.69 -9.44
C TYR A 64 15.43 -39.71 -8.32
N ASP A 65 15.00 -40.16 -7.15
CA ASP A 65 15.88 -40.34 -6.00
C ASP A 65 16.44 -41.76 -6.06
N GLU A 66 17.75 -41.88 -6.23
CA GLU A 66 18.40 -43.15 -6.44
C GLU A 66 18.82 -43.83 -5.14
N LYS A 67 18.44 -43.26 -3.99
CA LYS A 67 18.83 -43.80 -2.71
C LYS A 67 17.65 -44.18 -1.82
N ILE A 68 16.42 -43.90 -2.23
CA ILE A 68 15.26 -44.18 -1.38
C ILE A 68 14.35 -45.16 -2.10
N PHE A 69 14.94 -46.07 -2.86
CA PHE A 69 14.18 -47.12 -3.53
C PHE A 69 13.95 -48.28 -2.58
N TRP A 70 12.73 -48.82 -2.60
CA TRP A 70 12.38 -50.00 -1.84
C TRP A 70 11.41 -50.85 -2.65
N ASN A 71 11.04 -52.01 -2.11
CA ASN A 71 10.10 -52.91 -2.75
C ASN A 71 9.09 -53.42 -1.72
N GLU A 72 7.90 -53.77 -2.22
CA GLU A 72 6.80 -54.11 -1.33
C GLU A 72 6.99 -55.45 -0.64
N SER A 73 8.00 -56.24 -1.03
CA SER A 73 8.23 -57.51 -0.37
C SER A 73 8.57 -57.31 1.10
N THR A 74 9.36 -56.28 1.41
CA THR A 74 9.72 -55.98 2.79
C THR A 74 8.92 -54.84 3.39
N TYR A 75 8.46 -53.89 2.58
CA TYR A 75 7.68 -52.75 3.07
C TYR A 75 6.41 -52.63 2.22
N PRO A 76 5.29 -53.19 2.65
CA PRO A 76 4.10 -53.21 1.78
C PRO A 76 3.45 -51.85 1.58
N ILE A 77 4.23 -50.85 1.18
CA ILE A 77 3.73 -49.49 0.94
C ILE A 77 4.06 -49.12 -0.49
N PRO A 78 3.08 -48.76 -1.32
CA PRO A 78 3.40 -48.40 -2.71
C PRO A 78 3.94 -46.99 -2.87
N LYS A 79 3.60 -46.05 -2.00
CA LYS A 79 4.09 -44.69 -2.12
C LYS A 79 3.86 -43.97 -0.79
N LEU A 80 4.63 -42.91 -0.56
CA LEU A 80 4.58 -42.18 0.70
C LEU A 80 4.59 -40.69 0.45
N MET A 81 4.12 -39.96 1.45
CA MET A 81 4.21 -38.52 1.49
C MET A 81 5.22 -38.15 2.57
N VAL A 82 6.33 -37.54 2.18
CA VAL A 82 7.43 -37.26 3.08
C VAL A 82 7.76 -35.78 3.01
N SER A 83 8.05 -35.18 4.15
CA SER A 83 8.15 -33.73 4.24
C SER A 83 9.39 -33.23 3.51
N SER A 84 9.36 -31.94 3.16
CA SER A 84 10.39 -31.35 2.33
C SER A 84 11.73 -31.23 3.03
N LYS A 85 11.76 -31.35 4.35
CA LYS A 85 12.97 -31.23 5.13
C LYS A 85 13.49 -32.58 5.61
N LYS A 86 13.07 -33.66 4.98
CA LYS A 86 13.62 -34.98 5.25
C LYS A 86 14.50 -35.50 4.13
N ILE A 87 14.21 -35.14 2.88
CA ILE A 87 14.94 -35.64 1.72
C ILE A 87 15.34 -34.47 0.85
N TRP A 88 16.23 -34.75 -0.10
CA TRP A 88 16.76 -33.72 -0.97
C TRP A 88 15.71 -33.24 -1.96
N SER A 89 15.54 -31.94 -2.06
CA SER A 89 14.73 -31.33 -3.10
C SER A 89 15.48 -30.13 -3.64
N PRO A 90 15.29 -29.81 -4.92
CA PRO A 90 15.99 -28.66 -5.50
C PRO A 90 15.26 -27.36 -5.23
N ALA A 91 16.06 -26.31 -5.01
CA ALA A 91 15.54 -24.98 -4.78
C ALA A 91 15.51 -24.24 -6.11
N ILE A 92 14.34 -23.75 -6.50
CA ILE A 92 14.14 -23.06 -7.76
C ILE A 92 13.81 -21.61 -7.48
N SER A 93 14.25 -20.72 -8.36
CA SER A 93 13.91 -19.32 -8.23
C SER A 93 13.83 -18.71 -9.62
N VAL A 94 13.27 -17.50 -9.69
CA VAL A 94 13.09 -16.81 -10.96
C VAL A 94 13.85 -15.50 -10.92
N TYR A 95 14.21 -15.01 -12.10
CA TYR A 95 14.99 -13.78 -12.21
C TYR A 95 14.22 -12.59 -11.65
N TYR A 96 14.95 -11.71 -10.97
CA TYR A 96 14.45 -10.39 -10.59
C TYR A 96 13.31 -10.45 -9.59
N THR A 97 13.15 -11.58 -8.89
CA THR A 97 12.13 -11.65 -7.84
C THR A 97 12.62 -12.43 -6.63
N GLU A 98 13.93 -12.54 -6.43
CA GLU A 98 14.43 -13.34 -5.32
C GLU A 98 14.02 -12.75 -3.98
N ASN A 99 13.99 -11.43 -3.88
CA ASN A 99 13.77 -10.75 -2.61
C ASN A 99 12.30 -10.43 -2.34
N GLU A 100 11.42 -10.64 -3.31
CA GLU A 100 9.99 -10.34 -3.14
C GLU A 100 9.18 -11.58 -3.48
N MET A 101 9.63 -12.73 -3.00
CA MET A 101 8.91 -13.99 -3.15
C MET A 101 9.08 -14.76 -1.86
N ASP A 102 7.97 -14.99 -1.15
CA ASP A 102 8.04 -15.61 0.17
C ASP A 102 8.72 -16.96 0.12
N SER A 103 8.29 -17.83 -0.79
CA SER A 103 8.86 -19.17 -0.94
C SER A 103 8.77 -19.96 0.38
N LYS A 104 7.53 -20.23 0.77
CA LYS A 104 7.25 -21.08 1.93
C LYS A 104 6.93 -22.48 1.43
N ASP A 105 7.62 -23.48 1.96
CA ASP A 105 7.34 -24.86 1.59
C ASP A 105 6.22 -25.38 2.48
N GLN A 106 5.10 -25.74 1.86
CA GLN A 106 3.94 -26.26 2.59
C GLN A 106 3.42 -27.56 2.02
N PHE A 107 3.83 -27.96 0.82
CA PHE A 107 3.38 -29.20 0.21
C PHE A 107 4.47 -30.24 0.39
N GLN A 108 4.10 -31.41 0.89
CA GLN A 108 5.05 -32.50 1.04
C GLN A 108 5.38 -33.09 -0.32
N MET A 109 6.43 -33.91 -0.33
CA MET A 109 6.84 -34.61 -1.53
C MET A 109 6.22 -35.99 -1.57
N GLU A 110 5.97 -36.49 -2.78
CA GLU A 110 5.38 -37.82 -2.96
C GLU A 110 6.44 -38.72 -3.59
N ILE A 111 6.85 -39.74 -2.85
CA ILE A 111 7.93 -40.62 -3.25
C ILE A 111 7.37 -42.02 -3.48
N TYR A 112 7.69 -42.60 -4.63
CA TYR A 112 7.20 -43.91 -5.00
C TYR A 112 8.22 -44.99 -4.62
N LYS A 113 7.85 -46.24 -4.83
CA LYS A 113 8.69 -47.34 -4.37
C LYS A 113 10.04 -47.32 -5.07
N ASN A 114 10.07 -46.91 -6.33
CA ASN A 114 11.29 -46.95 -7.14
C ASN A 114 12.05 -45.64 -7.11
N GLY A 115 11.62 -44.67 -6.31
CA GLY A 115 12.35 -43.44 -6.12
C GLY A 115 11.74 -42.23 -6.78
N SER A 116 10.90 -42.40 -7.79
CA SER A 116 10.29 -41.25 -8.43
C SER A 116 9.68 -40.33 -7.39
N VAL A 117 10.13 -39.07 -7.38
CA VAL A 117 9.66 -38.07 -6.43
C VAL A 117 8.98 -36.95 -7.21
N HIS A 118 7.81 -36.56 -6.72
CA HIS A 118 7.05 -35.43 -7.25
C HIS A 118 6.91 -34.39 -6.15
N GLN A 119 7.11 -33.12 -6.50
CA GLN A 119 6.97 -32.03 -5.55
C GLN A 119 6.09 -30.95 -6.15
N TRP A 120 5.26 -30.34 -5.31
CA TRP A 120 4.39 -29.26 -5.72
C TRP A 120 4.97 -27.93 -5.23
N LYS A 121 4.91 -26.91 -6.07
CA LYS A 121 5.34 -25.57 -5.68
C LYS A 121 4.38 -24.57 -6.31
N SER A 122 4.27 -23.40 -5.68
CA SER A 122 3.46 -22.33 -6.24
C SER A 122 4.21 -21.03 -6.08
N PHE A 123 4.47 -20.36 -7.22
CA PHE A 123 5.15 -19.08 -7.23
C PHE A 123 4.14 -17.98 -7.54
N TYR A 124 4.32 -16.82 -6.92
CA TYR A 124 3.48 -15.65 -7.12
C TYR A 124 4.40 -14.45 -7.29
N PHE A 125 4.89 -14.17 -8.48
CA PHE A 125 5.99 -13.26 -8.72
C PHE A 125 5.63 -12.26 -9.81
N ASN A 126 6.37 -11.16 -9.84
CA ASN A 126 6.25 -10.17 -10.90
C ASN A 126 7.14 -10.55 -12.06
N ILE A 127 6.62 -10.39 -13.27
CA ILE A 127 7.35 -10.71 -14.49
C ILE A 127 7.36 -9.42 -15.29
N LEU A 128 8.54 -8.85 -15.48
CA LEU A 128 8.62 -7.56 -16.15
C LEU A 128 8.19 -7.68 -17.60
N CYS A 129 7.49 -6.65 -18.08
CA CYS A 129 6.94 -6.66 -19.42
C CYS A 129 7.32 -5.41 -20.18
N ASP A 130 7.33 -5.52 -21.50
CA ASP A 130 7.63 -4.39 -22.38
C ASP A 130 6.34 -4.05 -23.11
N VAL A 131 6.01 -2.77 -23.15
CA VAL A 131 4.74 -2.32 -23.70
C VAL A 131 4.95 -1.73 -25.08
N ASN A 132 4.08 -2.11 -26.02
CA ASN A 132 4.03 -1.50 -27.33
C ASN A 132 2.67 -0.86 -27.42
N ALA A 133 2.64 0.47 -27.55
CA ALA A 133 1.37 1.19 -27.58
C ALA A 133 1.14 1.90 -28.90
N ARG A 134 1.74 1.43 -29.99
CA ARG A 134 1.57 2.15 -31.24
C ARG A 134 0.09 2.18 -31.61
N ALA A 135 -0.60 1.05 -31.45
CA ALA A 135 -2.03 0.97 -31.66
C ALA A 135 -2.69 1.14 -30.30
N PHE A 136 -3.46 2.20 -30.14
CA PHE A 136 -4.15 2.49 -28.89
C PHE A 136 -5.63 2.68 -29.20
N PRO A 137 -6.54 2.01 -28.47
CA PRO A 137 -6.36 1.36 -27.16
C PRO A 137 -5.86 -0.08 -27.18
N PHE A 138 -5.68 -0.69 -28.35
CA PHE A 138 -5.32 -2.10 -28.40
C PHE A 138 -3.81 -2.29 -28.22
N ASP A 139 -3.34 -1.90 -27.04
CA ASP A 139 -1.93 -2.01 -26.70
C ASP A 139 -1.54 -3.48 -26.51
N LYS A 140 -0.26 -3.77 -26.73
CA LYS A 140 0.27 -5.12 -26.66
C LYS A 140 1.50 -5.16 -25.75
N TYR A 141 1.69 -6.28 -25.06
CA TYR A 141 2.76 -6.45 -24.10
C TYR A 141 3.47 -7.78 -24.32
N THR A 142 4.77 -7.79 -24.05
CA THR A 142 5.59 -9.00 -24.08
C THR A 142 6.37 -9.10 -22.78
N CYS A 143 6.37 -10.28 -22.17
CA CYS A 143 7.02 -10.48 -20.89
C CYS A 143 7.90 -11.72 -20.96
N GLU A 144 8.95 -11.76 -20.14
CA GLU A 144 9.79 -12.94 -20.09
C GLU A 144 10.45 -13.07 -18.73
N THR A 145 10.74 -14.31 -18.35
CA THR A 145 11.44 -14.61 -17.10
C THR A 145 12.16 -15.94 -17.28
N MET A 146 13.05 -16.26 -16.35
CA MET A 146 13.75 -17.53 -16.37
C MET A 146 13.80 -18.16 -14.99
N PHE A 147 13.58 -19.47 -14.94
CA PHE A 147 13.72 -20.25 -13.70
C PHE A 147 15.11 -20.89 -13.67
N TYR A 148 15.71 -20.92 -12.49
CA TYR A 148 17.05 -21.45 -12.34
C TYR A 148 17.20 -22.08 -10.96
N PHE A 149 18.15 -23.00 -10.87
CA PHE A 149 18.48 -23.64 -9.60
C PHE A 149 19.21 -22.65 -8.70
N ASN A 150 18.82 -22.63 -7.43
CA ASN A 150 19.49 -21.76 -6.49
C ASN A 150 20.95 -22.15 -6.27
N ASP A 151 21.27 -23.43 -6.39
CA ASP A 151 22.55 -23.93 -5.89
C ASP A 151 23.34 -24.78 -6.86
N TYR A 152 22.89 -24.98 -8.10
CA TYR A 152 23.52 -25.93 -9.00
C TYR A 152 23.75 -25.33 -10.36
N ASP A 153 24.82 -25.77 -11.01
CA ASP A 153 25.18 -25.35 -12.36
C ASP A 153 24.89 -26.48 -13.34
N ILE A 154 25.21 -26.26 -14.61
CA ILE A 154 24.83 -27.21 -15.64
C ILE A 154 25.49 -28.56 -15.40
N GLN A 155 26.62 -28.58 -14.69
CA GLN A 155 27.35 -29.80 -14.42
C GLN A 155 26.93 -30.45 -13.10
N THR A 156 25.90 -29.94 -12.46
CA THR A 156 25.42 -30.48 -11.18
C THR A 156 23.93 -30.73 -11.18
N ALA A 157 23.16 -30.05 -12.02
CA ALA A 157 21.73 -30.29 -12.12
C ALA A 157 21.20 -29.61 -13.37
N ILE A 158 20.30 -30.27 -14.08
CA ILE A 158 19.79 -29.77 -15.35
C ILE A 158 18.28 -29.97 -15.41
N PHE A 159 17.60 -29.07 -16.13
CA PHE A 159 16.19 -29.23 -16.44
C PHE A 159 16.04 -30.14 -17.65
N SER A 160 15.51 -31.33 -17.45
CA SER A 160 15.32 -32.26 -18.55
C SER A 160 14.12 -31.90 -19.41
N SER A 161 13.21 -31.08 -18.91
CA SER A 161 12.07 -30.64 -19.69
C SER A 161 11.46 -29.42 -19.01
N PHE A 162 10.70 -28.63 -19.80
CA PHE A 162 10.02 -27.46 -19.25
C PHE A 162 8.76 -27.24 -20.08
N ARG A 163 7.64 -27.74 -19.53
CA ARG A 163 6.36 -27.65 -20.22
C ARG A 163 5.45 -26.67 -19.49
N CYS A 164 4.54 -26.07 -20.29
CA CYS A 164 3.63 -25.09 -19.72
C CYS A 164 2.22 -25.29 -20.27
N ILE A 165 1.24 -24.90 -19.48
CA ILE A 165 -0.17 -24.94 -19.85
C ILE A 165 -0.85 -23.73 -19.22
N SER A 166 -2.09 -23.47 -19.60
CA SER A 166 -2.88 -22.40 -19.05
C SER A 166 -4.04 -22.95 -18.23
N SER A 167 -4.76 -22.04 -17.58
CA SER A 167 -5.83 -22.42 -16.67
C SER A 167 -7.19 -22.50 -17.35
N THR A 168 -7.28 -22.18 -18.63
CA THR A 168 -8.50 -22.18 -19.43
C THR A 168 -9.43 -21.04 -19.05
N ASP A 169 -9.08 -20.24 -18.06
CA ASP A 169 -9.83 -19.04 -17.69
C ASP A 169 -8.87 -17.86 -17.54
N LEU A 170 -7.80 -17.88 -18.32
CA LEU A 170 -6.72 -16.90 -18.25
C LEU A 170 -6.96 -15.76 -19.22
N SER A 171 -7.07 -16.09 -20.51
CA SER A 171 -7.38 -15.11 -21.55
C SER A 171 -8.87 -14.87 -21.71
N ARG A 172 -9.66 -15.20 -20.70
CA ARG A 172 -11.11 -15.05 -20.77
C ARG A 172 -11.56 -13.61 -20.51
N LYS A 173 -10.66 -12.71 -20.14
CA LYS A 173 -11.06 -11.35 -19.80
C LYS A 173 -9.97 -10.38 -20.19
N ALA A 174 -10.22 -9.58 -21.22
CA ALA A 174 -9.46 -8.39 -21.58
C ALA A 174 -8.05 -8.67 -22.08
N TRP A 175 -7.69 -9.93 -22.34
CA TRP A 175 -6.35 -10.21 -22.83
C TRP A 175 -6.38 -11.47 -23.69
N TYR A 176 -5.56 -11.46 -24.74
CA TYR A 176 -5.27 -12.65 -25.53
C TYR A 176 -3.91 -13.15 -25.07
N VAL A 177 -3.91 -13.98 -24.04
CA VAL A 177 -2.66 -14.42 -23.42
C VAL A 177 -2.10 -15.58 -24.22
N SER A 178 -0.84 -15.46 -24.62
CA SER A 178 -0.11 -16.54 -25.28
C SER A 178 1.17 -16.80 -24.51
N PHE A 179 1.63 -18.04 -24.53
CA PHE A 179 2.77 -18.43 -23.72
C PHE A 179 3.71 -19.32 -24.51
N SER A 180 4.96 -19.38 -24.07
CA SER A 180 5.97 -20.25 -24.64
C SER A 180 6.97 -20.61 -23.56
N CYS A 181 7.55 -21.80 -23.66
CA CYS A 181 8.43 -22.30 -22.60
C CYS A 181 9.49 -23.20 -23.19
N ASP A 182 10.74 -23.00 -22.79
CA ASP A 182 11.82 -23.84 -23.32
C ASP A 182 12.99 -23.85 -22.35
N THR A 183 13.85 -24.85 -22.47
CA THR A 183 15.02 -24.98 -21.61
C THR A 183 16.24 -24.42 -22.32
N LYS A 184 16.68 -23.23 -21.91
CA LYS A 184 17.91 -22.65 -22.40
C LYS A 184 19.10 -23.14 -21.57
N ILE A 185 20.29 -22.67 -21.94
CA ILE A 185 21.51 -23.01 -21.24
C ILE A 185 22.38 -21.76 -21.10
N GLY A 186 22.31 -21.13 -19.93
CA GLY A 186 23.02 -19.90 -19.68
C GLY A 186 24.40 -20.14 -19.13
N GLU A 187 25.02 -19.06 -18.64
CA GLU A 187 26.38 -19.15 -18.12
C GLU A 187 26.41 -19.65 -16.68
N GLU A 188 25.28 -19.64 -15.98
CA GLU A 188 25.17 -20.15 -14.63
C GLU A 188 24.23 -21.35 -14.59
N GLY A 189 24.38 -22.24 -15.56
CA GLY A 189 23.68 -23.50 -15.59
C GLY A 189 22.41 -23.46 -16.42
N SER A 190 21.63 -24.53 -16.27
CA SER A 190 20.43 -24.70 -17.06
C SER A 190 19.38 -23.66 -16.67
N LEU A 191 18.60 -23.21 -17.64
CA LEU A 191 17.62 -22.17 -17.41
C LEU A 191 16.30 -22.56 -18.05
N GLY A 192 15.21 -22.19 -17.40
CA GLY A 192 13.91 -22.46 -17.98
C GLY A 192 13.23 -21.16 -18.36
N GLN A 193 13.05 -20.92 -19.65
CA GLN A 193 12.55 -19.66 -20.14
C GLN A 193 11.04 -19.73 -20.27
N LEU A 194 10.37 -18.72 -19.72
CA LEU A 194 8.93 -18.55 -19.84
C LEU A 194 8.66 -17.20 -20.50
N SER A 195 7.90 -17.18 -21.59
CA SER A 195 7.58 -15.97 -22.33
C SER A 195 6.07 -15.84 -22.44
N LEU A 196 5.57 -14.64 -22.18
CA LEU A 196 4.14 -14.33 -22.26
C LEU A 196 3.94 -13.19 -23.25
N LYS A 197 2.79 -13.21 -23.91
CA LYS A 197 2.39 -12.15 -24.84
C LYS A 197 0.93 -11.82 -24.53
N LEU A 198 0.71 -10.62 -24.00
CA LEU A 198 -0.63 -10.13 -23.72
C LEU A 198 -1.05 -9.13 -24.78
N VAL A 199 -2.30 -9.25 -25.20
CA VAL A 199 -2.89 -8.33 -26.16
C VAL A 199 -4.26 -7.94 -25.63
N ARG A 200 -4.48 -6.64 -25.45
CA ARG A 200 -5.75 -6.18 -24.90
C ARG A 200 -6.90 -6.55 -25.83
N LYS A 201 -8.06 -6.83 -25.25
CA LYS A 201 -9.23 -7.20 -26.00
C LYS A 201 -9.87 -5.94 -26.59
N VAL A 202 -11.05 -6.08 -27.19
CA VAL A 202 -11.69 -4.99 -27.91
C VAL A 202 -12.87 -4.46 -27.12
N SER A 203 -12.80 -4.58 -25.79
CA SER A 203 -13.87 -4.14 -24.92
C SER A 203 -14.40 -2.77 -25.35
N LEU A 204 -15.71 -2.71 -25.62
CA LEU A 204 -16.29 -1.49 -26.16
C LEU A 204 -16.05 -0.30 -25.25
N GLN A 205 -15.89 -0.50 -23.98
CA GLN A 205 -15.57 0.60 -23.06
C GLN A 205 -14.27 1.29 -23.48
N CYS A 206 -13.31 0.48 -23.94
CA CYS A 206 -12.08 1.09 -24.42
C CYS A 206 -12.33 1.90 -25.70
N LEU A 207 -13.24 1.42 -26.55
CA LEU A 207 -13.50 2.13 -27.79
C LEU A 207 -14.11 3.50 -27.54
N SER A 208 -14.55 3.76 -26.30
CA SER A 208 -15.07 5.08 -25.98
C SER A 208 -14.03 6.15 -26.29
N VAL A 209 -12.75 5.80 -26.19
CA VAL A 209 -11.72 6.80 -26.41
C VAL A 209 -11.83 7.37 -27.81
N LEU A 210 -12.26 6.56 -28.77
CA LEU A 210 -12.38 7.02 -30.15
C LEU A 210 -13.46 8.06 -30.34
N LEU A 211 -14.43 8.15 -29.44
CA LEU A 211 -15.48 9.14 -29.62
C LEU A 211 -14.91 10.56 -29.68
N PRO A 212 -14.10 11.01 -28.72
CA PRO A 212 -13.48 12.34 -28.85
C PRO A 212 -12.75 12.56 -30.17
N LEU A 213 -12.02 11.56 -30.64
CA LEU A 213 -11.33 11.67 -31.94
C LEU A 213 -12.28 12.05 -33.06
N PHE A 214 -13.53 11.63 -32.98
CA PHE A 214 -14.42 12.07 -34.05
C PHE A 214 -15.04 13.43 -33.75
N ILE A 215 -15.40 13.63 -32.45
CA ILE A 215 -15.99 14.90 -32.05
C ILE A 215 -15.09 16.04 -32.49
N PHE A 216 -13.86 16.06 -31.99
CA PHE A 216 -12.94 17.14 -32.34
C PHE A 216 -12.68 17.14 -33.84
N PHE A 217 -12.79 15.99 -34.50
CA PHE A 217 -12.79 16.00 -35.95
C PHE A 217 -14.00 16.76 -36.47
N ILE A 218 -15.22 16.36 -36.13
CA ILE A 218 -16.43 17.09 -36.54
C ILE A 218 -16.26 18.58 -36.28
N LEU A 219 -15.76 18.96 -35.11
CA LEU A 219 -15.65 20.38 -34.76
C LEU A 219 -14.72 21.12 -35.71
N ASN A 220 -13.59 20.52 -36.06
CA ASN A 220 -12.66 21.16 -37.00
C ASN A 220 -13.28 21.37 -38.37
N ILE A 221 -13.98 20.35 -38.87
CA ILE A 221 -14.66 20.47 -40.16
C ILE A 221 -15.75 21.51 -40.03
N MET A 222 -16.43 21.50 -38.89
CA MET A 222 -17.54 22.41 -38.66
C MET A 222 -17.13 23.86 -38.67
N ILE A 223 -15.88 24.18 -38.32
CA ILE A 223 -15.51 25.60 -38.19
C ILE A 223 -15.81 26.34 -39.49
N GLY A 224 -15.51 25.76 -40.64
CA GLY A 224 -15.75 26.46 -41.89
C GLY A 224 -17.21 26.73 -42.20
N TYR A 225 -18.12 25.79 -41.94
CA TYR A 225 -19.52 25.92 -42.31
C TYR A 225 -20.33 26.57 -41.19
N LEU A 226 -20.04 27.85 -40.97
CA LEU A 226 -20.65 28.64 -39.89
C LEU A 226 -20.90 30.05 -40.40
N PRO A 227 -21.56 30.91 -39.62
CA PRO A 227 -21.70 32.30 -40.05
C PRO A 227 -20.36 33.02 -40.04
N ILE A 228 -19.57 32.81 -41.09
CA ILE A 228 -18.24 33.42 -41.19
C ILE A 228 -18.34 34.93 -41.16
N GLU A 229 -19.49 35.49 -41.52
CA GLU A 229 -19.68 36.93 -41.41
C GLU A 229 -19.30 37.42 -40.02
N SER A 230 -19.69 36.67 -38.99
CA SER A 230 -19.29 37.00 -37.64
C SER A 230 -17.82 36.66 -37.45
N GLY A 231 -17.05 37.61 -36.92
CA GLY A 231 -15.68 37.33 -36.56
C GLY A 231 -15.53 36.36 -35.41
N GLU A 232 -16.64 36.02 -34.75
CA GLU A 232 -16.61 35.05 -33.66
C GLU A 232 -15.94 33.74 -34.09
N LYS A 233 -15.85 33.47 -35.39
CA LYS A 233 -15.16 32.29 -35.89
C LYS A 233 -13.82 32.13 -35.18
N VAL A 234 -13.11 33.24 -34.97
CA VAL A 234 -11.88 33.18 -34.20
C VAL A 234 -12.13 32.62 -32.81
N THR A 235 -13.20 33.10 -32.15
CA THR A 235 -13.51 32.62 -30.82
C THR A 235 -13.80 31.12 -30.82
N PHE A 236 -14.57 30.65 -31.80
CA PHE A 236 -14.93 29.24 -31.83
C PHE A 236 -13.71 28.37 -32.12
N ALA A 237 -12.87 28.80 -33.07
CA ALA A 237 -11.66 28.05 -33.37
C ALA A 237 -10.74 28.02 -32.16
N THR A 238 -10.61 29.13 -31.45
CA THR A 238 -9.82 29.12 -30.23
C THR A 238 -10.42 28.16 -29.20
N THR A 239 -11.74 28.12 -29.11
CA THR A 239 -12.38 27.21 -28.16
C THR A 239 -12.06 25.76 -28.49
N VAL A 240 -12.19 25.38 -29.76
CA VAL A 240 -11.89 24.00 -30.12
C VAL A 240 -10.41 23.71 -29.93
N PHE A 241 -9.54 24.69 -30.19
CA PHE A 241 -8.12 24.51 -29.95
C PHE A 241 -7.84 24.23 -28.47
N LEU A 242 -8.37 25.07 -27.59
CA LEU A 242 -8.15 24.87 -26.16
C LEU A 242 -8.69 23.53 -25.71
N SER A 243 -9.89 23.16 -26.16
CA SER A 243 -10.46 21.89 -25.77
C SER A 243 -9.61 20.73 -26.27
N ASN A 244 -9.11 20.83 -27.50
CA ASN A 244 -8.30 19.76 -28.06
C ASN A 244 -6.99 19.60 -27.29
N VAL A 245 -6.35 20.70 -26.92
CA VAL A 245 -5.10 20.59 -26.18
C VAL A 245 -5.36 20.07 -24.77
N ILE A 246 -6.43 20.53 -24.13
CA ILE A 246 -6.79 20.00 -22.82
C ILE A 246 -7.01 18.50 -22.91
N TYR A 247 -7.72 18.06 -23.94
CA TYR A 247 -7.89 16.62 -24.13
C TYR A 247 -6.54 15.94 -24.30
N ILE A 248 -5.73 16.41 -25.24
CA ILE A 248 -4.42 15.83 -25.45
C ILE A 248 -3.71 15.59 -24.13
N ASP A 249 -3.74 16.59 -23.25
CA ASP A 249 -3.11 16.42 -21.94
C ASP A 249 -3.78 15.29 -21.16
N ASN A 250 -5.11 15.32 -21.09
CA ASN A 250 -5.83 14.32 -20.30
C ASN A 250 -5.55 12.91 -20.82
N LEU A 251 -5.57 12.74 -22.13
CA LEU A 251 -5.29 11.45 -22.74
C LEU A 251 -3.85 11.02 -22.49
N SER A 252 -2.89 11.94 -22.68
CA SER A 252 -1.50 11.61 -22.41
C SER A 252 -1.35 11.09 -21.00
N LYS A 253 -2.14 11.60 -20.07
CA LYS A 253 -2.09 11.05 -18.72
C LYS A 253 -2.52 9.59 -18.68
N GLN A 254 -3.15 9.08 -19.74
CA GLN A 254 -3.61 7.69 -19.80
C GLN A 254 -2.65 6.76 -20.52
N LEU A 255 -1.82 7.27 -21.41
CA LEU A 255 -0.99 6.40 -22.22
C LEU A 255 0.03 5.66 -21.37
N PRO A 256 0.42 4.44 -21.77
CA PRO A 256 1.38 3.68 -20.97
C PRO A 256 2.77 4.29 -21.04
N LYS A 257 3.49 4.14 -19.93
CA LYS A 257 4.84 4.65 -19.84
C LYS A 257 5.81 3.72 -20.57
N GLU A 258 7.02 4.23 -20.83
CA GLU A 258 8.09 3.43 -21.42
C GLU A 258 7.65 2.73 -22.69
N SER A 259 6.66 3.29 -23.39
CA SER A 259 6.15 2.66 -24.59
C SER A 259 7.25 2.57 -25.65
N SER A 260 7.14 1.56 -26.50
CA SER A 260 8.14 1.37 -27.54
C SER A 260 8.15 2.54 -28.52
N GLU A 261 6.97 3.01 -28.92
CA GLU A 261 6.87 4.13 -29.85
C GLU A 261 5.63 4.93 -29.51
N ILE A 262 5.61 6.17 -30.00
CA ILE A 262 4.53 7.09 -29.64
C ILE A 262 3.22 6.60 -30.26
N PRO A 263 2.14 6.49 -29.49
CA PRO A 263 0.90 5.93 -30.03
C PRO A 263 0.31 6.79 -31.14
N LEU A 264 -0.41 6.12 -32.05
CA LEU A 264 -0.96 6.81 -33.21
C LEU A 264 -2.01 7.83 -32.82
N ILE A 265 -2.89 7.48 -31.88
CA ILE A 265 -3.98 8.39 -31.51
C ILE A 265 -3.41 9.70 -31.02
N PHE A 266 -2.28 9.64 -30.31
CA PHE A 266 -1.63 10.87 -29.86
C PHE A 266 -1.25 11.75 -31.04
N LEU A 267 -0.69 11.16 -32.09
CA LEU A 267 -0.33 11.94 -33.27
C LEU A 267 -1.58 12.48 -33.96
N CYS A 268 -2.64 11.67 -34.02
CA CYS A 268 -3.88 12.14 -34.61
C CYS A 268 -4.37 13.40 -33.91
N HIS A 269 -4.45 13.36 -32.58
CA HIS A 269 -4.97 14.51 -31.85
C HIS A 269 -4.00 15.69 -31.93
N ILE A 270 -2.69 15.43 -31.96
CA ILE A 270 -1.74 16.52 -32.12
C ILE A 270 -1.96 17.22 -33.45
N PHE A 271 -2.18 16.46 -34.51
CA PHE A 271 -2.39 17.08 -35.82
C PHE A 271 -3.73 17.80 -35.87
N LEU A 272 -4.76 17.26 -35.22
CA LEU A 272 -6.02 17.98 -35.14
C LEU A 272 -5.84 19.31 -34.42
N ALA A 273 -5.09 19.30 -33.32
CA ALA A 273 -4.79 20.55 -32.63
C ALA A 273 -4.07 21.51 -33.56
N PHE A 274 -3.08 21.02 -34.31
CA PHE A 274 -2.34 21.88 -35.21
C PHE A 274 -3.27 22.50 -36.25
N LEU A 275 -4.18 21.71 -36.79
CA LEU A 275 -5.12 22.23 -37.78
C LEU A 275 -6.01 23.29 -37.17
N SER A 276 -6.53 23.03 -35.96
CA SER A 276 -7.41 24.00 -35.31
C SER A 276 -6.68 25.31 -35.06
N GLY A 277 -5.44 25.22 -34.56
CA GLY A 277 -4.67 26.42 -34.32
C GLY A 277 -4.37 27.17 -35.60
N LEU A 278 -4.05 26.44 -36.67
CA LEU A 278 -3.78 27.07 -37.94
C LEU A 278 -5.01 27.81 -38.45
N SER A 279 -6.18 27.18 -38.33
CA SER A 279 -7.42 27.84 -38.73
C SER A 279 -7.68 29.09 -37.89
N ALA A 280 -7.44 29.00 -36.59
CA ALA A 280 -7.66 30.14 -35.72
C ALA A 280 -6.76 31.31 -36.09
N VAL A 281 -5.47 31.03 -36.30
CA VAL A 281 -4.55 32.10 -36.65
C VAL A 281 -4.87 32.66 -38.03
N GLY A 282 -5.31 31.80 -38.96
CA GLY A 282 -5.72 32.29 -40.26
C GLY A 282 -6.91 33.22 -40.18
N THR A 283 -7.89 32.87 -39.34
CA THR A 283 -9.05 33.75 -39.17
C THR A 283 -8.63 35.05 -38.48
N ILE A 284 -7.69 34.98 -37.55
CA ILE A 284 -7.19 36.22 -36.93
C ILE A 284 -6.52 37.09 -37.99
N ILE A 285 -5.75 36.49 -38.90
CA ILE A 285 -5.14 37.25 -39.97
C ILE A 285 -6.23 37.86 -40.86
N THR A 286 -7.29 37.09 -41.14
CA THR A 286 -8.38 37.61 -41.94
C THR A 286 -9.02 38.83 -41.29
N SER A 287 -9.22 38.76 -39.98
CA SER A 287 -9.73 39.93 -39.25
C SER A 287 -8.76 41.09 -39.34
N LYS A 288 -7.45 40.80 -39.26
CA LYS A 288 -6.45 41.84 -39.43
C LYS A 288 -6.59 42.52 -40.78
N ILE A 289 -6.89 41.76 -41.83
CA ILE A 289 -7.15 42.35 -43.14
C ILE A 289 -8.33 43.31 -43.04
N ILE A 367 -4.48 29.57 -48.73
CA ILE A 367 -3.90 28.86 -47.58
C ILE A 367 -4.99 28.04 -46.90
N LEU A 368 -6.24 28.49 -47.01
CA LEU A 368 -7.35 27.76 -46.41
C LEU A 368 -7.46 26.36 -46.98
N TYR A 369 -7.69 26.27 -48.30
CA TYR A 369 -7.87 24.97 -48.92
C TYR A 369 -6.63 24.10 -48.78
N ILE A 370 -5.44 24.72 -48.83
CA ILE A 370 -4.21 23.98 -48.62
C ILE A 370 -4.20 23.35 -47.22
N MET A 371 -4.58 24.13 -46.21
CA MET A 371 -4.61 23.61 -44.85
C MET A 371 -5.61 22.46 -44.74
N THR A 372 -6.79 22.63 -45.33
CA THR A 372 -7.79 21.56 -45.26
C THR A 372 -7.26 20.29 -45.93
N PHE A 373 -6.62 20.42 -47.09
CA PHE A 373 -6.08 19.25 -47.77
C PHE A 373 -5.00 18.57 -46.94
N ILE A 374 -4.10 19.36 -46.36
CA ILE A 374 -3.03 18.79 -45.56
C ILE A 374 -3.61 18.02 -44.38
N SER A 375 -4.57 18.64 -43.69
CA SER A 375 -5.15 18.00 -42.52
C SER A 375 -5.88 16.72 -42.90
N ILE A 376 -6.67 16.77 -43.98
CA ILE A 376 -7.39 15.58 -44.40
C ILE A 376 -6.41 14.47 -44.74
N LEU A 377 -5.35 14.80 -45.47
CA LEU A 377 -4.38 13.78 -45.85
C LEU A 377 -3.76 13.13 -44.63
N CYS A 378 -3.24 13.94 -43.70
CA CYS A 378 -2.57 13.37 -42.53
C CYS A 378 -3.54 12.55 -41.68
N ALA A 379 -4.73 13.09 -41.43
CA ALA A 379 -5.69 12.37 -40.59
C ALA A 379 -6.11 11.06 -41.24
N LEU A 380 -6.34 11.08 -42.56
CA LEU A 380 -6.73 9.85 -43.24
C LEU A 380 -5.60 8.83 -43.24
N VAL A 381 -4.35 9.29 -43.39
CA VAL A 381 -3.23 8.36 -43.33
C VAL A 381 -3.15 7.71 -41.95
N PHE A 382 -3.29 8.51 -40.90
CA PHE A 382 -3.21 7.96 -39.55
C PHE A 382 -4.36 7.00 -39.28
N THR A 383 -5.57 7.36 -39.71
CA THR A 383 -6.70 6.46 -39.52
C THR A 383 -6.54 5.18 -40.32
N SER A 384 -5.98 5.27 -41.52
CA SER A 384 -5.83 4.07 -42.30
C SER A 384 -4.90 3.20 -41.51
N LEU A 385 -3.83 3.78 -41.01
CA LEU A 385 -2.86 3.01 -40.27
C LEU A 385 -3.47 2.42 -39.04
N PHE A 386 -4.28 3.22 -38.35
CA PHE A 386 -4.83 2.75 -37.11
C PHE A 386 -5.71 1.56 -37.39
N PHE A 387 -6.52 1.66 -38.43
CA PHE A 387 -7.43 0.59 -38.79
C PHE A 387 -6.67 -0.60 -39.37
N GLU A 388 -5.50 -0.35 -39.92
CA GLU A 388 -4.68 -1.46 -40.42
C GLU A 388 -4.30 -2.35 -39.24
N SER A 389 -3.89 -1.73 -38.14
CA SER A 389 -3.46 -2.50 -36.95
C SER A 389 -4.62 -2.90 -36.10
N PHE A 390 -5.80 -2.38 -36.41
CA PHE A 390 -6.98 -2.67 -35.63
C PHE A 390 -7.19 -4.18 -35.60
N LEU A 391 -7.35 -4.71 -34.40
CA LEU A 391 -7.53 -6.13 -34.23
C LEU A 391 -9.00 -6.40 -34.35
N ASP A 392 -9.38 -7.63 -34.64
CA ASP A 392 -10.78 -7.95 -34.85
C ASP A 392 -11.39 -7.00 -35.86
N CYS B 1 34.76 -38.98 -10.01
CA CYS B 1 33.60 -39.91 -10.05
C CYS B 1 33.15 -40.27 -8.64
N TRP B 2 33.23 -39.31 -7.73
CA TRP B 2 32.95 -39.62 -6.33
C TRP B 2 31.53 -40.12 -6.18
N THR B 3 31.36 -41.15 -5.36
CA THR B 3 30.07 -41.78 -5.16
C THR B 3 29.35 -41.13 -3.97
N TYR B 4 28.11 -41.54 -3.77
CA TYR B 4 27.32 -40.97 -2.68
C TYR B 4 27.95 -41.25 -1.33
N GLU B 5 28.44 -42.47 -1.12
CA GLU B 5 28.95 -42.85 0.19
C GLU B 5 30.19 -42.06 0.57
N GLU B 6 31.09 -41.80 -0.38
CA GLU B 6 32.27 -41.02 -0.03
C GLU B 6 31.98 -39.54 0.13
N GLU B 7 31.02 -38.98 -0.61
CA GLU B 7 30.60 -37.61 -0.31
C GLU B 7 29.93 -37.55 1.06
N TYR B 8 29.16 -38.56 1.42
CA TYR B 8 28.55 -38.61 2.75
C TYR B 8 29.64 -38.64 3.82
N TYR B 9 30.62 -39.51 3.65
CA TYR B 9 31.70 -39.62 4.63
C TYR B 9 32.46 -38.31 4.73
N PHE B 10 32.71 -37.65 3.59
CA PHE B 10 33.38 -36.35 3.63
C PHE B 10 32.56 -35.33 4.39
N ARG B 11 31.28 -35.17 4.02
CA ARG B 11 30.45 -34.18 4.68
C ARG B 11 30.36 -34.43 6.17
N SER B 12 30.54 -35.68 6.60
CA SER B 12 30.50 -35.96 8.03
C SER B 12 31.77 -35.51 8.74
N ASN B 13 32.93 -35.53 8.08
CA ASN B 13 34.21 -35.35 8.73
C ASN B 13 35.06 -34.32 8.00
N PHE B 14 34.49 -33.15 7.72
CA PHE B 14 35.27 -32.05 7.17
C PHE B 14 35.07 -30.73 7.91
N LEU B 15 34.27 -30.72 8.96
CA LEU B 15 34.16 -29.58 9.88
C LEU B 15 34.40 -30.05 11.30
N GLN B 16 35.45 -30.85 11.49
CA GLN B 16 35.67 -31.49 12.77
C GLN B 16 35.97 -30.47 13.85
N GLN B 17 36.96 -29.61 13.61
CA GLN B 17 37.42 -28.63 14.59
C GLN B 17 37.14 -27.22 14.10
N TYR B 18 35.95 -27.02 13.56
CA TYR B 18 35.58 -25.76 12.90
C TYR B 18 34.44 -25.12 13.67
N ASN B 19 34.58 -23.83 13.95
CA ASN B 19 33.54 -23.02 14.58
C ASN B 19 33.16 -21.91 13.61
N LYS B 20 31.90 -21.89 13.19
CA LYS B 20 31.49 -20.92 12.19
C LYS B 20 31.46 -19.50 12.72
N ASP B 21 31.63 -19.30 14.02
CA ASP B 21 31.65 -17.97 14.61
C ASP B 21 33.02 -17.33 14.58
N ILE B 22 34.04 -18.03 14.12
CA ILE B 22 35.41 -17.54 14.10
C ILE B 22 35.81 -17.31 12.65
N ARG B 23 36.49 -16.20 12.39
CA ARG B 23 36.98 -15.95 11.04
C ARG B 23 37.94 -17.06 10.65
N PRO B 24 37.84 -17.59 9.45
CA PRO B 24 38.68 -18.75 9.09
C PRO B 24 40.11 -18.35 8.73
N LEU B 25 40.87 -17.90 9.73
CA LEU B 25 42.24 -17.49 9.53
C LEU B 25 43.14 -18.24 10.51
N ASN B 26 44.37 -18.49 10.07
CA ASN B 26 45.37 -19.09 10.95
C ASN B 26 46.00 -18.08 11.89
N ASP B 27 45.86 -16.79 11.60
CA ASP B 27 46.37 -15.72 12.47
C ASP B 27 45.30 -14.64 12.50
N LEU B 28 44.53 -14.60 13.57
CA LEU B 28 43.33 -13.79 13.62
C LEU B 28 43.59 -12.33 13.94
N SER B 29 44.84 -11.93 14.15
CA SER B 29 45.14 -10.53 14.39
C SER B 29 45.06 -9.68 13.12
N LYS B 30 45.02 -10.31 11.95
CA LYS B 30 45.01 -9.59 10.68
C LYS B 30 43.63 -9.68 10.04
N PRO B 31 43.29 -8.74 9.17
CA PRO B 31 41.96 -8.75 8.55
C PRO B 31 41.80 -9.92 7.60
N ILE B 32 40.54 -10.30 7.37
CA ILE B 32 40.18 -11.26 6.34
C ILE B 32 39.71 -10.49 5.13
N SER B 33 40.33 -10.76 3.98
CA SER B 33 40.03 -10.03 2.76
C SER B 33 38.82 -10.67 2.08
N VAL B 34 37.79 -9.86 1.84
CA VAL B 34 36.58 -10.30 1.16
C VAL B 34 36.44 -9.45 -0.10
N GLY B 35 36.35 -10.10 -1.25
CA GLY B 35 36.15 -9.41 -2.50
C GLY B 35 34.68 -9.47 -2.91
N ILE B 36 34.19 -8.39 -3.49
CA ILE B 36 32.80 -8.27 -3.88
C ILE B 36 32.74 -7.97 -5.37
N HIS B 37 31.77 -8.57 -6.05
CA HIS B 37 31.50 -8.29 -7.45
C HIS B 37 30.00 -8.08 -7.56
N LEU B 38 29.59 -6.85 -7.85
CA LEU B 38 28.20 -6.45 -7.77
C LEU B 38 27.64 -6.23 -9.16
N GLU B 39 26.32 -6.35 -9.27
CA GLU B 39 25.61 -6.09 -10.52
C GLU B 39 24.27 -5.47 -10.19
N ILE B 40 24.02 -4.28 -10.73
CA ILE B 40 22.72 -3.63 -10.57
C ILE B 40 21.77 -4.23 -11.59
N ALA B 41 20.72 -4.89 -11.11
CA ALA B 41 19.84 -5.66 -11.98
C ALA B 41 18.65 -4.85 -12.48
N LYS B 42 17.96 -4.15 -11.58
CA LYS B 42 16.75 -3.44 -11.94
C LYS B 42 16.54 -2.26 -11.01
N MET B 43 15.78 -1.29 -11.49
CA MET B 43 15.42 -0.10 -10.73
C MET B 43 13.91 0.02 -10.69
N ASN B 44 13.39 0.57 -9.59
CA ASN B 44 11.95 0.74 -9.47
C ASN B 44 11.50 2.11 -9.98
N ASP B 45 12.05 3.17 -9.41
CA ASP B 45 11.80 4.57 -9.76
C ASP B 45 10.42 5.06 -9.36
N PHE B 46 9.61 4.24 -8.68
CA PHE B 46 8.26 4.66 -8.34
C PHE B 46 8.27 5.91 -7.48
N ASN B 47 9.01 5.88 -6.39
CA ASN B 47 9.03 6.98 -5.42
C ASN B 47 10.21 7.91 -5.65
N LEU B 48 10.81 7.87 -6.83
CA LEU B 48 11.97 8.71 -7.10
C LEU B 48 11.66 10.19 -6.91
N ALA B 49 10.39 10.58 -7.05
CA ALA B 49 10.02 11.97 -6.80
C ALA B 49 10.23 12.32 -5.32
N GLU B 50 9.92 11.39 -4.43
CA GLU B 50 10.10 11.62 -3.01
C GLU B 50 11.55 11.51 -2.56
N GLY B 51 12.44 11.06 -3.43
CA GLY B 51 13.85 10.97 -3.12
C GLY B 51 14.32 9.60 -2.71
N ARG B 52 13.73 8.53 -3.24
CA ARG B 52 14.16 7.17 -2.94
C ARG B 52 14.06 6.34 -4.21
N LEU B 53 15.17 5.71 -4.58
CA LEU B 53 15.20 4.79 -5.71
C LEU B 53 15.41 3.38 -5.18
N LYS B 54 14.54 2.48 -5.59
CA LYS B 54 14.56 1.10 -5.12
C LYS B 54 15.24 0.25 -6.18
N ILE B 55 16.43 -0.26 -5.87
CA ILE B 55 17.23 -1.02 -6.83
C ILE B 55 17.50 -2.41 -6.28
N GLN B 56 17.72 -3.35 -7.19
CA GLN B 56 18.09 -4.72 -6.85
C GLN B 56 19.48 -5.00 -7.40
N THR B 57 20.36 -5.48 -6.54
CA THR B 57 21.73 -5.77 -6.90
C THR B 57 22.05 -7.23 -6.59
N TYR B 58 22.94 -7.80 -7.39
CA TYR B 58 23.43 -9.16 -7.18
C TYR B 58 24.89 -9.11 -6.77
N LEU B 59 25.21 -9.79 -5.68
CA LEU B 59 26.57 -9.80 -5.14
C LEU B 59 27.17 -11.19 -5.27
N ILE B 60 28.47 -11.24 -5.50
CA ILE B 60 29.24 -12.49 -5.45
C ILE B 60 30.42 -12.22 -4.53
N LEU B 61 30.26 -12.57 -3.26
CA LEU B 61 31.35 -12.44 -2.31
C LEU B 61 32.32 -13.59 -2.45
N GLN B 62 33.61 -13.29 -2.39
CA GLN B 62 34.64 -14.29 -2.59
C GLN B 62 35.75 -14.07 -1.57
N TRP B 63 36.02 -15.08 -0.75
CA TRP B 63 37.08 -15.04 0.22
C TRP B 63 37.73 -16.41 0.29
N TYR B 64 38.68 -16.58 1.21
CA TYR B 64 39.42 -17.83 1.34
C TYR B 64 39.22 -18.38 2.74
N ASP B 65 38.74 -19.62 2.82
CA ASP B 65 38.60 -20.33 4.08
C ASP B 65 39.90 -21.08 4.33
N GLU B 66 40.67 -20.64 5.31
CA GLU B 66 41.99 -21.21 5.58
C GLU B 66 41.92 -22.45 6.45
N LYS B 67 40.73 -23.03 6.64
CA LYS B 67 40.56 -24.18 7.51
C LYS B 67 39.80 -25.34 6.88
N ILE B 68 39.32 -25.19 5.64
CA ILE B 68 38.54 -26.24 5.01
C ILE B 68 39.23 -26.66 3.71
N PHE B 69 40.55 -26.62 3.70
CA PHE B 69 41.30 -27.10 2.55
C PHE B 69 41.48 -28.60 2.63
N TRP B 70 41.31 -29.29 1.50
CA TRP B 70 41.55 -30.72 1.40
C TRP B 70 42.13 -31.00 0.02
N ASN B 71 42.46 -32.27 -0.23
CA ASN B 71 43.06 -32.68 -1.48
C ASN B 71 42.39 -33.94 -2.00
N GLU B 72 42.32 -34.06 -3.33
CA GLU B 72 41.60 -35.17 -3.94
C GLU B 72 42.24 -36.51 -3.64
N SER B 73 43.49 -36.52 -3.19
CA SER B 73 44.14 -37.80 -2.89
C SER B 73 43.32 -38.61 -1.91
N THR B 74 42.68 -37.94 -0.94
CA THR B 74 41.87 -38.61 0.05
C THR B 74 40.37 -38.44 -0.16
N TYR B 75 39.93 -37.31 -0.69
CA TYR B 75 38.51 -37.03 -0.93
C TYR B 75 38.31 -36.63 -2.38
N PRO B 76 37.93 -37.56 -3.25
CA PRO B 76 37.88 -37.23 -4.68
C PRO B 76 36.78 -36.26 -5.06
N ILE B 77 36.71 -35.11 -4.38
CA ILE B 77 35.74 -34.07 -4.67
C ILE B 77 36.51 -32.81 -5.04
N PRO B 78 36.24 -32.19 -6.19
CA PRO B 78 36.90 -30.92 -6.50
C PRO B 78 36.25 -29.72 -5.85
N LYS B 79 34.95 -29.79 -5.56
CA LYS B 79 34.25 -28.68 -4.94
C LYS B 79 32.93 -29.18 -4.37
N LEU B 80 32.32 -28.35 -3.54
CA LEU B 80 31.10 -28.71 -2.84
C LEU B 80 30.20 -27.51 -2.71
N MET B 81 28.93 -27.77 -2.48
CA MET B 81 27.96 -26.76 -2.10
C MET B 81 27.60 -27.00 -0.64
N VAL B 82 27.86 -26.02 0.21
CA VAL B 82 27.67 -26.15 1.66
C VAL B 82 26.78 -25.01 2.13
N SER B 83 25.79 -25.33 2.96
CA SER B 83 24.79 -24.34 3.33
C SER B 83 25.42 -23.19 4.11
N SER B 84 24.72 -22.05 4.12
CA SER B 84 25.28 -20.84 4.70
C SER B 84 25.47 -20.93 6.21
N LYS B 85 24.78 -21.86 6.87
CA LYS B 85 24.82 -21.97 8.32
C LYS B 85 25.78 -23.06 8.79
N LYS B 86 26.60 -23.59 7.90
CA LYS B 86 27.61 -24.59 8.26
C LYS B 86 29.00 -24.00 8.40
N ILE B 87 29.34 -22.98 7.60
CA ILE B 87 30.67 -22.40 7.59
C ILE B 87 30.55 -20.88 7.75
N TRP B 88 31.68 -20.26 8.07
CA TRP B 88 31.70 -18.82 8.32
C TRP B 88 31.41 -18.06 7.04
N SER B 89 30.53 -17.08 7.14
CA SER B 89 30.27 -16.15 6.05
C SER B 89 30.18 -14.75 6.65
N PRO B 90 30.54 -13.72 5.89
CA PRO B 90 30.40 -12.35 6.39
C PRO B 90 29.00 -11.84 6.15
N ALA B 91 28.51 -11.05 7.10
CA ALA B 91 27.21 -10.42 7.00
C ALA B 91 27.40 -9.02 6.46
N ILE B 92 26.76 -8.73 5.33
CA ILE B 92 26.87 -7.42 4.69
C ILE B 92 25.55 -6.71 4.80
N SER B 93 25.61 -5.39 4.88
CA SER B 93 24.41 -4.56 4.89
C SER B 93 24.79 -3.19 4.34
N VAL B 94 23.77 -2.39 4.06
CA VAL B 94 23.96 -1.09 3.43
C VAL B 94 23.36 -0.02 4.33
N TYR B 95 23.83 1.21 4.16
CA TYR B 95 23.37 2.30 5.00
C TYR B 95 21.88 2.56 4.80
N TYR B 96 21.22 2.94 5.89
CA TYR B 96 19.87 3.50 5.85
C TYR B 96 18.83 2.51 5.34
N THR B 97 19.14 1.23 5.30
CA THR B 97 18.16 0.22 4.94
C THR B 97 18.31 -1.04 5.79
N GLU B 98 18.80 -0.90 7.02
CA GLU B 98 19.00 -2.08 7.85
C GLU B 98 17.68 -2.68 8.29
N ASN B 99 16.64 -1.86 8.42
CA ASN B 99 15.38 -2.29 9.00
C ASN B 99 14.33 -2.63 7.96
N GLU B 100 14.61 -2.43 6.68
CA GLU B 100 13.65 -2.70 5.62
C GLU B 100 14.29 -3.54 4.53
N MET B 101 15.09 -4.57 4.89
CA MET B 101 15.73 -5.48 3.94
C MET B 101 15.74 -6.86 4.58
N ASP B 102 14.95 -7.79 4.02
CA ASP B 102 14.74 -9.09 4.64
C ASP B 102 15.88 -10.03 4.28
N SER B 103 16.71 -10.36 5.26
CA SER B 103 17.91 -11.16 5.05
C SER B 103 17.54 -12.63 4.97
N LYS B 104 17.18 -13.11 3.78
CA LYS B 104 16.89 -14.52 3.58
C LYS B 104 18.10 -15.15 2.91
N ASP B 105 18.80 -16.02 3.62
CA ASP B 105 19.95 -16.72 3.06
C ASP B 105 19.38 -17.96 2.39
N GLN B 106 19.42 -17.98 1.06
CA GLN B 106 18.88 -19.09 0.29
C GLN B 106 19.88 -19.74 -0.64
N PHE B 107 20.99 -19.09 -0.97
CA PHE B 107 21.97 -19.63 -1.88
C PHE B 107 23.10 -20.25 -1.06
N GLN B 108 23.43 -21.50 -1.37
CA GLN B 108 24.50 -22.16 -0.66
C GLN B 108 25.86 -21.63 -1.12
N MET B 109 26.84 -21.76 -0.24
CA MET B 109 28.20 -21.37 -0.56
C MET B 109 28.87 -22.47 -1.35
N GLU B 110 29.75 -22.08 -2.27
CA GLU B 110 30.49 -23.01 -3.10
C GLU B 110 31.96 -22.98 -2.67
N ILE B 111 32.46 -24.11 -2.19
CA ILE B 111 33.79 -24.18 -1.58
C ILE B 111 34.63 -25.16 -2.39
N TYR B 112 35.81 -24.69 -2.82
CA TYR B 112 36.72 -25.49 -3.62
C TYR B 112 37.72 -26.22 -2.73
N LYS B 113 38.58 -27.03 -3.34
CA LYS B 113 39.51 -27.84 -2.57
C LYS B 113 40.51 -26.98 -1.82
N ASN B 114 40.89 -25.82 -2.38
CA ASN B 114 41.93 -24.99 -1.80
C ASN B 114 41.38 -23.92 -0.87
N GLY B 115 40.08 -23.95 -0.56
CA GLY B 115 39.48 -23.04 0.37
C GLY B 115 38.68 -21.91 -0.25
N SER B 116 38.85 -21.66 -1.53
CA SER B 116 38.14 -20.57 -2.17
C SER B 116 36.63 -20.74 -1.98
N VAL B 117 35.98 -19.70 -1.47
CA VAL B 117 34.55 -19.71 -1.20
C VAL B 117 33.88 -18.60 -1.99
N HIS B 118 32.78 -18.95 -2.66
CA HIS B 118 31.94 -17.98 -3.34
C HIS B 118 30.56 -18.05 -2.73
N GLN B 119 29.95 -16.89 -2.54
CA GLN B 119 28.60 -16.81 -2.01
C GLN B 119 27.78 -15.87 -2.86
N TRP B 120 26.51 -16.22 -3.07
CA TRP B 120 25.58 -15.39 -3.84
C TRP B 120 24.64 -14.68 -2.89
N LYS B 121 24.47 -13.38 -3.10
CA LYS B 121 23.51 -12.59 -2.35
C LYS B 121 22.78 -11.67 -3.31
N SER B 122 21.55 -11.32 -2.94
CA SER B 122 20.77 -10.36 -3.72
C SER B 122 20.09 -9.41 -2.74
N PHE B 123 20.32 -8.12 -2.93
CA PHE B 123 19.76 -7.09 -2.06
C PHE B 123 18.71 -6.32 -2.84
N TYR B 124 17.69 -5.84 -2.12
CA TYR B 124 16.59 -5.08 -2.73
C TYR B 124 16.27 -3.95 -1.75
N PHE B 125 16.77 -2.76 -2.02
CA PHE B 125 16.79 -1.71 -1.03
C PHE B 125 16.57 -0.36 -1.68
N ASN B 126 16.17 0.61 -0.85
CA ASN B 126 16.04 1.98 -1.30
C ASN B 126 17.39 2.68 -1.17
N ILE B 127 17.72 3.50 -2.14
CA ILE B 127 18.92 4.30 -2.12
C ILE B 127 18.49 5.75 -2.30
N LEU B 128 18.82 6.60 -1.34
CA LEU B 128 18.31 7.96 -1.35
C LEU B 128 19.05 8.78 -2.38
N CYS B 129 18.34 9.73 -2.99
CA CYS B 129 18.88 10.52 -4.07
C CYS B 129 18.65 12.01 -3.83
N ASP B 130 19.52 12.81 -4.45
CA ASP B 130 19.43 14.27 -4.39
C ASP B 130 19.00 14.71 -5.78
N VAL B 131 18.01 15.59 -5.85
CA VAL B 131 17.40 15.97 -7.11
C VAL B 131 17.80 17.39 -7.50
N ASN B 132 18.00 17.57 -8.79
CA ASN B 132 18.20 18.90 -9.35
C ASN B 132 17.09 19.03 -10.38
N ALA B 133 16.23 20.03 -10.20
CA ALA B 133 15.10 20.23 -11.08
C ALA B 133 15.16 21.57 -11.79
N ARG B 134 16.35 22.16 -11.91
CA ARG B 134 16.40 23.50 -12.49
C ARG B 134 15.77 23.44 -13.86
N ALA B 135 16.09 22.39 -14.61
CA ALA B 135 15.43 22.09 -15.88
C ALA B 135 14.40 21.03 -15.55
N PHE B 136 13.12 21.36 -15.71
CA PHE B 136 12.06 20.41 -15.48
C PHE B 136 11.11 20.45 -16.68
N PRO B 137 10.72 19.29 -17.21
CA PRO B 137 10.64 17.94 -16.64
C PRO B 137 11.94 17.13 -16.69
N PHE B 138 13.00 17.66 -17.30
CA PHE B 138 14.24 16.88 -17.46
C PHE B 138 15.08 16.99 -16.19
N ASP B 139 14.55 16.39 -15.13
CA ASP B 139 15.21 16.39 -13.83
C ASP B 139 16.40 15.43 -13.80
N LYS B 140 17.32 15.68 -12.88
CA LYS B 140 18.54 14.90 -12.72
C LYS B 140 18.65 14.42 -11.28
N TYR B 141 19.15 13.21 -11.08
CA TYR B 141 19.27 12.63 -9.75
C TYR B 141 20.66 12.09 -9.50
N THR B 142 21.10 12.19 -8.25
CA THR B 142 22.35 11.61 -7.80
C THR B 142 22.06 10.79 -6.55
N CYS B 143 22.49 9.54 -6.54
CA CYS B 143 22.19 8.63 -5.44
C CYS B 143 23.48 8.00 -4.94
N GLU B 144 23.45 7.55 -3.68
CA GLU B 144 24.67 7.03 -3.08
C GLU B 144 24.44 6.26 -1.78
N THR B 145 25.07 5.08 -1.65
CA THR B 145 25.01 4.29 -0.43
C THR B 145 26.36 3.61 -0.24
N MET B 146 26.54 3.00 0.92
CA MET B 146 27.77 2.32 1.27
C MET B 146 27.44 0.95 1.84
N PHE B 147 28.26 -0.04 1.47
CA PHE B 147 28.19 -1.36 2.06
C PHE B 147 29.18 -1.46 3.21
N TYR B 148 28.83 -2.22 4.24
CA TYR B 148 29.73 -2.39 5.37
C TYR B 148 29.49 -3.74 6.01
N PHE B 149 30.47 -4.18 6.78
CA PHE B 149 30.33 -5.42 7.54
C PHE B 149 29.46 -5.20 8.76
N ASN B 150 28.59 -6.17 9.05
CA ASN B 150 27.77 -6.05 10.24
C ASN B 150 28.60 -6.14 11.51
N ASP B 151 29.69 -6.90 11.50
CA ASP B 151 30.35 -7.28 12.73
C ASP B 151 31.85 -7.03 12.76
N TYR B 152 32.44 -6.48 11.71
CA TYR B 152 33.89 -6.40 11.61
C TYR B 152 34.31 -4.99 11.22
N ASP B 153 35.45 -4.58 11.76
CA ASP B 153 36.05 -3.29 11.48
C ASP B 153 37.30 -3.48 10.62
N ILE B 154 38.03 -2.40 10.39
CA ILE B 154 39.14 -2.44 9.44
C ILE B 154 40.21 -3.40 9.91
N GLN B 155 40.34 -3.61 11.21
CA GLN B 155 41.35 -4.49 11.77
C GLN B 155 40.87 -5.93 11.87
N THR B 156 39.68 -6.23 11.38
CA THR B 156 39.11 -7.57 11.47
C THR B 156 38.65 -8.11 10.12
N ALA B 157 38.09 -7.27 9.26
CA ALA B 157 37.70 -7.68 7.92
C ALA B 157 37.72 -6.46 7.02
N ILE B 158 38.15 -6.67 5.77
CA ILE B 158 38.35 -5.58 4.82
C ILE B 158 37.88 -6.02 3.45
N PHE B 159 37.26 -5.10 2.71
CA PHE B 159 36.92 -5.36 1.32
C PHE B 159 38.19 -5.22 0.49
N SER B 160 38.63 -6.32 -0.12
CA SER B 160 39.81 -6.26 -0.95
C SER B 160 39.51 -5.73 -2.35
N SER B 161 38.25 -5.70 -2.75
CA SER B 161 37.87 -5.16 -4.04
C SER B 161 36.36 -4.91 -4.03
N PHE B 162 35.93 -4.04 -4.94
CA PHE B 162 34.51 -3.70 -5.06
C PHE B 162 34.29 -3.25 -6.50
N ARG B 163 33.67 -4.14 -7.22
CA ARG B 163 33.46 -3.92 -8.64
C ARG B 163 31.98 -4.05 -8.97
N CYS B 164 31.47 -3.15 -9.87
CA CYS B 164 30.07 -3.18 -10.26
C CYS B 164 29.95 -3.23 -11.77
N ILE B 165 28.89 -3.90 -12.24
CA ILE B 165 28.52 -3.91 -13.63
C ILE B 165 27.01 -3.68 -13.73
N SER B 166 26.49 -3.71 -14.94
CA SER B 166 25.07 -3.48 -15.19
C SER B 166 24.53 -4.53 -16.15
N SER B 167 23.22 -4.72 -16.09
CA SER B 167 22.55 -5.72 -16.94
C SER B 167 22.29 -5.22 -18.34
N THR B 168 22.68 -3.98 -18.66
CA THR B 168 22.53 -3.36 -19.97
C THR B 168 21.10 -2.95 -20.25
N ASP B 169 20.15 -3.34 -19.39
CA ASP B 169 18.76 -2.97 -19.56
C ASP B 169 18.34 -1.87 -18.60
N LEU B 170 19.29 -1.29 -17.86
CA LEU B 170 18.94 -0.25 -16.91
C LEU B 170 18.52 1.03 -17.63
N SER B 171 19.31 1.46 -18.61
CA SER B 171 19.08 2.71 -19.32
C SER B 171 18.12 2.57 -20.48
N ARG B 172 17.48 1.41 -20.62
CA ARG B 172 16.56 1.19 -21.74
C ARG B 172 15.21 1.84 -21.54
N LYS B 173 14.90 2.34 -20.34
CA LYS B 173 13.57 2.86 -20.02
C LYS B 173 13.69 4.20 -19.31
N ALA B 174 13.72 5.27 -20.09
CA ALA B 174 13.49 6.63 -19.58
C ALA B 174 14.51 7.05 -18.53
N TRP B 175 15.74 6.53 -18.61
CA TRP B 175 16.79 7.01 -17.73
C TRP B 175 18.13 6.77 -18.39
N TYR B 176 19.04 7.73 -18.24
CA TYR B 176 20.46 7.52 -18.49
C TYR B 176 21.11 7.22 -17.15
N VAL B 177 21.61 6.00 -16.98
CA VAL B 177 22.16 5.55 -15.72
C VAL B 177 23.67 5.41 -15.86
N SER B 178 24.41 6.08 -14.98
CA SER B 178 25.85 5.93 -14.89
C SER B 178 26.22 5.67 -13.44
N PHE B 179 27.02 4.64 -13.21
CA PHE B 179 27.38 4.21 -11.88
C PHE B 179 28.90 4.17 -11.72
N SER B 180 29.34 4.20 -10.47
CA SER B 180 30.75 4.06 -10.15
C SER B 180 30.86 3.64 -8.70
N CYS B 181 31.70 2.64 -8.43
CA CYS B 181 31.82 2.10 -7.10
C CYS B 181 33.27 1.74 -6.81
N ASP B 182 33.72 2.08 -5.61
CA ASP B 182 35.09 1.79 -5.18
C ASP B 182 35.08 1.64 -3.67
N THR B 183 36.16 1.07 -3.15
CA THR B 183 36.26 0.77 -1.73
C THR B 183 36.90 1.94 -0.99
N LYS B 184 36.24 2.39 0.07
CA LYS B 184 36.73 3.46 0.93
C LYS B 184 37.13 2.88 2.28
N ILE B 185 37.65 3.74 3.15
CA ILE B 185 38.04 3.38 4.51
C ILE B 185 37.25 4.27 5.44
N GLY B 186 36.21 3.73 6.07
CA GLY B 186 35.37 4.52 6.93
C GLY B 186 35.91 4.64 8.34
N GLU B 187 35.19 5.41 9.14
CA GLU B 187 35.56 5.58 10.54
C GLU B 187 35.43 4.27 11.30
N GLU B 188 34.40 3.48 10.99
CA GLU B 188 34.09 2.27 11.74
C GLU B 188 34.40 1.00 10.97
N GLY B 189 35.06 1.09 9.83
CA GLY B 189 35.44 -0.10 9.11
C GLY B 189 35.62 0.19 7.63
N SER B 190 35.85 -0.88 6.88
CA SER B 190 35.97 -0.77 5.43
C SER B 190 34.60 -0.66 4.80
N LEU B 191 34.46 0.27 3.85
CA LEU B 191 33.19 0.54 3.20
C LEU B 191 33.31 0.32 1.71
N GLY B 192 32.20 -0.09 1.11
CA GLY B 192 32.09 -0.18 -0.32
C GLY B 192 31.12 0.84 -0.85
N GLN B 193 31.61 1.86 -1.52
CA GLN B 193 30.78 2.96 -2.00
C GLN B 193 30.14 2.61 -3.33
N LEU B 194 28.90 3.03 -3.51
CA LEU B 194 28.17 2.82 -4.75
C LEU B 194 27.45 4.11 -5.11
N SER B 195 27.82 4.71 -6.24
CA SER B 195 27.26 5.98 -6.67
C SER B 195 26.52 5.79 -7.98
N LEU B 196 25.32 6.36 -8.06
CA LEU B 196 24.49 6.32 -9.24
C LEU B 196 24.20 7.74 -9.70
N LYS B 197 23.98 7.90 -11.01
CA LYS B 197 23.60 9.19 -11.57
C LYS B 197 22.53 8.94 -12.62
N LEU B 198 21.31 9.42 -12.36
CA LEU B 198 20.17 9.23 -13.24
C LEU B 198 19.83 10.54 -13.92
N VAL B 199 19.67 10.51 -15.24
CA VAL B 199 19.24 11.66 -16.01
C VAL B 199 18.05 11.24 -16.87
N ARG B 200 16.95 11.98 -16.73
CA ARG B 200 15.73 11.61 -17.43
C ARG B 200 15.90 11.75 -18.93
N LYS B 201 15.16 10.92 -19.68
CA LYS B 201 15.20 10.96 -21.12
C LYS B 201 14.26 12.06 -21.63
N VAL B 202 13.96 12.05 -22.92
CA VAL B 202 13.17 13.10 -23.55
C VAL B 202 11.80 12.54 -23.96
N SER B 203 11.33 11.54 -23.23
CA SER B 203 10.05 10.90 -23.53
C SER B 203 8.98 11.91 -23.87
N LEU B 204 8.41 11.80 -25.06
CA LEU B 204 7.39 12.75 -25.49
C LEU B 204 6.18 12.71 -24.56
N GLN B 205 5.95 11.59 -23.89
CA GLN B 205 4.89 11.56 -22.89
C GLN B 205 5.18 12.53 -21.76
N CYS B 206 6.44 12.62 -21.33
CA CYS B 206 6.79 13.56 -20.28
C CYS B 206 6.55 15.00 -20.72
N LEU B 207 6.80 15.29 -22.00
CA LEU B 207 6.67 16.65 -22.49
C LEU B 207 5.26 17.20 -22.32
N SER B 208 4.26 16.33 -22.16
CA SER B 208 2.90 16.81 -21.94
C SER B 208 2.78 17.61 -20.65
N VAL B 209 3.74 17.47 -19.72
CA VAL B 209 3.72 18.30 -18.52
C VAL B 209 3.88 19.77 -18.88
N LEU B 210 4.50 20.06 -20.02
CA LEU B 210 4.60 21.43 -20.49
C LEU B 210 3.33 21.90 -21.18
N LEU B 211 2.44 20.99 -21.56
CA LEU B 211 1.22 21.39 -22.26
C LEU B 211 0.33 22.28 -21.43
N PRO B 212 0.04 21.98 -20.16
CA PRO B 212 -0.80 22.89 -19.37
C PRO B 212 -0.32 24.32 -19.36
N LEU B 213 0.99 24.53 -19.18
CA LEU B 213 1.54 25.87 -19.23
C LEU B 213 1.14 26.57 -20.52
N PHE B 214 1.16 25.84 -21.62
CA PHE B 214 0.84 26.48 -22.88
C PHE B 214 -0.62 26.91 -22.91
N ILE B 215 -1.52 26.05 -22.44
CA ILE B 215 -2.92 26.43 -22.32
C ILE B 215 -2.99 27.81 -21.70
N PHE B 216 -2.41 27.98 -20.52
CA PHE B 216 -2.55 29.27 -19.85
C PHE B 216 -1.94 30.37 -20.68
N PHE B 217 -0.68 30.20 -21.10
CA PHE B 217 -0.05 31.27 -21.88
C PHE B 217 -1.10 31.78 -22.87
N ILE B 218 -1.76 30.88 -23.60
CA ILE B 218 -2.72 31.34 -24.60
C ILE B 218 -3.81 32.12 -23.92
N LEU B 219 -4.59 31.46 -23.05
CA LEU B 219 -5.68 32.15 -22.38
C LEU B 219 -5.19 33.47 -21.85
N ASN B 220 -3.95 33.49 -21.36
CA ASN B 220 -3.43 34.67 -20.70
C ASN B 220 -3.44 35.74 -21.77
N ILE B 221 -2.58 35.61 -22.79
CA ILE B 221 -2.53 36.66 -23.80
C ILE B 221 -3.83 36.72 -24.57
N MET B 222 -4.69 35.69 -24.45
CA MET B 222 -5.99 35.71 -25.09
C MET B 222 -7.00 36.50 -24.29
N ILE B 223 -6.56 37.25 -23.29
CA ILE B 223 -7.44 38.12 -22.51
C ILE B 223 -7.56 39.48 -23.16
N GLY B 224 -6.45 40.02 -23.66
CA GLY B 224 -6.50 41.35 -24.24
C GLY B 224 -7.36 41.41 -25.50
N TYR B 225 -7.10 40.52 -26.45
CA TYR B 225 -7.83 40.50 -27.73
C TYR B 225 -9.19 39.82 -27.59
N LEU B 226 -10.11 40.52 -26.92
CA LEU B 226 -11.43 39.98 -26.63
C LEU B 226 -12.48 41.08 -26.77
N PRO B 227 -13.79 40.82 -26.45
CA PRO B 227 -14.75 41.93 -26.48
C PRO B 227 -14.58 42.85 -25.28
N ILE B 228 -13.45 43.55 -25.27
CA ILE B 228 -13.11 44.42 -24.13
C ILE B 228 -14.30 45.29 -23.76
N GLU B 229 -15.04 45.78 -24.77
CA GLU B 229 -16.25 46.55 -24.55
C GLU B 229 -17.01 45.97 -23.35
N SER B 230 -17.09 44.64 -23.31
CA SER B 230 -17.73 43.91 -22.22
C SER B 230 -16.76 43.89 -21.05
N GLY B 231 -17.00 44.75 -20.07
CA GLY B 231 -16.20 44.78 -18.86
C GLY B 231 -15.94 43.41 -18.29
N GLU B 232 -16.80 42.44 -18.61
CA GLU B 232 -16.63 41.04 -18.21
C GLU B 232 -15.18 40.60 -18.35
N LYS B 233 -14.43 41.21 -19.27
CA LYS B 233 -12.99 40.93 -19.39
C LYS B 233 -12.43 40.67 -17.99
N VAL B 234 -12.64 41.64 -17.10
CA VAL B 234 -12.19 41.53 -15.72
C VAL B 234 -12.54 40.14 -15.21
N THR B 235 -13.75 39.69 -15.54
CA THR B 235 -14.26 38.43 -15.02
C THR B 235 -13.57 37.23 -15.65
N PHE B 236 -13.56 37.16 -16.97
CA PHE B 236 -12.82 36.11 -17.65
C PHE B 236 -11.45 36.00 -16.99
N ALA B 237 -10.73 37.13 -16.93
CA ALA B 237 -9.39 37.14 -16.38
C ALA B 237 -9.37 36.56 -14.97
N THR B 238 -10.34 36.93 -14.14
CA THR B 238 -10.30 36.43 -12.76
C THR B 238 -10.44 34.91 -12.77
N THR B 239 -11.30 34.40 -13.65
CA THR B 239 -11.38 32.96 -13.88
C THR B 239 -10.01 32.40 -14.21
N VAL B 240 -9.31 33.06 -15.14
CA VAL B 240 -8.00 32.59 -15.57
C VAL B 240 -7.07 32.50 -14.37
N PHE B 241 -7.04 33.55 -13.56
CA PHE B 241 -6.14 33.57 -12.42
C PHE B 241 -6.48 32.44 -11.47
N LEU B 242 -7.77 32.24 -11.22
CA LEU B 242 -8.18 31.19 -10.31
C LEU B 242 -7.67 29.86 -10.84
N SER B 243 -7.84 29.63 -12.14
CA SER B 243 -7.42 28.39 -12.75
C SER B 243 -5.92 28.20 -12.56
N ASN B 244 -5.15 29.25 -12.80
CA ASN B 244 -3.70 29.14 -12.67
C ASN B 244 -3.31 28.79 -11.25
N VAL B 245 -3.97 29.40 -10.25
CA VAL B 245 -3.55 29.15 -8.88
C VAL B 245 -4.05 27.79 -8.41
N ILE B 246 -5.08 27.23 -9.06
CA ILE B 246 -5.49 25.88 -8.72
C ILE B 246 -4.58 24.87 -9.39
N TYR B 247 -4.01 25.22 -10.54
CA TYR B 247 -3.03 24.35 -11.16
C TYR B 247 -1.77 24.32 -10.32
N ILE B 248 -1.21 25.50 -10.03
CA ILE B 248 0.11 25.59 -9.43
C ILE B 248 0.19 24.71 -8.21
N ASP B 249 -0.91 24.58 -7.46
CA ASP B 249 -0.90 23.71 -6.28
C ASP B 249 -0.65 22.26 -6.68
N ASN B 250 -1.38 21.77 -7.67
CA ASN B 250 -1.18 20.40 -8.14
C ASN B 250 0.23 20.22 -8.68
N LEU B 251 0.72 21.22 -9.42
CA LEU B 251 2.07 21.13 -9.95
C LEU B 251 3.09 21.04 -8.82
N SER B 252 2.93 21.87 -7.79
CA SER B 252 3.81 21.79 -6.64
C SER B 252 3.76 20.41 -6.01
N LYS B 253 2.58 19.79 -6.01
CA LYS B 253 2.48 18.40 -5.58
C LYS B 253 3.31 17.50 -6.50
N GLN B 254 3.31 17.79 -7.80
CA GLN B 254 4.00 16.94 -8.76
C GLN B 254 5.51 17.07 -8.67
N LEU B 255 6.01 18.28 -8.42
CA LEU B 255 7.43 18.53 -8.51
C LEU B 255 8.19 17.67 -7.50
N PRO B 256 9.47 17.42 -7.74
CA PRO B 256 10.27 16.71 -6.74
C PRO B 256 10.21 17.42 -5.40
N LYS B 257 10.17 16.64 -4.33
CA LYS B 257 9.90 17.21 -3.01
C LYS B 257 10.84 18.37 -2.72
N GLU B 258 12.09 18.26 -3.13
CA GLU B 258 13.05 19.33 -2.89
C GLU B 258 14.15 19.23 -3.93
N SER B 259 14.51 20.36 -4.52
CA SER B 259 15.54 20.44 -5.52
C SER B 259 16.63 21.41 -5.06
N SER B 260 17.87 21.12 -5.47
CA SER B 260 18.95 22.06 -5.19
C SER B 260 18.69 23.43 -5.81
N GLU B 261 17.86 23.50 -6.84
CA GLU B 261 17.49 24.75 -7.49
C GLU B 261 16.00 24.74 -7.79
N ILE B 262 15.41 25.94 -7.85
CA ILE B 262 13.97 26.06 -8.09
C ILE B 262 13.67 25.74 -9.55
N PRO B 263 12.75 24.81 -9.84
CA PRO B 263 12.45 24.48 -11.23
C PRO B 263 11.90 25.68 -11.99
N LEU B 264 12.27 25.77 -13.28
CA LEU B 264 11.85 26.91 -14.09
C LEU B 264 10.35 26.88 -14.38
N ILE B 265 9.76 25.69 -14.48
CA ILE B 265 8.34 25.62 -14.80
C ILE B 265 7.52 26.31 -13.72
N PHE B 266 7.87 26.09 -12.45
CA PHE B 266 7.15 26.74 -11.37
C PHE B 266 7.27 28.25 -11.44
N LEU B 267 8.48 28.76 -11.70
CA LEU B 267 8.67 30.20 -11.79
C LEU B 267 7.86 30.78 -12.95
N CYS B 268 7.87 30.10 -14.10
CA CYS B 268 7.12 30.59 -15.24
C CYS B 268 5.63 30.61 -14.95
N HIS B 269 5.11 29.56 -14.30
CA HIS B 269 3.70 29.55 -13.95
C HIS B 269 3.36 30.67 -12.98
N ILE B 270 4.24 30.92 -12.00
CA ILE B 270 4.00 32.00 -11.07
C ILE B 270 3.95 33.32 -11.81
N PHE B 271 4.89 33.53 -12.74
CA PHE B 271 4.90 34.78 -13.50
C PHE B 271 3.63 34.93 -14.33
N LEU B 272 3.17 33.85 -14.95
CA LEU B 272 1.95 33.93 -15.75
C LEU B 272 0.74 34.27 -14.89
N ALA B 273 0.62 33.62 -13.73
CA ALA B 273 -0.51 33.92 -12.84
C ALA B 273 -0.44 35.37 -12.38
N PHE B 274 0.75 35.83 -12.01
CA PHE B 274 0.93 37.21 -11.61
C PHE B 274 0.52 38.16 -12.73
N LEU B 275 0.91 37.86 -13.96
CA LEU B 275 0.56 38.74 -15.06
C LEU B 275 -0.95 38.76 -15.27
N SER B 276 -1.61 37.61 -15.14
CA SER B 276 -3.06 37.57 -15.28
C SER B 276 -3.73 38.43 -14.21
N GLY B 277 -3.28 38.32 -12.96
CA GLY B 277 -3.88 39.12 -11.91
C GLY B 277 -3.70 40.61 -12.15
N LEU B 278 -2.48 41.02 -12.51
CA LEU B 278 -2.27 42.43 -12.84
C LEU B 278 -3.06 42.84 -14.07
N SER B 279 -3.30 41.95 -15.02
CA SER B 279 -4.14 42.31 -16.16
C SER B 279 -5.55 42.62 -15.69
N ALA B 280 -6.07 41.81 -14.78
CA ALA B 280 -7.39 42.11 -14.23
C ALA B 280 -7.40 43.46 -13.52
N VAL B 281 -6.42 43.68 -12.65
CA VAL B 281 -6.35 44.95 -11.92
C VAL B 281 -6.23 46.12 -12.89
N GLY B 282 -5.44 45.94 -13.95
CA GLY B 282 -5.23 47.01 -14.90
C GLY B 282 -6.49 47.37 -15.67
N THR B 283 -7.22 46.35 -16.15
CA THR B 283 -8.48 46.65 -16.80
C THR B 283 -9.43 47.33 -15.82
N ILE B 284 -9.42 46.92 -14.56
CA ILE B 284 -10.33 47.50 -13.57
C ILE B 284 -10.02 48.98 -13.39
N ILE B 285 -8.73 49.30 -13.19
CA ILE B 285 -8.35 50.68 -12.94
C ILE B 285 -8.55 51.53 -14.20
N THR B 286 -8.33 50.95 -15.38
CA THR B 286 -8.57 51.70 -16.61
C THR B 286 -10.05 52.04 -16.76
N SER B 287 -10.93 51.07 -16.46
CA SER B 287 -12.36 51.37 -16.49
C SER B 287 -12.72 52.42 -15.45
N LYS B 288 -12.01 52.43 -14.32
CA LYS B 288 -12.23 53.49 -13.34
C LYS B 288 -11.82 54.85 -13.91
N ILE B 289 -10.68 54.91 -14.60
CA ILE B 289 -10.18 56.19 -15.11
C ILE B 289 -10.84 56.55 -16.43
N ILE B 367 -0.68 49.82 -23.51
CA ILE B 367 -0.49 48.82 -22.47
C ILE B 367 -0.51 47.43 -23.10
N LEU B 368 -1.44 47.23 -24.02
CA LEU B 368 -1.58 45.94 -24.70
C LEU B 368 -0.25 45.51 -25.31
N TYR B 369 0.28 46.31 -26.23
CA TYR B 369 1.55 45.98 -26.86
C TYR B 369 2.68 45.92 -25.83
N ILE B 370 2.63 46.81 -24.83
CA ILE B 370 3.63 46.78 -23.77
C ILE B 370 3.55 45.46 -23.01
N MET B 371 2.34 45.02 -22.69
CA MET B 371 2.18 43.75 -22.00
C MET B 371 2.72 42.60 -22.83
N THR B 372 2.42 42.60 -24.13
CA THR B 372 2.93 41.53 -24.99
C THR B 372 4.46 41.55 -25.04
N PHE B 373 5.06 42.74 -25.13
CA PHE B 373 6.51 42.83 -25.17
C PHE B 373 7.12 42.31 -23.87
N ILE B 374 6.53 42.66 -22.72
CA ILE B 374 7.06 42.19 -21.45
C ILE B 374 6.97 40.67 -21.35
N SER B 375 5.81 40.13 -21.75
CA SER B 375 5.63 38.68 -21.72
C SER B 375 6.66 37.99 -22.61
N ILE B 376 6.84 38.51 -23.82
CA ILE B 376 7.79 37.91 -24.76
C ILE B 376 9.20 37.96 -24.19
N LEU B 377 9.59 39.11 -23.64
CA LEU B 377 10.94 39.25 -23.11
C LEU B 377 11.19 38.26 -21.99
N CYS B 378 10.29 38.20 -21.00
CA CYS B 378 10.50 37.29 -19.88
C CYS B 378 10.52 35.84 -20.33
N ALA B 379 9.55 35.47 -21.19
CA ALA B 379 9.49 34.08 -21.65
C ALA B 379 10.74 33.71 -22.43
N LEU B 380 11.22 34.61 -23.30
CA LEU B 380 12.41 34.31 -24.08
C LEU B 380 13.64 34.21 -23.18
N VAL B 381 13.73 35.05 -22.16
CA VAL B 381 14.87 34.96 -21.23
C VAL B 381 14.86 33.60 -20.54
N PHE B 382 13.70 33.18 -20.04
CA PHE B 382 13.62 31.90 -19.34
C PHE B 382 13.92 30.74 -20.29
N THR B 383 13.37 30.78 -21.50
CA THR B 383 13.63 29.70 -22.45
C THR B 383 15.10 29.68 -22.87
N SER B 384 15.74 30.85 -22.98
CA SER B 384 17.15 30.88 -23.30
C SER B 384 17.99 30.26 -22.18
N LEU B 385 17.64 30.56 -20.93
CA LEU B 385 18.32 29.89 -19.81
C LEU B 385 18.10 28.39 -19.87
N PHE B 386 16.87 27.97 -20.16
CA PHE B 386 16.57 26.55 -20.27
C PHE B 386 17.40 25.89 -21.37
N PHE B 387 17.52 26.55 -22.52
CA PHE B 387 18.31 26.00 -23.61
C PHE B 387 19.80 25.96 -23.26
N GLU B 388 20.27 26.96 -22.51
CA GLU B 388 21.65 26.93 -22.04
C GLU B 388 21.89 25.72 -21.15
N SER B 389 20.96 25.43 -20.25
CA SER B 389 21.09 24.27 -19.39
C SER B 389 20.80 22.96 -20.12
N PHE B 390 20.16 23.03 -21.29
CA PHE B 390 19.78 21.84 -22.04
C PHE B 390 20.94 20.86 -22.16
N LEU B 391 20.62 19.57 -22.02
CA LEU B 391 21.55 18.47 -22.25
C LEU B 391 20.94 17.52 -23.27
N ASP B 392 21.72 17.17 -24.28
CA ASP B 392 21.31 16.18 -25.28
C ASP B 392 19.86 16.38 -25.73
N CYS C 1 48.66 -12.27 19.12
CA CYS C 1 48.75 -13.01 17.82
C CYS C 1 47.98 -14.32 17.91
N TRP C 2 46.79 -14.27 18.52
CA TRP C 2 46.10 -15.51 18.84
C TRP C 2 45.76 -16.29 17.59
N THR C 3 46.01 -17.59 17.64
CA THR C 3 45.77 -18.48 16.53
C THR C 3 44.35 -19.04 16.59
N TYR C 4 43.96 -19.74 15.54
CA TYR C 4 42.59 -20.24 15.46
C TYR C 4 42.29 -21.23 16.58
N GLU C 5 43.24 -22.10 16.90
CA GLU C 5 42.98 -23.14 17.89
C GLU C 5 42.70 -22.55 19.27
N GLU C 6 43.48 -21.54 19.68
CA GLU C 6 43.24 -20.99 21.02
C GLU C 6 41.98 -20.15 21.10
N GLU C 7 41.59 -19.46 20.02
CA GLU C 7 40.30 -18.80 20.05
C GLU C 7 39.16 -19.82 20.04
N TYR C 8 39.33 -20.93 19.33
CA TYR C 8 38.34 -21.99 19.38
C TYR C 8 38.18 -22.50 20.81
N TYR C 9 39.30 -22.78 21.48
CA TYR C 9 39.23 -23.24 22.86
C TYR C 9 38.57 -22.20 23.76
N PHE C 10 38.92 -20.92 23.58
CA PHE C 10 38.33 -19.89 24.41
C PHE C 10 36.82 -19.85 24.24
N ARG C 11 36.35 -19.77 22.99
CA ARG C 11 34.92 -19.79 22.75
C ARG C 11 34.27 -21.02 23.36
N SER C 12 34.98 -22.15 23.35
CA SER C 12 34.43 -23.35 23.97
C SER C 12 34.28 -23.19 25.48
N ASN C 13 35.20 -22.48 26.12
CA ASN C 13 35.29 -22.47 27.58
C ASN C 13 35.33 -21.05 28.12
N PHE C 14 34.37 -20.22 27.73
CA PHE C 14 34.23 -18.90 28.32
C PHE C 14 32.80 -18.57 28.74
N LEU C 15 31.87 -19.51 28.62
CA LEU C 15 30.51 -19.36 29.13
C LEU C 15 30.14 -20.58 29.97
N GLN C 16 31.06 -21.03 30.82
CA GLN C 16 30.84 -22.29 31.52
C GLN C 16 29.66 -22.19 32.49
N GLN C 17 29.67 -21.19 33.35
CA GLN C 17 28.65 -21.06 34.39
C GLN C 17 27.83 -19.79 34.18
N TYR C 18 27.41 -19.56 32.95
CA TYR C 18 26.75 -18.33 32.54
C TYR C 18 25.38 -18.65 31.98
N ASN C 19 24.37 -17.93 32.45
CA ASN C 19 23.00 -18.04 31.97
C ASN C 19 22.60 -16.70 31.39
N LYS C 20 22.28 -16.67 30.09
CA LYS C 20 21.98 -15.41 29.45
C LYS C 20 20.68 -14.80 29.95
N ASP C 21 19.88 -15.55 30.70
CA ASP C 21 18.63 -15.03 31.22
C ASP C 21 18.83 -14.20 32.49
N ILE C 22 20.04 -14.15 33.02
CA ILE C 22 20.32 -13.46 34.28
C ILE C 22 21.15 -12.22 33.97
N ARG C 23 20.75 -11.10 34.55
CA ARG C 23 21.55 -9.90 34.38
C ARG C 23 22.97 -10.16 34.87
N PRO C 24 23.99 -9.71 34.14
CA PRO C 24 25.36 -10.06 34.54
C PRO C 24 25.92 -9.17 35.64
N LEU C 25 25.49 -9.45 36.87
CA LEU C 25 25.94 -8.73 38.04
C LEU C 25 26.29 -9.73 39.12
N ASN C 26 27.21 -9.33 40.01
CA ASN C 26 27.53 -10.15 41.17
C ASN C 26 26.57 -9.93 42.32
N ASP C 27 25.81 -8.84 42.30
CA ASP C 27 24.79 -8.57 43.30
C ASP C 27 23.56 -8.07 42.55
N LEU C 28 22.52 -8.88 42.51
CA LEU C 28 21.39 -8.63 41.65
C LEU C 28 20.32 -7.75 42.29
N SER C 29 20.52 -7.29 43.51
CA SER C 29 19.57 -6.39 44.14
C SER C 29 19.65 -4.96 43.64
N LYS C 30 20.64 -4.64 42.80
CA LYS C 30 20.84 -3.30 42.30
C LYS C 30 20.66 -3.28 40.78
N PRO C 31 20.26 -2.14 40.22
CA PRO C 31 20.04 -2.08 38.77
C PRO C 31 21.35 -2.19 38.00
N ILE C 32 21.25 -2.74 36.80
CA ILE C 32 22.35 -2.74 35.86
C ILE C 32 22.29 -1.46 35.04
N SER C 33 23.42 -0.78 34.93
CA SER C 33 23.48 0.50 34.25
C SER C 33 23.79 0.28 32.78
N VAL C 34 22.87 0.68 31.91
CA VAL C 34 23.04 0.63 30.47
C VAL C 34 23.11 2.06 29.97
N GLY C 35 24.14 2.37 29.19
CA GLY C 35 24.27 3.68 28.57
C GLY C 35 23.91 3.57 27.10
N ILE C 36 23.29 4.61 26.57
CA ILE C 36 22.84 4.62 25.19
C ILE C 36 23.42 5.84 24.49
N HIS C 37 23.90 5.63 23.27
CA HIS C 37 24.37 6.75 22.44
C HIS C 37 23.64 6.64 21.12
N LEU C 38 22.84 7.65 20.79
CA LEU C 38 21.89 7.57 19.70
C LEU C 38 22.25 8.58 18.61
N GLU C 39 21.86 8.25 17.37
CA GLU C 39 22.06 9.14 16.23
C GLU C 39 20.83 9.06 15.34
N ILE C 40 20.19 10.20 15.13
CA ILE C 40 19.05 10.27 14.22
C ILE C 40 19.61 10.36 12.80
N ALA C 41 19.37 9.32 12.00
CA ALA C 41 20.03 9.22 10.70
C ALA C 41 19.21 9.83 9.58
N LYS C 42 17.91 9.53 9.51
CA LYS C 42 17.11 9.98 8.39
C LYS C 42 15.68 10.24 8.84
N MET C 43 14.92 10.90 7.98
CA MET C 43 13.50 11.13 8.18
C MET C 43 12.77 10.80 6.89
N ASN C 44 11.49 10.46 7.03
CA ASN C 44 10.68 10.13 5.86
C ASN C 44 9.83 11.31 5.39
N ASP C 45 9.07 11.92 6.29
CA ASP C 45 8.31 13.14 6.06
C ASP C 45 7.05 12.84 5.25
N PHE C 46 6.88 11.64 4.72
CA PHE C 46 5.76 11.38 3.80
C PHE C 46 4.43 11.66 4.48
N ASN C 47 4.21 11.09 5.67
CA ASN C 47 2.94 11.21 6.36
C ASN C 47 2.94 12.32 7.40
N LEU C 48 3.90 13.23 7.32
CA LEU C 48 3.95 14.29 8.32
C LEU C 48 2.67 15.12 8.30
N ALA C 49 1.93 15.10 7.19
CA ALA C 49 0.66 15.80 7.13
C ALA C 49 -0.36 15.15 8.06
N GLU C 50 -0.38 13.82 8.14
CA GLU C 50 -1.31 13.15 9.03
C GLU C 50 -0.90 13.28 10.49
N GLY C 51 0.38 13.51 10.76
CA GLY C 51 0.84 13.60 12.12
C GLY C 51 1.75 12.46 12.53
N ARG C 52 2.47 11.88 11.58
CA ARG C 52 3.44 10.84 11.85
C ARG C 52 4.72 11.13 11.10
N LEU C 53 5.85 11.07 11.80
CA LEU C 53 7.16 11.20 11.19
C LEU C 53 7.92 9.89 11.37
N LYS C 54 8.41 9.34 10.27
CA LYS C 54 9.09 8.05 10.27
C LYS C 54 10.60 8.30 10.23
N ILE C 55 11.28 8.04 11.35
CA ILE C 55 12.69 8.34 11.50
C ILE C 55 13.45 7.05 11.73
N GLN C 56 14.74 7.07 11.40
CA GLN C 56 15.64 5.96 11.65
C GLN C 56 16.74 6.42 12.60
N THR C 57 17.00 5.60 13.62
CA THR C 57 17.98 5.93 14.64
C THR C 57 18.94 4.75 14.81
N TYR C 58 20.20 5.09 15.11
CA TYR C 58 21.24 4.11 15.39
C TYR C 58 21.64 4.23 16.85
N LEU C 59 21.60 3.13 17.57
CA LEU C 59 21.90 3.09 18.99
C LEU C 59 23.15 2.28 19.24
N ILE C 60 23.99 2.79 20.13
CA ILE C 60 25.15 2.09 20.65
C ILE C 60 24.93 1.92 22.14
N LEU C 61 24.41 0.74 22.51
CA LEU C 61 24.24 0.40 23.91
C LEU C 61 25.57 -0.05 24.48
N GLN C 62 25.89 0.41 25.69
CA GLN C 62 27.13 0.06 26.35
C GLN C 62 26.82 -0.34 27.78
N TRP C 63 27.30 -1.50 28.20
CA TRP C 63 27.17 -1.88 29.60
C TRP C 63 28.40 -2.69 30.00
N TYR C 64 28.39 -3.20 31.21
CA TYR C 64 29.50 -3.98 31.75
C TYR C 64 29.00 -5.34 32.17
N ASP C 65 29.57 -6.38 31.56
CA ASP C 65 29.28 -7.75 31.94
C ASP C 65 30.27 -8.15 33.02
N GLU C 66 29.76 -8.47 34.20
CA GLU C 66 30.61 -8.76 35.35
C GLU C 66 30.96 -10.24 35.46
N LYS C 67 30.59 -11.04 34.46
CA LYS C 67 30.86 -12.47 34.49
C LYS C 67 31.71 -12.96 33.33
N ILE C 68 32.12 -12.08 32.41
CA ILE C 68 32.85 -12.51 31.23
C ILE C 68 34.17 -11.75 31.16
N PHE C 69 34.68 -11.35 32.31
CA PHE C 69 35.99 -10.75 32.39
C PHE C 69 37.06 -11.82 32.30
N TRP C 70 38.10 -11.56 31.49
CA TRP C 70 39.26 -12.44 31.40
C TRP C 70 40.50 -11.59 31.22
N ASN C 71 41.66 -12.23 31.16
CA ASN C 71 42.92 -11.53 31.01
C ASN C 71 43.80 -12.24 29.98
N GLU C 72 44.66 -11.47 29.33
CA GLU C 72 45.44 -11.99 28.20
C GLU C 72 46.51 -12.98 28.61
N SER C 73 46.79 -13.13 29.90
CA SER C 73 47.82 -14.09 30.33
C SER C 73 47.43 -15.50 29.92
N THR C 74 46.16 -15.85 30.07
CA THR C 74 45.69 -17.18 29.71
C THR C 74 44.96 -17.24 28.38
N TYR C 75 44.35 -16.13 27.94
CA TYR C 75 43.66 -16.08 26.66
C TYR C 75 44.12 -14.86 25.88
N PRO C 76 45.09 -15.00 24.98
CA PRO C 76 45.63 -13.82 24.30
C PRO C 76 44.66 -13.19 23.30
N ILE C 77 43.46 -12.87 23.74
CA ILE C 77 42.45 -12.22 22.91
C ILE C 77 42.06 -10.92 23.59
N PRO C 78 42.25 -9.76 22.96
CA PRO C 78 41.90 -8.50 23.63
C PRO C 78 40.41 -8.18 23.60
N LYS C 79 39.72 -8.66 22.56
CA LYS C 79 38.28 -8.43 22.46
C LYS C 79 37.71 -9.47 21.51
N LEU C 80 36.39 -9.59 21.54
CA LEU C 80 35.70 -10.60 20.76
C LEU C 80 34.36 -10.08 20.26
N MET C 81 33.86 -10.73 19.22
CA MET C 81 32.50 -10.52 18.74
C MET C 81 31.70 -11.79 19.03
N VAL C 82 30.66 -11.65 19.84
CA VAL C 82 29.86 -12.77 20.29
C VAL C 82 28.40 -12.51 19.96
N SER C 83 27.70 -13.53 19.50
CA SER C 83 26.36 -13.36 18.97
C SER C 83 25.38 -12.93 20.05
N SER C 84 24.31 -12.27 19.62
CA SER C 84 23.36 -11.67 20.54
C SER C 84 22.61 -12.70 21.37
N LYS C 85 22.66 -13.97 21.00
CA LYS C 85 21.94 -15.02 21.69
C LYS C 85 22.84 -15.90 22.53
N LYS C 86 24.04 -15.44 22.85
CA LYS C 86 24.95 -16.17 23.73
C LYS C 86 25.11 -15.53 25.09
N ILE C 87 24.97 -14.21 25.18
CA ILE C 87 25.15 -13.48 26.43
C ILE C 87 23.99 -12.54 26.64
N TRP C 88 23.84 -12.08 27.87
CA TRP C 88 22.72 -11.21 28.23
C TRP C 88 22.84 -9.87 27.53
N SER C 89 21.74 -9.43 26.93
CA SER C 89 21.62 -8.09 26.38
C SER C 89 20.25 -7.57 26.72
N PRO C 90 20.09 -6.25 26.85
CA PRO C 90 18.78 -5.70 27.18
C PRO C 90 17.95 -5.42 25.93
N ALA C 91 16.67 -5.74 26.03
CA ALA C 91 15.73 -5.48 24.95
C ALA C 91 15.10 -4.11 25.17
N ILE C 92 15.26 -3.24 24.19
CA ILE C 92 14.76 -1.88 24.26
C ILE C 92 13.61 -1.74 23.27
N SER C 93 12.66 -0.88 23.61
CA SER C 93 11.54 -0.60 22.72
C SER C 93 11.16 0.86 22.89
N VAL C 94 10.31 1.34 21.98
CA VAL C 94 9.86 2.72 22.00
C VAL C 94 8.34 2.75 22.03
N TYR C 95 7.80 3.78 22.68
CA TYR C 95 6.36 3.89 22.84
C TYR C 95 5.65 3.88 21.50
N TYR C 96 4.49 3.22 21.47
CA TYR C 96 3.55 3.31 20.36
C TYR C 96 4.09 2.77 19.06
N THR C 97 5.15 1.96 19.10
CA THR C 97 5.60 1.25 17.91
C THR C 97 6.05 -0.16 18.25
N GLU C 98 5.47 -0.76 19.29
CA GLU C 98 5.86 -2.12 19.65
C GLU C 98 5.47 -3.12 18.57
N ASN C 99 4.31 -2.92 17.95
CA ASN C 99 3.74 -3.90 17.04
C ASN C 99 4.06 -3.65 15.58
N GLU C 100 4.81 -2.59 15.26
CA GLU C 100 5.19 -2.28 13.89
C GLU C 100 6.67 -1.93 13.84
N MET C 101 7.49 -2.74 14.50
CA MET C 101 8.94 -2.56 14.50
C MET C 101 9.55 -3.95 14.50
N ASP C 102 10.14 -4.33 13.36
CA ASP C 102 10.52 -5.73 13.15
C ASP C 102 11.49 -6.21 14.22
N SER C 103 12.47 -5.38 14.57
CA SER C 103 13.43 -5.72 15.62
C SER C 103 14.09 -7.06 15.33
N LYS C 104 14.83 -7.09 14.23
CA LYS C 104 15.63 -8.25 13.86
C LYS C 104 17.05 -8.03 14.37
N ASP C 105 17.52 -8.92 15.24
CA ASP C 105 18.88 -8.81 15.76
C ASP C 105 19.84 -9.38 14.73
N GLN C 106 20.73 -8.52 14.22
CA GLN C 106 21.69 -8.92 13.20
C GLN C 106 23.10 -8.49 13.49
N PHE C 107 23.32 -7.53 14.38
CA PHE C 107 24.66 -7.12 14.76
C PHE C 107 25.07 -7.87 16.02
N GLN C 108 26.24 -8.49 15.98
CA GLN C 108 26.75 -9.16 17.16
C GLN C 108 27.21 -8.13 18.19
N MET C 109 27.43 -8.60 19.41
CA MET C 109 27.96 -7.77 20.48
C MET C 109 29.47 -7.83 20.49
N GLU C 110 30.10 -6.76 20.97
CA GLU C 110 31.55 -6.68 21.07
C GLU C 110 31.92 -6.61 22.55
N ILE C 111 32.71 -7.58 23.01
CA ILE C 111 33.01 -7.73 24.42
C ILE C 111 34.52 -7.66 24.61
N TYR C 112 34.95 -6.84 25.57
CA TYR C 112 36.36 -6.63 25.86
C TYR C 112 36.81 -7.50 27.02
N LYS C 113 38.12 -7.48 27.29
CA LYS C 113 38.68 -8.40 28.27
C LYS C 113 38.12 -8.16 29.66
N ASN C 114 37.71 -6.92 29.96
CA ASN C 114 37.28 -6.57 31.31
C ASN C 114 35.76 -6.53 31.43
N GLY C 115 35.03 -6.99 30.42
CA GLY C 115 33.59 -7.10 30.50
C GLY C 115 32.83 -6.01 29.78
N SER C 116 33.49 -4.94 29.35
CA SER C 116 32.80 -3.90 28.61
C SER C 116 32.15 -4.48 27.36
N VAL C 117 30.85 -4.24 27.20
CA VAL C 117 30.09 -4.78 26.09
C VAL C 117 29.43 -3.64 25.34
N HIS C 118 29.61 -3.61 24.02
CA HIS C 118 28.96 -2.66 23.14
C HIS C 118 28.06 -3.42 22.17
N GLN C 119 26.87 -2.89 21.94
CA GLN C 119 25.92 -3.49 21.02
C GLN C 119 25.35 -2.42 20.10
N TRP C 120 25.20 -2.78 18.84
CA TRP C 120 24.62 -1.91 17.82
C TRP C 120 23.17 -2.29 17.59
N LYS C 121 22.30 -1.29 17.52
CA LYS C 121 20.91 -1.52 17.17
C LYS C 121 20.47 -0.43 16.22
N SER C 122 19.46 -0.71 15.41
CA SER C 122 18.87 0.29 14.54
C SER C 122 17.36 0.19 14.64
N PHE C 123 16.71 1.32 14.83
CA PHE C 123 15.26 1.39 14.94
C PHE C 123 14.73 2.24 13.80
N TYR C 124 13.61 1.81 13.22
CA TYR C 124 12.92 2.54 12.17
C TYR C 124 11.46 2.59 12.57
N PHE C 125 10.99 3.75 13.13
CA PHE C 125 9.70 3.80 13.78
C PHE C 125 9.00 5.13 13.48
N ASN C 126 7.70 5.16 13.78
CA ASN C 126 6.86 6.34 13.59
C ASN C 126 6.79 7.11 14.89
N ILE C 127 7.36 8.30 14.92
CA ILE C 127 7.29 9.18 16.09
C ILE C 127 6.13 10.13 15.85
N LEU C 128 5.07 10.05 16.66
CA LEU C 128 3.89 10.88 16.42
C LEU C 128 4.24 12.34 16.65
N CYS C 129 3.65 13.21 15.82
CA CYS C 129 3.95 14.63 15.86
C CYS C 129 2.69 15.48 15.94
N ASP C 130 2.81 16.62 16.61
CA ASP C 130 1.72 17.58 16.77
C ASP C 130 2.08 18.78 15.92
N VAL C 131 1.09 19.30 15.20
CA VAL C 131 1.29 20.36 14.23
C VAL C 131 0.69 21.66 14.70
N ASN C 132 1.44 22.74 14.51
CA ASN C 132 0.99 24.11 14.74
C ASN C 132 1.12 24.77 13.38
N ALA C 133 0.01 25.25 12.83
CA ALA C 133 0.00 25.82 11.50
C ALA C 133 -0.41 27.27 11.51
N ARG C 134 -0.16 27.98 12.61
CA ARG C 134 -0.60 29.37 12.68
C ARG C 134 0.07 30.19 11.59
N ALA C 135 1.34 29.91 11.33
CA ALA C 135 2.12 30.64 10.35
C ALA C 135 2.14 29.98 8.98
N PHE C 136 1.24 29.05 8.71
CA PHE C 136 1.26 28.36 7.44
C PHE C 136 1.27 29.37 6.31
N PRO C 137 2.16 29.26 5.31
CA PRO C 137 2.92 28.12 4.77
C PRO C 137 3.90 27.50 5.76
N PHE C 138 4.54 28.30 6.60
CA PHE C 138 5.51 27.75 7.53
C PHE C 138 4.75 27.14 8.71
N ASP C 139 5.02 25.87 8.98
CA ASP C 139 4.41 25.13 10.07
C ASP C 139 5.48 24.68 11.05
N LYS C 140 5.06 24.41 12.28
CA LYS C 140 5.95 23.92 13.32
C LYS C 140 5.42 22.58 13.83
N TYR C 141 6.31 21.60 13.95
CA TYR C 141 5.93 20.27 14.39
C TYR C 141 6.75 19.91 15.62
N THR C 142 6.09 19.32 16.61
CA THR C 142 6.76 18.81 17.80
C THR C 142 6.49 17.33 17.92
N CYS C 143 7.54 16.54 18.10
CA CYS C 143 7.42 15.09 18.16
C CYS C 143 8.10 14.59 19.41
N GLU C 144 7.61 13.49 19.95
CA GLU C 144 8.19 12.93 21.16
C GLU C 144 8.01 11.42 21.20
N THR C 145 8.95 10.75 21.86
CA THR C 145 8.91 9.31 22.04
C THR C 145 9.79 8.98 23.23
N MET C 146 9.59 7.79 23.79
CA MET C 146 10.41 7.35 24.90
C MET C 146 10.90 5.92 24.66
N PHE C 147 12.15 5.67 25.04
CA PHE C 147 12.72 4.33 25.02
C PHE C 147 12.61 3.72 26.40
N TYR C 148 12.37 2.43 26.44
CA TYR C 148 12.23 1.74 27.72
C TYR C 148 12.67 0.29 27.57
N PHE C 149 12.98 -0.32 28.71
CA PHE C 149 13.34 -1.73 28.73
C PHE C 149 12.09 -2.59 28.62
N ASN C 150 12.16 -3.62 27.79
CA ASN C 150 11.04 -4.52 27.65
C ASN C 150 10.70 -5.23 28.96
N ASP C 151 11.69 -5.43 29.82
CA ASP C 151 11.57 -6.41 30.89
C ASP C 151 12.01 -5.93 32.26
N TYR C 152 12.60 -4.74 32.39
CA TYR C 152 13.23 -4.32 33.62
C TYR C 152 12.70 -2.96 34.06
N ASP C 153 12.52 -2.80 35.36
CA ASP C 153 12.06 -1.55 35.93
C ASP C 153 13.24 -0.80 36.54
N ILE C 154 12.96 0.28 37.25
CA ILE C 154 14.02 1.13 37.79
C ILE C 154 14.88 0.38 38.79
N GLN C 155 14.34 -0.66 39.41
CA GLN C 155 15.06 -1.42 40.42
C GLN C 155 15.82 -2.60 39.85
N THR C 156 15.78 -2.81 38.54
CA THR C 156 16.42 -3.96 37.92
C THR C 156 17.35 -3.54 36.80
N ALA C 157 17.08 -2.43 36.14
CA ALA C 157 17.95 -1.92 35.09
C ALA C 157 17.63 -0.46 34.85
N ILE C 158 18.67 0.35 34.65
CA ILE C 158 18.53 1.80 34.57
C ILE C 158 19.41 2.35 33.46
N PHE C 159 18.92 3.41 32.81
CA PHE C 159 19.71 4.13 31.81
C PHE C 159 20.65 5.09 32.52
N SER C 160 21.95 4.83 32.42
CA SER C 160 22.94 5.70 33.04
C SER C 160 23.23 6.94 32.23
N SER C 161 22.85 6.95 30.95
CA SER C 161 23.04 8.13 30.11
C SER C 161 22.15 8.01 28.90
N PHE C 162 21.94 9.13 28.22
CA PHE C 162 21.14 9.15 27.00
C PHE C 162 21.58 10.37 26.19
N ARG C 163 22.37 10.12 25.14
CA ARG C 163 22.89 11.20 24.31
C ARG C 163 22.46 10.98 22.87
N CYS C 164 22.22 12.09 22.18
CA CYS C 164 21.79 12.05 20.79
C CYS C 164 22.62 13.02 19.96
N ILE C 165 22.95 12.61 18.75
CA ILE C 165 23.58 13.45 17.75
C ILE C 165 22.80 13.32 16.45
N SER C 166 23.30 13.95 15.40
CA SER C 166 22.65 13.88 14.09
C SER C 166 23.68 13.69 13.01
N SER C 167 23.20 13.35 11.81
CA SER C 167 24.04 13.08 10.66
C SER C 167 24.41 14.33 9.88
N THR C 168 23.97 15.51 10.32
CA THR C 168 24.20 16.78 9.66
C THR C 168 23.44 16.92 8.35
N ASP C 169 22.59 15.96 7.99
CA ASP C 169 21.77 16.00 6.77
C ASP C 169 20.27 16.24 7.07
N LEU C 170 19.86 16.12 8.32
CA LEU C 170 18.45 16.32 8.69
C LEU C 170 18.08 17.76 8.39
N SER C 171 18.99 18.68 8.67
CA SER C 171 18.76 20.10 8.40
C SER C 171 18.61 20.39 6.92
N ARG C 172 19.35 19.69 6.07
CA ARG C 172 19.33 19.98 4.63
C ARG C 172 17.97 19.86 3.95
N LYS C 173 17.17 18.87 4.33
CA LYS C 173 15.91 18.62 3.60
C LYS C 173 14.68 19.49 3.94
N ALA C 174 14.71 20.78 3.66
CA ALA C 174 13.54 21.67 3.88
C ALA C 174 12.98 21.60 5.31
N TRP C 175 13.84 21.47 6.32
CA TRP C 175 13.43 21.39 7.71
C TRP C 175 14.54 21.91 8.59
N TYR C 176 14.18 22.80 9.51
CA TYR C 176 15.02 23.12 10.67
C TYR C 176 14.70 22.08 11.75
N VAL C 177 15.61 21.16 11.98
CA VAL C 177 15.41 20.05 12.92
C VAL C 177 16.24 20.32 14.16
N SER C 178 15.59 20.36 15.32
CA SER C 178 16.29 20.52 16.59
C SER C 178 15.79 19.47 17.56
N PHE C 179 16.71 18.75 18.20
CA PHE C 179 16.37 17.61 19.02
C PHE C 179 16.95 17.79 20.42
N SER C 180 16.35 17.09 21.37
CA SER C 180 16.85 17.09 22.74
C SER C 180 16.40 15.80 23.40
N CYS C 181 17.33 15.10 24.05
CA CYS C 181 17.01 13.83 24.68
C CYS C 181 17.70 13.72 26.02
N ASP C 182 17.03 13.07 26.96
CA ASP C 182 17.60 12.85 28.28
C ASP C 182 16.86 11.71 28.95
N THR C 183 17.46 11.18 30.01
CA THR C 183 16.90 10.05 30.73
C THR C 183 15.94 10.55 31.81
N LYS C 184 14.75 9.99 31.83
CA LYS C 184 13.71 10.29 32.81
C LYS C 184 13.44 9.05 33.66
N ILE C 185 12.71 9.27 34.75
CA ILE C 185 12.29 8.20 35.65
C ILE C 185 10.77 8.12 35.55
N GLY C 186 10.28 7.16 34.78
CA GLY C 186 8.85 6.98 34.62
C GLY C 186 8.24 6.21 35.76
N GLU C 187 6.94 5.94 35.62
CA GLU C 187 6.23 5.19 36.65
C GLU C 187 6.61 3.73 36.64
N GLU C 188 6.90 3.16 35.47
CA GLU C 188 7.15 1.74 35.33
C GLU C 188 8.60 1.41 35.01
N GLY C 189 9.50 2.39 35.06
CA GLY C 189 10.91 2.11 34.86
C GLY C 189 11.63 3.33 34.29
N SER C 190 12.93 3.14 34.09
CA SER C 190 13.74 4.20 33.50
C SER C 190 13.37 4.39 32.04
N LEU C 191 13.30 5.64 31.60
CA LEU C 191 12.90 5.97 30.25
C LEU C 191 13.96 6.85 29.60
N GLY C 192 14.05 6.78 28.28
CA GLY C 192 14.86 7.72 27.55
C GLY C 192 14.00 8.58 26.66
N GLN C 193 13.81 9.85 27.05
CA GLN C 193 12.98 10.75 26.28
C GLN C 193 13.77 11.35 25.13
N LEU C 194 13.15 11.36 23.95
CA LEU C 194 13.70 11.98 22.75
C LEU C 194 12.66 12.92 22.19
N SER C 195 13.04 14.17 21.95
CA SER C 195 12.12 15.20 21.47
C SER C 195 12.68 15.82 20.20
N LEU C 196 11.83 15.97 19.20
CA LEU C 196 12.17 16.60 17.93
C LEU C 196 11.29 17.81 17.69
N LYS C 197 11.85 18.82 17.04
CA LYS C 197 11.11 20.01 16.67
C LYS C 197 11.50 20.37 15.24
N LEU C 198 10.53 20.35 14.35
CA LEU C 198 10.75 20.60 12.93
C LEU C 198 10.04 21.89 12.54
N VAL C 199 10.80 22.90 12.15
CA VAL C 199 10.22 24.07 11.50
C VAL C 199 10.47 23.92 10.01
N ARG C 200 9.67 24.60 9.20
CA ARG C 200 9.79 24.52 7.76
C ARG C 200 10.63 25.68 7.26
N LYS C 201 11.62 25.38 6.43
CA LYS C 201 12.49 26.41 5.88
C LYS C 201 11.72 27.30 4.91
N VAL C 202 12.28 28.49 4.67
CA VAL C 202 11.67 29.43 3.74
C VAL C 202 11.95 28.97 2.32
N SER C 203 10.91 28.89 1.51
CA SER C 203 11.01 28.45 0.13
C SER C 203 10.32 29.44 -0.78
N LEU C 204 10.93 29.69 -1.94
CA LEU C 204 10.24 30.43 -2.98
C LEU C 204 9.00 29.68 -3.45
N GLN C 205 8.86 28.42 -3.09
CA GLN C 205 7.67 27.62 -3.33
C GLN C 205 6.50 28.05 -2.48
N CYS C 206 6.59 29.14 -1.74
CA CYS C 206 5.46 29.66 -0.97
C CYS C 206 4.96 30.97 -1.57
N LEU C 207 5.44 31.31 -2.76
CA LEU C 207 4.71 32.28 -3.54
C LEU C 207 3.39 31.68 -4.00
N SER C 208 3.30 30.36 -4.08
CA SER C 208 2.02 29.75 -4.43
C SER C 208 0.97 30.13 -3.41
N VAL C 209 1.38 30.38 -2.16
CA VAL C 209 0.45 30.75 -1.10
C VAL C 209 0.42 32.25 -0.88
N LEU C 210 1.38 32.99 -1.43
CA LEU C 210 1.37 34.44 -1.25
C LEU C 210 0.64 35.15 -2.38
N LEU C 211 0.91 34.75 -3.62
CA LEU C 211 0.31 35.39 -4.79
C LEU C 211 -1.21 35.45 -4.74
N PRO C 212 -1.92 34.36 -4.49
CA PRO C 212 -3.39 34.46 -4.44
C PRO C 212 -3.88 35.49 -3.45
N LEU C 213 -3.29 35.54 -2.25
CA LEU C 213 -3.74 36.51 -1.26
C LEU C 213 -3.52 37.94 -1.73
N PHE C 214 -2.35 38.22 -2.30
CA PHE C 214 -2.07 39.57 -2.77
C PHE C 214 -3.05 39.98 -3.86
N ILE C 215 -3.20 39.11 -4.87
CA ILE C 215 -4.05 39.45 -6.01
C ILE C 215 -5.49 39.62 -5.57
N PHE C 216 -5.97 38.73 -4.69
CA PHE C 216 -7.36 38.83 -4.26
C PHE C 216 -7.57 40.05 -3.39
N PHE C 217 -6.57 40.41 -2.57
CA PHE C 217 -6.65 41.63 -1.79
C PHE C 217 -6.84 42.83 -2.71
N ILE C 218 -5.99 42.92 -3.74
CA ILE C 218 -6.07 44.06 -4.65
C ILE C 218 -7.42 44.08 -5.36
N LEU C 219 -7.82 42.93 -5.91
CA LEU C 219 -9.10 42.88 -6.62
C LEU C 219 -10.24 43.31 -5.70
N ASN C 220 -10.26 42.79 -4.49
CA ASN C 220 -11.34 43.08 -3.55
C ASN C 220 -11.39 44.57 -3.24
N ILE C 221 -10.24 45.16 -2.92
CA ILE C 221 -10.25 46.58 -2.58
C ILE C 221 -10.57 47.43 -3.80
N MET C 222 -10.28 46.94 -4.99
CA MET C 222 -10.55 47.70 -6.21
C MET C 222 -12.03 47.69 -6.59
N ILE C 223 -12.85 46.87 -5.94
CA ILE C 223 -14.28 46.86 -6.25
C ILE C 223 -14.91 48.19 -5.87
N GLY C 224 -14.35 48.91 -4.89
CA GLY C 224 -14.91 50.19 -4.53
C GLY C 224 -14.82 51.21 -5.65
N TYR C 225 -13.71 51.19 -6.40
CA TYR C 225 -13.44 52.17 -7.44
C TYR C 225 -13.72 51.52 -8.80
N LEU C 226 -14.97 51.62 -9.25
CA LEU C 226 -15.39 50.96 -10.47
C LEU C 226 -16.22 51.90 -11.33
N PRO C 227 -16.61 51.49 -12.55
CA PRO C 227 -17.69 52.20 -13.24
C PRO C 227 -19.00 51.99 -12.52
N ILE C 228 -19.11 52.58 -11.33
CA ILE C 228 -20.26 52.32 -10.46
C ILE C 228 -21.55 52.67 -11.17
N GLU C 229 -21.49 53.57 -12.15
CA GLU C 229 -22.65 53.82 -13.00
C GLU C 229 -23.14 52.52 -13.63
N SER C 230 -22.21 51.73 -14.16
CA SER C 230 -22.56 50.43 -14.70
C SER C 230 -22.96 49.47 -13.58
N GLY C 231 -24.02 48.69 -13.84
CA GLY C 231 -24.38 47.64 -12.92
C GLY C 231 -23.40 46.48 -12.88
N GLU C 232 -22.39 46.49 -13.76
CA GLU C 232 -21.39 45.43 -13.74
C GLU C 232 -20.62 45.38 -12.44
N LYS C 233 -20.62 46.46 -11.66
CA LYS C 233 -19.90 46.44 -10.38
C LYS C 233 -20.33 45.26 -9.53
N VAL C 234 -21.63 45.07 -9.35
CA VAL C 234 -22.08 43.91 -8.60
C VAL C 234 -21.64 42.62 -9.28
N THR C 235 -21.52 42.64 -10.61
CA THR C 235 -21.03 41.46 -11.31
C THR C 235 -19.59 41.15 -10.92
N PHE C 236 -18.73 42.17 -10.88
CA PHE C 236 -17.37 41.96 -10.43
C PHE C 236 -17.34 41.47 -8.99
N ALA C 237 -18.19 42.05 -8.14
CA ALA C 237 -18.21 41.63 -6.74
C ALA C 237 -18.59 40.17 -6.62
N THR C 238 -19.62 39.74 -7.33
CA THR C 238 -20.03 38.34 -7.27
C THR C 238 -18.95 37.42 -7.80
N THR C 239 -18.35 37.75 -8.96
CA THR C 239 -17.34 36.85 -9.50
C THR C 239 -16.14 36.75 -8.58
N VAL C 240 -15.73 37.88 -7.98
CA VAL C 240 -14.62 37.84 -7.04
C VAL C 240 -14.99 37.01 -5.84
N PHE C 241 -16.22 37.14 -5.36
CA PHE C 241 -16.66 36.36 -4.21
C PHE C 241 -16.59 34.86 -4.51
N LEU C 242 -17.12 34.45 -5.66
CA LEU C 242 -17.05 33.04 -6.01
C LEU C 242 -15.61 32.58 -6.17
N SER C 243 -14.76 33.39 -6.81
CA SER C 243 -13.37 32.99 -6.95
C SER C 243 -12.73 32.80 -5.58
N ASN C 244 -13.01 33.70 -4.65
CA ASN C 244 -12.44 33.59 -3.32
C ASN C 244 -12.92 32.33 -2.62
N VAL C 245 -14.22 32.02 -2.72
CA VAL C 245 -14.72 30.87 -1.99
C VAL C 245 -14.17 29.58 -2.60
N ILE C 246 -14.06 29.52 -3.93
CA ILE C 246 -13.45 28.36 -4.56
C ILE C 246 -12.00 28.23 -4.11
N TYR C 247 -11.29 29.35 -3.99
CA TYR C 247 -9.93 29.27 -3.50
C TYR C 247 -9.89 28.77 -2.08
N ILE C 248 -10.85 29.17 -1.25
CA ILE C 248 -10.93 28.64 0.11
C ILE C 248 -11.08 27.13 0.07
N ASP C 249 -11.99 26.66 -0.78
CA ASP C 249 -12.23 25.23 -0.88
C ASP C 249 -10.95 24.50 -1.24
N ASN C 250 -10.25 24.99 -2.27
CA ASN C 250 -9.01 24.35 -2.67
C ASN C 250 -7.97 24.40 -1.56
N LEU C 251 -7.81 25.57 -0.93
CA LEU C 251 -6.75 25.75 0.06
C LEU C 251 -6.96 24.85 1.26
N SER C 252 -8.19 24.73 1.73
CA SER C 252 -8.45 23.99 2.96
C SER C 252 -7.97 22.55 2.87
N LYS C 253 -7.76 22.03 1.65
CA LYS C 253 -7.30 20.67 1.49
C LYS C 253 -5.80 20.51 1.71
N GLN C 254 -5.03 21.60 1.72
CA GLN C 254 -3.59 21.52 1.93
C GLN C 254 -3.16 22.06 3.29
N LEU C 255 -4.07 22.28 4.18
CA LEU C 255 -3.68 22.61 5.54
C LEU C 255 -3.53 21.33 6.37
N PRO C 256 -2.67 21.32 7.38
CA PRO C 256 -2.56 20.14 8.24
C PRO C 256 -3.85 19.89 8.99
N LYS C 257 -4.12 18.60 9.25
CA LYS C 257 -5.38 18.23 9.87
C LYS C 257 -5.43 18.63 11.34
N GLU C 258 -4.56 18.04 12.15
CA GLU C 258 -4.60 18.24 13.60
C GLU C 258 -3.93 19.56 13.98
N SER C 259 -4.32 20.66 13.35
CA SER C 259 -3.70 21.94 13.63
C SER C 259 -4.13 22.43 15.01
N SER C 260 -3.16 22.89 15.80
CA SER C 260 -3.48 23.37 17.14
C SER C 260 -4.34 24.63 17.09
N GLU C 261 -3.98 25.59 16.23
CA GLU C 261 -4.79 26.77 16.01
C GLU C 261 -4.98 26.98 14.51
N ILE C 262 -6.04 27.72 14.17
CA ILE C 262 -6.40 27.89 12.76
C ILE C 262 -5.29 28.67 12.07
N PRO C 263 -4.87 28.28 10.87
CA PRO C 263 -3.84 29.05 10.18
C PRO C 263 -4.32 30.45 9.81
N LEU C 264 -3.37 31.38 9.76
CA LEU C 264 -3.74 32.77 9.52
C LEU C 264 -4.14 33.01 8.07
N ILE C 265 -3.53 32.30 7.12
CA ILE C 265 -3.90 32.48 5.72
C ILE C 265 -5.37 32.17 5.53
N PHE C 266 -5.85 31.10 6.15
CA PHE C 266 -7.25 30.73 6.03
C PHE C 266 -8.15 31.85 6.53
N LEU C 267 -7.81 32.44 7.68
CA LEU C 267 -8.63 33.53 8.20
C LEU C 267 -8.59 34.73 7.27
N CYS C 268 -7.42 35.09 6.77
CA CYS C 268 -7.34 36.22 5.85
C CYS C 268 -8.23 36.00 4.65
N HIS C 269 -8.11 34.84 4.00
CA HIS C 269 -8.87 34.62 2.77
C HIS C 269 -10.36 34.52 3.04
N ILE C 270 -10.75 33.83 4.12
CA ILE C 270 -12.17 33.68 4.40
C ILE C 270 -12.78 35.04 4.73
N PHE C 271 -12.04 35.88 5.45
CA PHE C 271 -12.53 37.22 5.70
C PHE C 271 -12.65 38.02 4.42
N LEU C 272 -11.68 37.88 3.52
CA LEU C 272 -11.77 38.60 2.25
C LEU C 272 -13.01 38.16 1.47
N ALA C 273 -13.30 36.87 1.49
CA ALA C 273 -14.52 36.38 0.85
C ALA C 273 -15.75 37.00 1.50
N PHE C 274 -15.76 37.07 2.84
CA PHE C 274 -16.86 37.71 3.53
C PHE C 274 -17.02 39.16 3.09
N LEU C 275 -15.91 39.88 2.97
CA LEU C 275 -15.96 41.28 2.55
C LEU C 275 -16.55 41.41 1.16
N SER C 276 -16.06 40.60 0.22
CA SER C 276 -16.55 40.70 -1.15
C SER C 276 -18.03 40.35 -1.24
N GLY C 277 -18.45 39.30 -0.53
CA GLY C 277 -19.86 38.95 -0.53
C GLY C 277 -20.73 40.03 0.05
N LEU C 278 -20.28 40.66 1.14
CA LEU C 278 -21.04 41.76 1.72
C LEU C 278 -21.12 42.93 0.75
N SER C 279 -20.03 43.22 0.04
CA SER C 279 -20.05 44.29 -0.94
C SER C 279 -21.06 43.99 -2.03
N ALA C 280 -21.08 42.77 -2.54
CA ALA C 280 -22.03 42.41 -3.58
C ALA C 280 -23.46 42.50 -3.08
N VAL C 281 -23.72 42.01 -1.87
CA VAL C 281 -25.07 42.06 -1.31
C VAL C 281 -25.52 43.51 -1.15
N GLY C 282 -24.63 44.36 -0.64
CA GLY C 282 -24.99 45.77 -0.51
C GLY C 282 -25.25 46.41 -1.87
N THR C 283 -24.45 46.07 -2.87
CA THR C 283 -24.66 46.64 -4.20
C THR C 283 -26.02 46.23 -4.75
N ILE C 284 -26.39 44.96 -4.61
CA ILE C 284 -27.67 44.51 -5.16
C ILE C 284 -28.83 45.12 -4.37
N ILE C 285 -28.67 45.25 -3.05
CA ILE C 285 -29.75 45.84 -2.26
C ILE C 285 -29.93 47.30 -2.62
N THR C 286 -28.83 48.02 -2.86
CA THR C 286 -28.93 49.40 -3.31
C THR C 286 -29.56 49.48 -4.70
N SER C 287 -29.19 48.56 -5.59
CA SER C 287 -29.75 48.58 -6.94
C SER C 287 -31.26 48.39 -6.91
N LYS C 288 -31.73 47.41 -6.14
CA LYS C 288 -33.18 47.21 -6.04
C LYS C 288 -33.85 48.36 -5.32
N ILE C 289 -33.17 48.95 -4.33
CA ILE C 289 -33.69 50.15 -3.69
C ILE C 289 -33.62 51.35 -4.64
N ILE C 367 -25.86 50.79 8.26
CA ILE C 367 -25.03 49.78 8.89
C ILE C 367 -24.07 49.11 7.92
N LEU C 368 -24.44 48.90 6.65
CA LEU C 368 -23.54 48.18 5.77
C LEU C 368 -22.19 48.90 5.66
N TYR C 369 -22.22 50.22 5.50
CA TYR C 369 -20.97 50.94 5.31
C TYR C 369 -20.11 50.87 6.58
N ILE C 370 -20.73 50.99 7.76
CA ILE C 370 -19.95 50.96 8.99
C ILE C 370 -19.28 49.60 9.12
N MET C 371 -20.01 48.52 8.82
CA MET C 371 -19.43 47.19 8.94
C MET C 371 -18.26 47.06 7.99
N THR C 372 -18.40 47.57 6.76
CA THR C 372 -17.30 47.41 5.81
C THR C 372 -16.07 48.17 6.31
N PHE C 373 -16.29 49.35 6.90
CA PHE C 373 -15.17 50.13 7.39
C PHE C 373 -14.46 49.35 8.49
N ILE C 374 -15.24 48.73 9.38
CA ILE C 374 -14.68 47.91 10.44
C ILE C 374 -13.93 46.72 9.85
N SER C 375 -14.49 46.16 8.78
CA SER C 375 -13.90 44.98 8.17
C SER C 375 -12.50 45.26 7.69
N ILE C 376 -12.30 46.41 7.05
CA ILE C 376 -10.95 46.66 6.53
C ILE C 376 -9.96 46.62 7.69
N LEU C 377 -10.36 47.17 8.83
CA LEU C 377 -9.50 47.16 10.02
C LEU C 377 -9.25 45.72 10.47
N CYS C 378 -10.27 44.87 10.38
CA CYS C 378 -10.10 43.47 10.74
C CYS C 378 -9.06 42.81 9.86
N ALA C 379 -9.09 43.10 8.56
CA ALA C 379 -8.07 42.56 7.66
C ALA C 379 -6.70 43.08 8.03
N LEU C 380 -6.61 44.36 8.39
CA LEU C 380 -5.34 44.91 8.86
C LEU C 380 -4.82 44.15 10.07
N VAL C 381 -5.72 43.79 11.00
CA VAL C 381 -5.33 43.00 12.16
C VAL C 381 -4.80 41.64 11.76
N PHE C 382 -5.51 40.95 10.87
CA PHE C 382 -5.07 39.63 10.45
C PHE C 382 -3.73 39.70 9.73
N THR C 383 -3.55 40.69 8.86
CA THR C 383 -2.28 40.84 8.16
C THR C 383 -1.15 41.15 9.12
N SER C 384 -1.37 41.94 10.14
CA SER C 384 -0.32 42.24 11.12
C SER C 384 0.06 40.99 11.89
N LEU C 385 -0.91 40.17 12.29
CA LEU C 385 -0.60 38.92 12.95
C LEU C 385 0.20 38.01 12.04
N PHE C 386 -0.16 37.96 10.75
CA PHE C 386 0.55 37.12 9.79
C PHE C 386 2.00 37.54 9.66
N PHE C 387 2.26 38.85 9.62
CA PHE C 387 3.62 39.33 9.48
C PHE C 387 4.41 39.19 10.78
N GLU C 388 3.74 39.31 11.93
CA GLU C 388 4.43 39.13 13.20
C GLU C 388 4.94 37.69 13.33
N SER C 389 4.19 36.72 12.83
CA SER C 389 4.61 35.33 12.86
C SER C 389 5.54 34.97 11.71
N PHE C 390 5.85 35.92 10.84
CA PHE C 390 6.77 35.67 9.74
C PHE C 390 8.12 35.21 10.28
N LEU C 391 8.72 34.23 9.60
CA LEU C 391 10.04 33.72 9.96
C LEU C 391 11.04 34.16 8.89
N ASP C 392 12.08 34.88 9.31
CA ASP C 392 13.11 35.37 8.42
C ASP C 392 12.52 35.97 7.15
N CYS D 1 19.79 -9.78 48.92
CA CYS D 1 21.09 -9.61 48.21
C CYS D 1 21.52 -10.91 47.54
N TRP D 2 20.65 -11.45 46.71
CA TRP D 2 20.94 -12.74 46.09
C TRP D 2 22.00 -12.56 45.02
N THR D 3 23.02 -13.42 45.05
CA THR D 3 24.13 -13.33 44.14
C THR D 3 23.83 -14.09 42.85
N TYR D 4 24.71 -13.94 41.87
CA TYR D 4 24.50 -14.58 40.58
C TYR D 4 24.41 -16.08 40.73
N GLU D 5 25.28 -16.67 41.55
CA GLU D 5 25.34 -18.13 41.63
C GLU D 5 24.03 -18.72 42.14
N GLU D 6 23.41 -18.10 43.14
CA GLU D 6 22.18 -18.68 43.66
C GLU D 6 20.98 -18.41 42.77
N GLU D 7 20.92 -17.29 42.06
CA GLU D 7 19.87 -17.14 41.05
C GLU D 7 20.06 -18.14 39.92
N TYR D 8 21.30 -18.42 39.54
CA TYR D 8 21.56 -19.46 38.55
C TYR D 8 21.06 -20.81 39.04
N TYR D 9 21.44 -21.19 40.27
CA TYR D 9 21.01 -22.46 40.83
C TYR D 9 19.49 -22.53 40.91
N PHE D 10 18.84 -21.41 41.22
CA PHE D 10 17.38 -21.41 41.26
C PHE D 10 16.79 -21.64 39.89
N ARG D 11 17.23 -20.85 38.89
CA ARG D 11 16.69 -20.99 37.56
C ARG D 11 16.91 -22.40 37.02
N SER D 12 17.93 -23.10 37.50
CA SER D 12 18.11 -24.47 37.08
C SER D 12 17.12 -25.43 37.72
N ASN D 13 16.60 -25.11 38.90
CA ASN D 13 15.82 -26.04 39.70
C ASN D 13 14.56 -25.38 40.24
N PHE D 14 13.79 -24.71 39.40
CA PHE D 14 12.49 -24.21 39.79
C PHE D 14 11.39 -24.56 38.81
N LEU D 15 11.69 -25.32 37.77
CA LEU D 15 10.70 -25.89 36.86
C LEU D 15 10.93 -27.39 36.76
N GLN D 16 11.15 -28.05 37.90
CA GLN D 16 11.57 -29.45 37.88
C GLN D 16 10.48 -30.35 37.31
N GLN D 17 9.26 -30.26 37.86
CA GLN D 17 8.16 -31.12 37.47
C GLN D 17 7.05 -30.30 36.83
N TYR D 18 7.43 -29.36 35.97
CA TYR D 18 6.52 -28.38 35.41
C TYR D 18 6.41 -28.59 33.91
N ASN D 19 5.17 -28.63 33.42
CA ASN D 19 4.90 -28.73 31.99
C ASN D 19 4.12 -27.49 31.58
N LYS D 20 4.69 -26.70 30.68
CA LYS D 20 4.06 -25.45 30.30
C LYS D 20 2.80 -25.66 29.47
N ASP D 21 2.52 -26.88 29.05
CA ASP D 21 1.30 -27.19 28.31
C ASP D 21 0.10 -27.41 29.21
N ILE D 22 0.28 -27.40 30.52
CA ILE D 22 -0.76 -27.74 31.48
C ILE D 22 -1.09 -26.48 32.28
N ARG D 23 -2.37 -26.19 32.43
CA ARG D 23 -2.77 -25.03 33.22
C ARG D 23 -2.26 -25.19 34.64
N PRO D 24 -1.61 -24.18 35.21
CA PRO D 24 -0.99 -24.35 36.53
C PRO D 24 -1.99 -24.35 37.68
N LEU D 25 -2.64 -25.49 37.87
CA LEU D 25 -3.62 -25.66 38.93
C LEU D 25 -3.38 -26.98 39.64
N ASN D 26 -3.70 -27.01 40.93
CA ASN D 26 -3.68 -28.26 41.69
C ASN D 26 -4.95 -29.09 41.48
N ASP D 27 -5.94 -28.54 40.79
CA ASP D 27 -7.18 -29.25 40.49
C ASP D 27 -7.67 -28.74 39.14
N LEU D 28 -7.53 -29.55 38.10
CA LEU D 28 -7.71 -29.09 36.74
C LEU D 28 -9.16 -29.17 36.27
N SER D 29 -10.09 -29.60 37.11
CA SER D 29 -11.50 -29.62 36.73
C SER D 29 -12.15 -28.24 36.80
N LYS D 30 -11.49 -27.26 37.40
CA LYS D 30 -12.04 -25.92 37.56
C LYS D 30 -11.28 -24.93 36.69
N PRO D 31 -11.90 -23.82 36.31
CA PRO D 31 -11.22 -22.87 35.43
C PRO D 31 -10.09 -22.15 36.14
N ILE D 32 -9.14 -21.68 35.35
CA ILE D 32 -8.10 -20.78 35.82
C ILE D 32 -8.57 -19.35 35.58
N SER D 33 -8.49 -18.52 36.61
CA SER D 33 -9.01 -17.17 36.55
C SER D 33 -7.90 -16.21 36.14
N VAL D 34 -8.09 -15.54 35.01
CA VAL D 34 -7.14 -14.60 34.47
C VAL D 34 -7.77 -13.22 34.49
N GLY D 35 -7.06 -12.24 35.03
CA GLY D 35 -7.51 -10.86 35.03
C GLY D 35 -6.83 -10.11 33.91
N ILE D 36 -7.53 -9.11 33.37
CA ILE D 36 -6.99 -8.27 32.31
C ILE D 36 -7.22 -6.82 32.67
N HIS D 37 -6.25 -5.98 32.34
CA HIS D 37 -6.32 -4.54 32.55
C HIS D 37 -5.78 -3.89 31.28
N LEU D 38 -6.66 -3.22 30.54
CA LEU D 38 -6.38 -2.79 29.18
C LEU D 38 -6.30 -1.27 29.11
N GLU D 39 -5.45 -0.77 28.21
CA GLU D 39 -5.30 0.66 27.98
C GLU D 39 -5.28 0.92 26.49
N ILE D 40 -6.25 1.67 25.99
CA ILE D 40 -6.26 2.07 24.59
C ILE D 40 -5.27 3.22 24.44
N ALA D 41 -4.19 2.98 23.71
CA ALA D 41 -3.11 3.96 23.61
C ALA D 41 -3.25 4.88 22.42
N LYS D 42 -3.56 4.35 21.24
CA LYS D 42 -3.62 5.16 20.04
C LYS D 42 -4.64 4.59 19.07
N MET D 43 -5.09 5.46 18.16
CA MET D 43 -5.96 5.12 17.06
C MET D 43 -5.35 5.61 15.76
N ASN D 44 -5.64 4.92 14.66
CA ASN D 44 -5.09 5.35 13.37
C ASN D 44 -6.06 6.27 12.65
N ASP D 45 -7.29 5.82 12.41
CA ASP D 45 -8.37 6.59 11.81
C ASP D 45 -8.26 6.70 10.29
N PHE D 46 -7.27 6.06 9.66
CA PHE D 46 -7.10 6.22 8.22
C PHE D 46 -8.32 5.70 7.46
N ASN D 47 -8.72 4.47 7.73
CA ASN D 47 -9.80 3.81 7.00
C ASN D 47 -11.12 3.88 7.73
N LEU D 48 -11.31 4.85 8.62
CA LEU D 48 -12.55 4.93 9.36
C LEU D 48 -13.73 5.21 8.45
N ALA D 49 -13.48 5.76 7.25
CA ALA D 49 -14.56 5.94 6.30
C ALA D 49 -15.07 4.61 5.78
N GLU D 50 -14.17 3.65 5.57
CA GLU D 50 -14.58 2.32 5.12
C GLU D 50 -15.10 1.45 6.26
N GLY D 51 -15.00 1.90 7.49
CA GLY D 51 -15.57 1.19 8.61
C GLY D 51 -14.61 0.42 9.48
N ARG D 52 -13.32 0.75 9.44
CA ARG D 52 -12.31 0.05 10.23
C ARG D 52 -11.45 1.07 10.96
N LEU D 53 -11.35 0.92 12.28
CA LEU D 53 -10.51 1.78 13.10
C LEU D 53 -9.36 0.96 13.63
N LYS D 54 -8.14 1.36 13.33
CA LYS D 54 -6.95 0.59 13.71
C LYS D 54 -6.45 1.13 15.04
N ILE D 55 -6.64 0.37 16.12
CA ILE D 55 -6.29 0.84 17.45
C ILE D 55 -5.21 -0.05 18.04
N GLN D 56 -4.44 0.55 18.96
CA GLN D 56 -3.41 -0.16 19.71
C GLN D 56 -3.78 -0.16 21.18
N THR D 57 -3.67 -1.32 21.82
CA THR D 57 -4.00 -1.49 23.22
C THR D 57 -2.86 -2.20 23.94
N TYR D 58 -2.73 -1.88 25.22
CA TYR D 58 -1.75 -2.51 26.11
C TYR D 58 -2.50 -3.31 27.17
N LEU D 59 -2.14 -4.58 27.32
CA LEU D 59 -2.77 -5.49 28.26
C LEU D 59 -1.79 -5.91 29.33
N ILE D 60 -2.27 -6.00 30.56
CA ILE D 60 -1.50 -6.57 31.67
C ILE D 60 -2.31 -7.75 32.19
N LEU D 61 -2.02 -8.94 31.69
CA LEU D 61 -2.68 -10.14 32.19
C LEU D 61 -2.09 -10.54 33.53
N GLN D 62 -2.95 -10.92 34.45
CA GLN D 62 -2.53 -11.32 35.79
C GLN D 62 -3.21 -12.61 36.16
N TRP D 63 -2.44 -13.59 36.65
CA TRP D 63 -3.04 -14.82 37.14
C TRP D 63 -2.14 -15.38 38.24
N TYR D 64 -2.48 -16.57 38.73
CA TYR D 64 -1.74 -17.21 39.81
C TYR D 64 -1.26 -18.57 39.34
N ASP D 65 0.05 -18.77 39.36
CA ASP D 65 0.65 -20.06 39.05
C ASP D 65 0.77 -20.82 40.36
N GLU D 66 0.02 -21.91 40.49
CA GLU D 66 -0.05 -22.66 41.73
C GLU D 66 1.08 -23.68 41.86
N LYS D 67 2.02 -23.70 40.91
CA LYS D 67 3.09 -24.68 40.91
C LYS D 67 4.48 -24.06 40.98
N ILE D 68 4.59 -22.72 40.96
CA ILE D 68 5.89 -22.07 40.93
C ILE D 68 6.01 -21.16 42.16
N PHE D 69 5.42 -21.60 43.26
CA PHE D 69 5.54 -20.87 44.52
C PHE D 69 6.80 -21.30 45.25
N TRP D 70 7.52 -20.33 45.78
CA TRP D 70 8.70 -20.60 46.62
C TRP D 70 8.75 -19.57 47.73
N ASN D 71 9.69 -19.76 48.65
CA ASN D 71 9.85 -18.88 49.79
C ASN D 71 11.31 -18.47 49.94
N GLU D 72 11.53 -17.26 50.45
CA GLU D 72 12.88 -16.69 50.50
C GLU D 72 13.81 -17.43 51.44
N SER D 73 13.28 -18.24 52.34
CA SER D 73 14.14 -18.97 53.27
C SER D 73 15.16 -19.81 52.51
N THR D 74 14.73 -20.44 51.42
CA THR D 74 15.62 -21.28 50.61
C THR D 74 16.13 -20.59 49.36
N TYR D 75 15.37 -19.66 48.78
CA TYR D 75 15.78 -18.93 47.58
C TYR D 75 15.57 -17.44 47.84
N PRO D 76 16.60 -16.72 48.27
CA PRO D 76 16.39 -15.31 48.64
C PRO D 76 16.10 -14.40 47.46
N ILE D 77 15.10 -14.72 46.67
CA ILE D 77 14.69 -13.90 45.53
C ILE D 77 13.22 -13.53 45.73
N PRO D 78 12.85 -12.25 45.67
CA PRO D 78 11.44 -11.89 45.86
C PRO D 78 10.61 -11.97 44.59
N LYS D 79 11.26 -11.94 43.43
CA LYS D 79 10.54 -12.05 42.17
C LYS D 79 11.55 -12.26 41.06
N LEU D 80 11.06 -12.70 39.90
CA LEU D 80 11.92 -12.93 38.75
C LEU D 80 11.21 -12.53 37.47
N MET D 81 12.01 -12.33 36.44
CA MET D 81 11.55 -12.21 35.07
C MET D 81 11.86 -13.52 34.35
N VAL D 82 10.84 -14.18 33.83
CA VAL D 82 10.99 -15.46 33.16
C VAL D 82 10.37 -15.36 31.78
N SER D 83 11.04 -15.93 30.79
CA SER D 83 10.61 -15.78 29.42
C SER D 83 9.25 -16.44 29.20
N SER D 84 8.58 -16.03 28.12
CA SER D 84 7.21 -16.46 27.88
C SER D 84 7.12 -17.92 27.47
N LYS D 85 8.22 -18.54 27.06
CA LYS D 85 8.22 -19.91 26.59
C LYS D 85 8.73 -20.88 27.65
N LYS D 86 8.83 -20.46 28.90
CA LYS D 86 9.28 -21.32 29.97
C LYS D 86 8.15 -21.79 30.87
N ILE D 87 7.07 -21.01 30.99
CA ILE D 87 5.96 -21.33 31.86
C ILE D 87 4.66 -21.11 31.11
N TRP D 88 3.57 -21.62 31.70
CA TRP D 88 2.26 -21.52 31.07
C TRP D 88 1.79 -20.07 31.03
N SER D 89 1.31 -19.64 29.87
CA SER D 89 0.68 -18.34 29.70
C SER D 89 -0.51 -18.52 28.76
N PRO D 90 -1.55 -17.72 28.93
CA PRO D 90 -2.73 -17.87 28.07
C PRO D 90 -2.59 -17.10 26.77
N ALA D 91 -3.15 -17.68 25.72
CA ALA D 91 -3.15 -17.06 24.40
C ALA D 91 -4.48 -16.36 24.19
N ILE D 92 -4.45 -15.05 24.00
CA ILE D 92 -5.64 -14.24 23.83
C ILE D 92 -5.69 -13.75 22.39
N SER D 93 -6.90 -13.52 21.89
CA SER D 93 -7.07 -12.99 20.54
C SER D 93 -8.39 -12.25 20.47
N VAL D 94 -8.53 -11.43 19.43
CA VAL D 94 -9.73 -10.60 19.27
C VAL D 94 -10.43 -11.01 17.98
N TYR D 95 -11.75 -10.84 17.97
CA TYR D 95 -12.55 -11.26 16.82
C TYR D 95 -12.11 -10.57 15.55
N TYR D 96 -12.14 -11.31 14.44
CA TYR D 96 -12.00 -10.76 13.10
C TYR D 96 -10.63 -10.15 12.86
N THR D 97 -9.62 -10.49 13.65
CA THR D 97 -8.26 -10.05 13.36
C THR D 97 -7.24 -11.14 13.61
N GLU D 98 -7.66 -12.41 13.60
CA GLU D 98 -6.72 -13.48 13.90
C GLU D 98 -5.61 -13.54 12.87
N ASN D 99 -5.93 -13.27 11.61
CA ASN D 99 -4.97 -13.45 10.53
C ASN D 99 -4.19 -12.18 10.20
N GLU D 100 -4.51 -11.07 10.84
CA GLU D 100 -3.83 -9.80 10.60
C GLU D 100 -3.39 -9.18 11.91
N MET D 101 -2.73 -9.98 12.74
CA MET D 101 -2.22 -9.52 14.03
C MET D 101 -0.99 -10.35 14.35
N ASP D 102 0.18 -9.73 14.28
CA ASP D 102 1.44 -10.47 14.27
C ASP D 102 1.60 -11.29 15.55
N SER D 103 1.32 -10.69 16.71
CA SER D 103 1.39 -11.39 17.98
C SER D 103 2.76 -12.01 18.21
N LYS D 104 3.76 -11.13 18.33
CA LYS D 104 5.12 -11.53 18.65
C LYS D 104 5.33 -11.32 20.14
N ASP D 105 5.71 -12.39 20.85
CA ASP D 105 5.93 -12.30 22.28
C ASP D 105 7.33 -11.76 22.53
N GLN D 106 7.41 -10.61 23.19
CA GLN D 106 8.69 -9.97 23.49
C GLN D 106 8.82 -9.53 24.92
N PHE D 107 7.73 -9.37 25.66
CA PHE D 107 7.77 -8.94 27.04
C PHE D 107 7.75 -10.17 27.94
N GLN D 108 8.81 -10.34 28.73
CA GLN D 108 8.88 -11.49 29.63
C GLN D 108 7.80 -11.38 30.70
N MET D 109 7.48 -12.53 31.29
CA MET D 109 6.57 -12.58 32.42
C MET D 109 7.32 -12.24 33.70
N GLU D 110 6.58 -11.71 34.67
CA GLU D 110 7.12 -11.41 35.98
C GLU D 110 6.39 -12.28 36.99
N ILE D 111 7.14 -13.09 37.73
CA ILE D 111 6.58 -14.07 38.64
C ILE D 111 7.09 -13.78 40.05
N TYR D 112 6.16 -13.73 41.01
CA TYR D 112 6.47 -13.45 42.39
C TYR D 112 6.61 -14.74 43.19
N LYS D 113 6.98 -14.61 44.47
CA LYS D 113 7.26 -15.78 45.27
C LYS D 113 6.01 -16.62 45.49
N ASN D 114 4.85 -15.98 45.61
CA ASN D 114 3.61 -16.69 45.90
C ASN D 114 2.88 -17.15 44.65
N GLY D 115 3.49 -16.99 43.48
CA GLY D 115 2.94 -17.49 42.25
C GLY D 115 2.28 -16.45 41.39
N SER D 116 2.06 -15.24 41.88
CA SER D 116 1.43 -14.20 41.07
C SER D 116 2.26 -13.93 39.82
N VAL D 117 1.62 -14.02 38.66
CA VAL D 117 2.27 -13.86 37.37
C VAL D 117 1.61 -12.70 36.64
N HIS D 118 2.43 -11.77 36.15
CA HIS D 118 2.00 -10.66 35.33
C HIS D 118 2.67 -10.76 33.97
N GLN D 119 1.88 -10.59 32.91
CA GLN D 119 2.40 -10.65 31.55
C GLN D 119 1.94 -9.43 30.79
N TRP D 120 2.90 -8.78 30.11
CA TRP D 120 2.62 -7.60 29.31
C TRP D 120 2.38 -8.01 27.86
N LYS D 121 1.32 -7.48 27.25
CA LYS D 121 1.06 -7.71 25.85
C LYS D 121 0.63 -6.40 25.21
N SER D 122 0.82 -6.30 23.90
CA SER D 122 0.31 -5.16 23.15
C SER D 122 -0.29 -5.67 21.86
N PHE D 123 -1.50 -5.22 21.56
CA PHE D 123 -2.22 -5.58 20.34
C PHE D 123 -2.36 -4.36 19.47
N TYR D 124 -2.19 -4.55 18.16
CA TYR D 124 -2.43 -3.53 17.16
C TYR D 124 -3.36 -4.13 16.12
N PHE D 125 -4.67 -3.78 16.08
CA PHE D 125 -5.66 -4.47 15.28
C PHE D 125 -6.75 -3.52 14.83
N ASN D 126 -7.52 -3.95 13.83
CA ASN D 126 -8.67 -3.20 13.34
C ASN D 126 -9.93 -3.60 14.10
N ILE D 127 -10.64 -2.61 14.63
CA ILE D 127 -11.91 -2.83 15.30
C ILE D 127 -12.98 -2.30 14.35
N LEU D 128 -13.88 -3.16 13.91
CA LEU D 128 -14.87 -2.73 12.93
C LEU D 128 -15.85 -1.77 13.57
N CYS D 129 -16.28 -0.78 12.78
CA CYS D 129 -17.16 0.27 13.27
C CYS D 129 -18.37 0.43 12.37
N ASP D 130 -19.49 0.83 12.97
CA ASP D 130 -20.73 1.07 12.25
C ASP D 130 -20.91 2.58 12.21
N VAL D 131 -21.25 3.11 11.05
CA VAL D 131 -21.30 4.56 10.86
C VAL D 131 -22.74 5.04 10.74
N ASN D 132 -23.05 6.09 11.48
CA ASN D 132 -24.30 6.81 11.36
C ASN D 132 -23.88 8.14 10.79
N ALA D 133 -24.16 8.36 9.51
CA ALA D 133 -23.73 9.59 8.84
C ALA D 133 -24.88 10.44 8.36
N ARG D 134 -26.02 10.40 9.04
CA ARG D 134 -27.15 11.19 8.55
C ARG D 134 -26.74 12.65 8.54
N ALA D 135 -26.06 13.08 9.60
CA ALA D 135 -25.49 14.42 9.66
C ALA D 135 -24.02 14.26 9.32
N PHE D 136 -23.60 14.86 8.22
CA PHE D 136 -22.21 14.82 7.79
C PHE D 136 -21.78 16.27 7.58
N PRO D 137 -20.62 16.69 8.09
CA PRO D 137 -19.46 16.08 8.76
C PRO D 137 -19.68 15.41 10.11
N PHE D 138 -20.69 15.76 10.90
CA PHE D 138 -20.76 15.24 12.27
C PHE D 138 -21.28 13.80 12.32
N ASP D 139 -20.54 12.92 11.65
CA ASP D 139 -20.86 11.50 11.68
C ASP D 139 -20.55 10.90 13.05
N LYS D 140 -21.22 9.81 13.38
CA LYS D 140 -21.04 9.10 14.64
C LYS D 140 -20.72 7.64 14.38
N TYR D 141 -19.73 7.10 15.08
CA TYR D 141 -19.28 5.72 14.90
C TYR D 141 -19.43 4.93 16.19
N THR D 142 -19.84 3.69 16.08
CA THR D 142 -19.89 2.77 17.21
C THR D 142 -19.08 1.54 16.83
N CYS D 143 -18.16 1.13 17.70
CA CYS D 143 -17.26 0.03 17.40
C CYS D 143 -17.31 -0.98 18.52
N GLU D 144 -17.03 -2.24 18.20
CA GLU D 144 -17.05 -3.28 19.21
C GLU D 144 -16.11 -4.42 18.81
N THR D 145 -15.50 -5.04 19.82
CA THR D 145 -14.64 -6.21 19.61
C THR D 145 -14.75 -7.07 20.86
N MET D 146 -14.39 -8.34 20.73
CA MET D 146 -14.39 -9.26 21.87
C MET D 146 -13.08 -10.02 21.97
N PHE D 147 -12.48 -10.02 23.16
CA PHE D 147 -11.27 -10.78 23.44
C PHE D 147 -11.66 -12.17 23.93
N TYR D 148 -10.92 -13.20 23.52
CA TYR D 148 -11.23 -14.56 23.92
C TYR D 148 -9.95 -15.37 24.00
N PHE D 149 -10.04 -16.51 24.67
CA PHE D 149 -8.93 -17.44 24.79
C PHE D 149 -8.78 -18.25 23.53
N ASN D 150 -7.54 -18.47 23.10
CA ASN D 150 -7.30 -19.25 21.89
C ASN D 150 -7.59 -20.73 22.11
N ASP D 151 -7.59 -21.21 23.35
CA ASP D 151 -7.62 -22.64 23.59
C ASP D 151 -8.57 -23.11 24.68
N TYR D 152 -9.20 -22.23 25.44
CA TYR D 152 -9.91 -22.61 26.66
C TYR D 152 -11.32 -22.07 26.64
N ASP D 153 -12.27 -22.89 27.10
CA ASP D 153 -13.66 -22.51 27.18
C ASP D 153 -13.99 -22.07 28.61
N ILE D 154 -15.28 -21.90 28.88
CA ILE D 154 -15.70 -21.37 30.19
C ILE D 154 -15.34 -22.34 31.31
N GLN D 155 -15.28 -23.63 31.02
CA GLN D 155 -14.98 -24.63 32.02
C GLN D 155 -13.49 -24.90 32.16
N THR D 156 -12.64 -24.13 31.47
CA THR D 156 -11.21 -24.36 31.51
C THR D 156 -10.43 -23.11 31.88
N ALA D 157 -10.91 -21.94 31.48
CA ALA D 157 -10.27 -20.68 31.83
C ALA D 157 -11.29 -19.56 31.68
N ILE D 158 -11.25 -18.60 32.60
CA ILE D 158 -12.26 -17.56 32.67
C ILE D 158 -11.61 -16.22 32.97
N PHE D 159 -12.13 -15.15 32.35
CA PHE D 159 -11.74 -13.79 32.68
C PHE D 159 -12.40 -13.40 34.00
N SER D 160 -11.59 -13.17 35.03
CA SER D 160 -12.12 -12.75 36.31
C SER D 160 -12.39 -11.25 36.38
N SER D 161 -11.86 -10.48 35.43
CA SER D 161 -12.12 -9.05 35.37
C SER D 161 -11.71 -8.55 34.00
N PHE D 162 -12.22 -7.37 33.65
CA PHE D 162 -11.88 -6.74 32.39
C PHE D 162 -12.10 -5.24 32.56
N ARG D 163 -11.00 -4.50 32.70
CA ARG D 163 -11.06 -3.07 32.92
C ARG D 163 -10.26 -2.37 31.83
N CYS D 164 -10.79 -1.24 31.37
CA CYS D 164 -10.10 -0.45 30.36
C CYS D 164 -9.94 0.98 30.84
N ILE D 165 -8.81 1.58 30.49
CA ILE D 165 -8.55 2.99 30.72
C ILE D 165 -8.09 3.59 29.39
N SER D 166 -7.75 4.87 29.43
CA SER D 166 -7.29 5.57 28.25
C SER D 166 -6.05 6.38 28.58
N SER D 167 -5.29 6.70 27.54
CA SER D 167 -4.04 7.42 27.70
C SER D 167 -4.25 8.93 27.85
N THR D 168 -5.50 9.39 27.81
CA THR D 168 -5.91 10.79 27.95
C THR D 168 -5.64 11.58 26.69
N ASP D 169 -4.98 11.01 25.68
CA ASP D 169 -4.71 11.69 24.43
C ASP D 169 -5.45 11.04 23.27
N LEU D 170 -6.48 10.25 23.56
CA LEU D 170 -7.31 9.71 22.49
C LEU D 170 -8.18 10.79 21.86
N SER D 171 -8.84 11.59 22.70
CA SER D 171 -9.81 12.57 22.24
C SER D 171 -9.18 13.93 21.97
N ARG D 172 -7.85 14.03 22.03
CA ARG D 172 -7.18 15.30 21.79
C ARG D 172 -7.19 15.72 20.33
N LYS D 173 -7.55 14.83 19.41
CA LYS D 173 -7.48 15.11 17.98
C LYS D 173 -8.77 14.69 17.27
N ALA D 174 -9.71 15.62 17.18
CA ALA D 174 -10.84 15.52 16.26
C ALA D 174 -11.69 14.28 16.50
N TRP D 175 -11.84 13.88 17.77
CA TRP D 175 -12.74 12.78 18.10
C TRP D 175 -13.11 12.87 19.57
N TYR D 176 -14.39 12.73 19.89
CA TYR D 176 -14.85 12.40 21.23
C TYR D 176 -14.88 10.88 21.32
N VAL D 177 -14.03 10.31 22.17
CA VAL D 177 -13.90 8.87 22.31
C VAL D 177 -14.42 8.49 23.69
N SER D 178 -15.41 7.59 23.72
CA SER D 178 -15.92 7.06 24.96
C SER D 178 -15.94 5.55 24.87
N PHE D 179 -15.32 4.88 25.83
CA PHE D 179 -15.16 3.43 25.80
C PHE D 179 -15.85 2.81 27.00
N SER D 180 -16.21 1.53 26.85
CA SER D 180 -16.74 0.74 27.94
C SER D 180 -16.42 -0.72 27.69
N CYS D 181 -16.01 -1.43 28.73
CA CYS D 181 -15.68 -2.83 28.59
C CYS D 181 -16.05 -3.60 29.83
N ASP D 182 -16.55 -4.81 29.62
CA ASP D 182 -16.92 -5.70 30.71
C ASP D 182 -16.90 -7.12 30.16
N THR D 183 -16.87 -8.08 31.08
CA THR D 183 -16.72 -9.49 30.70
C THR D 183 -18.10 -10.12 30.49
N LYS D 184 -18.24 -10.85 29.39
CA LYS D 184 -19.45 -11.56 29.03
C LYS D 184 -19.16 -13.06 28.99
N ILE D 185 -20.24 -13.85 28.94
CA ILE D 185 -20.14 -15.30 28.83
C ILE D 185 -20.67 -15.67 27.46
N GLY D 186 -19.76 -15.94 26.52
CA GLY D 186 -20.15 -16.30 25.18
C GLY D 186 -20.50 -17.77 25.06
N GLU D 187 -20.89 -18.14 23.84
CA GLU D 187 -21.27 -19.53 23.59
C GLU D 187 -20.09 -20.47 23.77
N GLU D 188 -18.91 -20.07 23.30
CA GLU D 188 -17.75 -20.93 23.28
C GLU D 188 -16.70 -20.56 24.31
N GLY D 189 -16.98 -19.63 25.20
CA GLY D 189 -16.06 -19.31 26.27
C GLY D 189 -16.32 -17.94 26.85
N SER D 190 -15.51 -17.62 27.86
CA SER D 190 -15.57 -16.31 28.48
C SER D 190 -14.99 -15.27 27.53
N LEU D 191 -15.71 -14.17 27.34
CA LEU D 191 -15.29 -13.11 26.43
C LEU D 191 -15.11 -11.82 27.20
N GLY D 192 -14.21 -10.98 26.72
CA GLY D 192 -14.09 -9.63 27.24
C GLY D 192 -14.50 -8.63 26.20
N GLN D 193 -15.62 -7.95 26.40
CA GLN D 193 -16.12 -7.02 25.42
C GLN D 193 -15.38 -5.68 25.51
N LEU D 194 -15.29 -4.98 24.38
CA LEU D 194 -14.72 -3.64 24.34
C LEU D 194 -15.49 -2.86 23.31
N SER D 195 -16.18 -1.80 23.75
CA SER D 195 -17.03 -0.98 22.89
C SER D 195 -16.50 0.44 22.90
N LEU D 196 -16.35 1.02 21.71
CA LEU D 196 -15.90 2.38 21.54
C LEU D 196 -16.99 3.18 20.85
N LYS D 197 -17.06 4.47 21.18
CA LYS D 197 -17.96 5.41 20.51
C LYS D 197 -17.14 6.62 20.13
N LEU D 198 -17.09 6.90 18.83
CA LEU D 198 -16.36 8.04 18.30
C LEU D 198 -17.36 9.04 17.74
N VAL D 199 -17.21 10.30 18.11
CA VAL D 199 -18.04 11.38 17.59
C VAL D 199 -17.12 12.45 17.02
N ARG D 200 -17.27 12.74 15.74
CA ARG D 200 -16.38 13.70 15.11
C ARG D 200 -16.56 15.07 15.74
N LYS D 201 -15.45 15.88 15.74
CA LYS D 201 -15.46 17.23 16.29
C LYS D 201 -15.83 18.23 15.19
N VAL D 202 -15.79 19.51 15.52
CA VAL D 202 -16.21 20.56 14.60
C VAL D 202 -15.01 21.29 14.00
N SER D 203 -14.05 20.54 13.47
CA SER D 203 -12.84 21.15 12.93
C SER D 203 -13.15 21.95 11.66
N LEU D 204 -12.35 23.00 11.43
CA LEU D 204 -12.52 23.81 10.23
C LEU D 204 -12.32 22.99 8.97
N GLN D 205 -11.33 22.10 8.98
CA GLN D 205 -11.06 21.30 7.79
C GLN D 205 -12.25 20.41 7.44
N CYS D 206 -12.89 19.83 8.45
CA CYS D 206 -14.06 19.01 8.20
C CYS D 206 -15.21 19.85 7.63
N LEU D 207 -15.40 21.05 8.14
CA LEU D 207 -16.48 21.91 7.67
C LEU D 207 -16.21 22.50 6.29
N SER D 208 -14.99 22.40 5.79
CA SER D 208 -14.70 22.90 4.45
C SER D 208 -15.51 22.15 3.40
N VAL D 209 -15.84 20.89 3.66
CA VAL D 209 -16.65 20.11 2.73
C VAL D 209 -18.01 20.74 2.50
N LEU D 210 -18.42 21.69 3.36
CA LEU D 210 -19.69 22.36 3.13
C LEU D 210 -19.59 23.42 2.05
N LEU D 211 -18.43 23.97 1.81
CA LEU D 211 -18.30 25.06 0.85
C LEU D 211 -18.81 24.69 -0.53
N PRO D 212 -18.47 23.54 -1.11
CA PRO D 212 -19.09 23.17 -2.39
C PRO D 212 -20.60 23.31 -2.35
N LEU D 213 -21.24 22.77 -1.29
CA LEU D 213 -22.67 22.94 -1.14
C LEU D 213 -23.06 24.41 -1.10
N PHE D 214 -22.13 25.29 -0.72
CA PHE D 214 -22.39 26.71 -0.80
C PHE D 214 -22.24 27.19 -2.24
N ILE D 215 -21.12 26.83 -2.89
CA ILE D 215 -20.84 27.34 -4.23
C ILE D 215 -22.05 27.14 -5.13
N PHE D 216 -22.43 25.88 -5.34
CA PHE D 216 -23.52 25.60 -6.25
C PHE D 216 -24.76 26.37 -5.85
N PHE D 217 -25.05 26.42 -4.55
CA PHE D 217 -26.19 27.20 -4.10
C PHE D 217 -26.17 28.58 -4.72
N ILE D 218 -25.08 29.32 -4.51
CA ILE D 218 -24.94 30.63 -5.15
C ILE D 218 -25.17 30.48 -6.64
N LEU D 219 -24.34 29.67 -7.28
CA LEU D 219 -24.43 29.53 -8.73
C LEU D 219 -25.88 29.26 -9.11
N ASN D 220 -26.57 28.45 -8.31
CA ASN D 220 -27.95 28.10 -8.62
C ASN D 220 -28.79 29.35 -8.74
N ILE D 221 -28.92 30.11 -7.65
CA ILE D 221 -29.75 31.31 -7.75
C ILE D 221 -29.16 32.24 -8.79
N MET D 222 -27.84 32.14 -9.03
CA MET D 222 -27.18 33.02 -9.98
C MET D 222 -27.51 32.68 -11.43
N ILE D 223 -28.12 31.52 -11.73
CA ILE D 223 -28.66 31.37 -13.07
C ILE D 223 -29.85 32.30 -13.27
N GLY D 224 -30.62 32.56 -12.21
CA GLY D 224 -31.84 33.33 -12.38
C GLY D 224 -31.60 34.73 -12.91
N TYR D 225 -30.64 35.42 -12.36
CA TYR D 225 -30.44 36.84 -12.64
C TYR D 225 -29.30 37.01 -13.64
N LEU D 226 -29.64 36.85 -14.93
CA LEU D 226 -28.66 36.86 -16.00
C LEU D 226 -29.29 37.36 -17.29
N PRO D 227 -28.53 37.48 -18.38
CA PRO D 227 -29.11 37.98 -19.62
C PRO D 227 -30.09 37.00 -20.24
N ILE D 228 -31.31 36.99 -19.70
CA ILE D 228 -32.36 36.11 -20.20
C ILE D 228 -32.59 36.36 -21.69
N GLU D 229 -32.39 37.60 -22.14
CA GLU D 229 -32.39 37.89 -23.57
C GLU D 229 -31.40 37.00 -24.31
N SER D 230 -30.20 36.85 -23.77
CA SER D 230 -29.21 35.95 -24.36
C SER D 230 -29.51 34.52 -23.98
N GLY D 231 -29.28 33.61 -24.93
CA GLY D 231 -29.41 32.19 -24.66
C GLY D 231 -28.29 31.61 -23.82
N GLU D 232 -27.20 32.36 -23.64
CA GLU D 232 -26.08 31.93 -22.81
C GLU D 232 -26.59 31.25 -21.56
N LYS D 233 -27.64 31.82 -20.97
CA LYS D 233 -28.23 31.31 -19.75
C LYS D 233 -28.31 29.79 -19.79
N VAL D 234 -29.05 29.24 -20.77
CA VAL D 234 -29.27 27.80 -20.80
C VAL D 234 -27.93 27.09 -20.77
N THR D 235 -27.01 27.50 -21.64
CA THR D 235 -25.70 26.89 -21.68
C THR D 235 -25.04 26.96 -20.32
N PHE D 236 -24.99 28.16 -19.74
CA PHE D 236 -24.38 28.31 -18.42
C PHE D 236 -25.00 27.31 -17.46
N ALA D 237 -26.35 27.28 -17.38
CA ALA D 237 -27.02 26.34 -16.49
C ALA D 237 -26.51 24.93 -16.75
N THR D 238 -26.54 24.49 -18.00
CA THR D 238 -26.05 23.16 -18.33
C THR D 238 -24.66 22.95 -17.74
N THR D 239 -23.76 23.91 -17.99
CA THR D 239 -22.41 23.78 -17.45
C THR D 239 -22.46 23.51 -15.97
N VAL D 240 -23.17 24.35 -15.22
CA VAL D 240 -23.24 24.16 -13.77
C VAL D 240 -23.72 22.75 -13.48
N PHE D 241 -24.81 22.35 -14.12
CA PHE D 241 -25.35 21.03 -13.88
C PHE D 241 -24.26 19.99 -14.00
N LEU D 242 -23.53 20.02 -15.11
CA LEU D 242 -22.48 19.04 -15.31
C LEU D 242 -21.54 19.03 -14.12
N SER D 243 -20.97 20.20 -13.80
CA SER D 243 -20.05 20.26 -12.68
C SER D 243 -20.67 19.61 -11.47
N ASN D 244 -21.90 20.00 -11.15
CA ASN D 244 -22.55 19.48 -9.95
C ASN D 244 -22.53 17.97 -9.97
N VAL D 245 -23.01 17.35 -11.05
CA VAL D 245 -23.09 15.89 -11.06
C VAL D 245 -21.70 15.31 -10.89
N ILE D 246 -20.72 15.86 -11.60
CA ILE D 246 -19.36 15.35 -11.45
C ILE D 246 -18.94 15.44 -10.00
N TYR D 247 -19.20 16.59 -9.36
CA TYR D 247 -18.82 16.72 -7.97
C TYR D 247 -19.46 15.63 -7.13
N ILE D 248 -20.73 15.31 -7.39
CA ILE D 248 -21.39 14.28 -6.61
C ILE D 248 -20.58 12.99 -6.68
N ASP D 249 -20.11 12.62 -7.87
CA ASP D 249 -19.21 11.50 -7.98
C ASP D 249 -18.09 11.62 -6.97
N ASN D 250 -17.29 12.69 -7.09
CA ASN D 250 -16.19 12.89 -6.15
C ASN D 250 -16.68 12.89 -4.71
N LEU D 251 -17.89 13.41 -4.48
CA LEU D 251 -18.42 13.44 -3.12
C LEU D 251 -18.65 12.03 -2.59
N SER D 252 -19.18 11.14 -3.42
CA SER D 252 -19.50 9.80 -2.96
C SER D 252 -18.25 9.04 -2.53
N LYS D 253 -17.08 9.41 -3.03
CA LYS D 253 -15.85 8.74 -2.65
C LYS D 253 -15.34 9.16 -1.29
N GLN D 254 -15.92 10.19 -0.68
CA GLN D 254 -15.56 10.62 0.67
C GLN D 254 -16.57 10.19 1.72
N LEU D 255 -17.86 10.19 1.38
CA LEU D 255 -18.87 9.88 2.39
C LEU D 255 -18.64 8.49 2.94
N PRO D 256 -18.88 8.26 4.23
CA PRO D 256 -18.80 6.90 4.77
C PRO D 256 -19.57 5.92 3.89
N LYS D 257 -18.88 4.91 3.39
CA LYS D 257 -19.41 4.15 2.26
C LYS D 257 -20.75 3.51 2.57
N GLU D 258 -21.02 3.24 3.85
CA GLU D 258 -22.23 2.50 4.23
C GLU D 258 -22.71 3.06 5.56
N SER D 259 -23.69 3.96 5.50
CA SER D 259 -24.24 4.60 6.68
C SER D 259 -25.59 3.98 7.02
N SER D 260 -25.96 4.06 8.30
CA SER D 260 -27.28 3.60 8.69
C SER D 260 -28.37 4.44 8.06
N GLU D 261 -28.04 5.67 7.66
CA GLU D 261 -28.99 6.56 7.02
C GLU D 261 -28.25 7.39 5.98
N ILE D 262 -28.98 7.88 5.00
CA ILE D 262 -28.38 8.67 3.92
C ILE D 262 -27.98 10.05 4.45
N PRO D 263 -26.76 10.51 4.21
CA PRO D 263 -26.37 11.84 4.70
C PRO D 263 -27.12 12.94 3.99
N LEU D 264 -27.37 14.02 4.72
CA LEU D 264 -28.16 15.11 4.17
C LEU D 264 -27.39 15.92 3.13
N ILE D 265 -26.05 15.94 3.22
CA ILE D 265 -25.27 16.68 2.24
C ILE D 265 -25.51 16.12 0.85
N PHE D 266 -25.54 14.80 0.73
CA PHE D 266 -25.78 14.19 -0.58
C PHE D 266 -27.16 14.55 -1.11
N LEU D 267 -28.16 14.53 -0.24
CA LEU D 267 -29.51 14.90 -0.68
C LEU D 267 -29.55 16.35 -1.15
N CYS D 268 -28.88 17.24 -0.42
CA CYS D 268 -28.86 18.64 -0.83
C CYS D 268 -28.21 18.80 -2.19
N HIS D 269 -27.09 18.11 -2.41
CA HIS D 269 -26.42 18.22 -3.71
C HIS D 269 -27.28 17.65 -4.82
N ILE D 270 -27.94 16.52 -4.57
CA ILE D 270 -28.83 15.95 -5.58
C ILE D 270 -29.94 16.94 -5.90
N PHE D 271 -30.52 17.55 -4.87
CA PHE D 271 -31.58 18.51 -5.10
C PHE D 271 -31.08 19.68 -5.93
N LEU D 272 -29.89 20.19 -5.62
CA LEU D 272 -29.36 21.32 -6.39
C LEU D 272 -29.13 20.95 -7.83
N ALA D 273 -28.55 19.77 -8.08
CA ALA D 273 -28.29 19.36 -9.46
C ALA D 273 -29.59 19.19 -10.23
N PHE D 274 -30.57 18.54 -9.61
CA PHE D 274 -31.85 18.35 -10.27
C PHE D 274 -32.51 19.69 -10.57
N LEU D 275 -32.45 20.62 -9.62
CA LEU D 275 -33.06 21.93 -9.83
C LEU D 275 -32.36 22.68 -10.95
N SER D 276 -31.03 22.61 -11.01
CA SER D 276 -30.32 23.30 -12.08
C SER D 276 -30.66 22.73 -13.44
N GLY D 277 -30.72 21.40 -13.55
CA GLY D 277 -31.09 20.79 -14.80
C GLY D 277 -32.49 21.19 -15.23
N LEU D 278 -33.44 21.11 -14.29
CA LEU D 278 -34.80 21.52 -14.62
C LEU D 278 -34.87 23.00 -14.98
N SER D 279 -34.05 23.83 -14.36
CA SER D 279 -34.04 25.25 -14.70
C SER D 279 -33.57 25.45 -16.14
N ALA D 280 -32.52 24.75 -16.54
CA ALA D 280 -32.07 24.84 -17.92
C ALA D 280 -33.16 24.40 -18.87
N VAL D 281 -33.80 23.26 -18.57
CA VAL D 281 -34.87 22.76 -19.43
C VAL D 281 -36.00 23.77 -19.51
N GLY D 282 -36.38 24.34 -18.37
CA GLY D 282 -37.49 25.27 -18.35
C GLY D 282 -37.20 26.54 -19.12
N THR D 283 -36.00 27.09 -18.97
CA THR D 283 -35.66 28.29 -19.71
C THR D 283 -35.64 28.02 -21.22
N ILE D 284 -35.11 26.87 -21.64
CA ILE D 284 -35.10 26.59 -23.07
C ILE D 284 -36.51 26.35 -23.58
N ILE D 285 -37.36 25.71 -22.76
CA ILE D 285 -38.75 25.50 -23.16
C ILE D 285 -39.46 26.83 -23.32
N THR D 286 -39.27 27.74 -22.36
CA THR D 286 -39.86 29.08 -22.47
C THR D 286 -39.36 29.78 -23.73
N SER D 287 -38.08 29.62 -24.04
CA SER D 287 -37.55 30.17 -25.28
C SER D 287 -38.23 29.55 -26.50
N LYS D 288 -38.67 28.29 -26.38
CA LYS D 288 -39.41 27.68 -27.48
C LYS D 288 -40.72 28.43 -27.74
N ILE D 289 -41.38 28.89 -26.68
CA ILE D 289 -42.66 29.58 -26.80
C ILE D 289 -42.47 31.02 -26.35
N ILE D 367 -42.66 31.45 -12.91
CA ILE D 367 -41.86 30.28 -12.63
C ILE D 367 -40.64 30.67 -11.80
N LEU D 368 -40.10 31.85 -12.08
CA LEU D 368 -38.93 32.33 -11.35
C LEU D 368 -39.21 32.36 -9.85
N TYR D 369 -40.21 33.15 -9.44
CA TYR D 369 -40.50 33.30 -8.02
C TYR D 369 -40.89 31.96 -7.40
N ILE D 370 -41.63 31.13 -8.13
CA ILE D 370 -42.01 29.82 -7.61
C ILE D 370 -40.77 28.97 -7.38
N MET D 371 -39.83 28.98 -8.33
CA MET D 371 -38.60 28.22 -8.17
C MET D 371 -37.81 28.70 -6.96
N THR D 372 -37.69 30.02 -6.79
CA THR D 372 -36.98 30.55 -5.63
C THR D 372 -37.66 30.13 -4.33
N PHE D 373 -39.00 30.18 -4.29
CA PHE D 373 -39.72 29.77 -3.09
C PHE D 373 -39.47 28.31 -2.77
N ILE D 374 -39.54 27.44 -3.78
CA ILE D 374 -39.32 26.02 -3.55
C ILE D 374 -37.90 25.77 -3.06
N SER D 375 -36.92 26.43 -3.68
CA SER D 375 -35.54 26.30 -3.24
C SER D 375 -35.39 26.70 -1.78
N ILE D 376 -35.96 27.86 -1.42
CA ILE D 376 -35.83 28.35 -0.05
C ILE D 376 -36.47 27.37 0.91
N LEU D 377 -37.67 26.89 0.59
CA LEU D 377 -38.37 25.98 1.49
C LEU D 377 -37.56 24.71 1.72
N CYS D 378 -37.14 24.04 0.64
CA CYS D 378 -36.42 22.79 0.81
C CYS D 378 -35.09 22.99 1.52
N ALA D 379 -34.33 24.03 1.13
CA ALA D 379 -33.04 24.27 1.76
C ALA D 379 -33.21 24.58 3.24
N LEU D 380 -34.20 25.40 3.60
CA LEU D 380 -34.41 25.71 5.00
C LEU D 380 -34.84 24.49 5.79
N VAL D 381 -35.67 23.62 5.21
CA VAL D 381 -36.08 22.40 5.89
C VAL D 381 -34.85 21.52 6.18
N PHE D 382 -34.02 21.33 5.16
CA PHE D 382 -32.85 20.47 5.34
C PHE D 382 -31.87 21.08 6.34
N THR D 383 -31.66 22.40 6.29
CA THR D 383 -30.78 23.04 7.25
C THR D 383 -31.34 22.99 8.66
N SER D 384 -32.67 23.08 8.80
CA SER D 384 -33.27 22.93 10.13
C SER D 384 -33.05 21.52 10.66
N LEU D 385 -33.17 20.51 9.80
CA LEU D 385 -32.86 19.15 10.21
C LEU D 385 -31.38 19.03 10.63
N PHE D 386 -30.50 19.68 9.87
CA PHE D 386 -29.08 19.66 10.20
C PHE D 386 -28.82 20.30 11.56
N PHE D 387 -29.48 21.43 11.83
CA PHE D 387 -29.36 22.06 13.15
C PHE D 387 -29.91 21.14 14.24
N GLU D 388 -31.01 20.45 13.95
CA GLU D 388 -31.59 19.53 14.92
C GLU D 388 -30.61 18.42 15.27
N SER D 389 -29.88 17.91 14.28
CA SER D 389 -28.88 16.88 14.52
C SER D 389 -27.52 17.44 14.92
N PHE D 390 -27.38 18.76 14.95
CA PHE D 390 -26.12 19.38 15.31
C PHE D 390 -25.70 19.00 16.73
N LEU D 391 -24.39 18.83 16.93
CA LEU D 391 -23.81 18.56 18.23
C LEU D 391 -22.85 19.69 18.57
N ASP D 392 -23.21 20.49 19.57
CA ASP D 392 -22.39 21.63 20.00
C ASP D 392 -21.89 22.43 18.80
N CYS E 1 -11.83 -35.32 38.61
CA CYS E 1 -11.06 -34.35 39.43
C CYS E 1 -9.56 -34.61 39.30
N TRP E 2 -9.08 -34.70 38.07
CA TRP E 2 -7.69 -35.05 37.84
C TRP E 2 -6.78 -33.92 38.32
N THR E 3 -5.69 -34.31 38.99
CA THR E 3 -4.75 -33.36 39.55
C THR E 3 -3.63 -33.11 38.55
N TYR E 4 -2.78 -32.12 38.87
CA TYR E 4 -1.73 -31.72 37.96
C TYR E 4 -0.76 -32.87 37.69
N GLU E 5 -0.44 -33.65 38.72
CA GLU E 5 0.56 -34.71 38.56
C GLU E 5 0.11 -35.78 37.59
N GLU E 6 -1.17 -36.18 37.66
CA GLU E 6 -1.62 -37.22 36.75
C GLU E 6 -1.84 -36.71 35.33
N GLU E 7 -2.19 -35.45 35.13
CA GLU E 7 -2.20 -34.92 33.77
C GLU E 7 -0.79 -34.79 33.22
N TYR E 8 0.18 -34.43 34.06
CA TYR E 8 1.58 -34.44 33.64
C TYR E 8 1.99 -35.84 33.20
N TYR E 9 1.68 -36.84 34.02
CA TYR E 9 2.02 -38.20 33.68
C TYR E 9 1.35 -38.64 32.39
N PHE E 10 0.08 -38.26 32.20
CA PHE E 10 -0.61 -38.61 30.96
C PHE E 10 0.06 -37.97 29.75
N ARG E 11 0.26 -36.66 29.79
CA ARG E 11 0.90 -35.99 28.68
C ARG E 11 2.26 -36.59 28.37
N SER E 12 2.93 -37.15 29.39
CA SER E 12 4.23 -37.75 29.15
C SER E 12 4.14 -39.12 28.46
N ASN E 13 3.02 -39.82 28.58
CA ASN E 13 2.92 -41.20 28.11
C ASN E 13 1.62 -41.45 27.37
N PHE E 14 1.27 -40.57 26.43
CA PHE E 14 0.10 -40.81 25.58
C PHE E 14 0.42 -40.66 24.09
N LEU E 15 1.69 -40.45 23.75
CA LEU E 15 2.15 -40.44 22.37
C LEU E 15 3.33 -41.38 22.22
N GLN E 16 3.26 -42.55 22.86
CA GLN E 16 4.44 -43.41 22.97
C GLN E 16 4.90 -43.91 21.61
N GLN E 17 3.99 -44.50 20.84
CA GLN E 17 4.32 -45.10 19.55
C GLN E 17 3.62 -44.35 18.43
N TYR E 18 3.64 -43.03 18.50
CA TYR E 18 2.88 -42.17 17.61
C TYR E 18 3.81 -41.34 16.76
N ASN E 19 3.56 -41.32 15.46
CA ASN E 19 4.29 -40.49 14.51
C ASN E 19 3.29 -39.54 13.88
N LYS E 20 3.52 -38.23 14.06
CA LYS E 20 2.55 -37.26 13.58
C LYS E 20 2.58 -37.12 12.07
N ASP E 21 3.54 -37.73 11.39
CA ASP E 21 3.59 -37.71 9.94
C ASP E 21 2.65 -38.73 9.31
N ILE E 22 2.15 -39.68 10.09
CA ILE E 22 1.33 -40.78 9.58
C ILE E 22 -0.13 -40.44 9.86
N ARG E 23 -0.99 -40.66 8.87
CA ARG E 23 -2.40 -40.50 9.10
C ARG E 23 -2.84 -41.45 10.22
N PRO E 24 -3.61 -40.99 11.19
CA PRO E 24 -3.94 -41.87 12.32
C PRO E 24 -5.06 -42.86 12.00
N LEU E 25 -4.68 -43.93 11.30
CA LEU E 25 -5.61 -45.00 10.94
C LEU E 25 -4.97 -46.33 11.27
N ASN E 26 -5.80 -47.33 11.53
CA ASN E 26 -5.31 -48.68 11.74
C ASN E 26 -5.10 -49.45 10.44
N ASP E 27 -5.70 -48.99 9.35
CA ASP E 27 -5.51 -49.58 8.02
C ASP E 27 -5.35 -48.42 7.06
N LEU E 28 -4.12 -48.17 6.63
CA LEU E 28 -3.79 -46.94 5.94
C LEU E 28 -4.13 -46.98 4.45
N SER E 29 -4.70 -48.06 3.94
CA SER E 29 -5.07 -48.13 2.54
C SER E 29 -6.38 -47.43 2.23
N LYS E 30 -7.12 -47.00 3.23
CA LYS E 30 -8.38 -46.31 3.03
C LYS E 30 -8.23 -44.85 3.42
N PRO E 31 -9.02 -43.95 2.86
CA PRO E 31 -8.86 -42.54 3.18
C PRO E 31 -9.28 -42.24 4.61
N ILE E 32 -8.72 -41.16 5.15
CA ILE E 32 -9.13 -40.63 6.44
C ILE E 32 -10.19 -39.58 6.20
N SER E 33 -11.32 -39.71 6.88
CA SER E 33 -12.46 -38.83 6.66
C SER E 33 -12.36 -37.63 7.58
N VAL E 34 -12.29 -36.44 6.99
CA VAL E 34 -12.20 -35.19 7.73
C VAL E 34 -13.42 -34.36 7.38
N GLY E 35 -14.18 -33.97 8.39
CA GLY E 35 -15.35 -33.14 8.21
C GLY E 35 -15.01 -31.68 8.43
N ILE E 36 -15.76 -30.80 7.76
CA ILE E 36 -15.51 -29.37 7.86
C ILE E 36 -16.82 -28.65 8.11
N HIS E 37 -16.72 -27.51 8.79
CA HIS E 37 -17.87 -26.66 9.12
C HIS E 37 -17.39 -25.23 9.04
N LEU E 38 -17.86 -24.49 8.03
CA LEU E 38 -17.32 -23.18 7.69
C LEU E 38 -18.31 -22.09 8.03
N GLU E 39 -17.80 -20.89 8.29
CA GLU E 39 -18.63 -19.72 8.55
C GLU E 39 -17.97 -18.50 7.95
N ILE E 40 -18.57 -17.92 6.91
CA ILE E 40 -18.07 -16.67 6.37
C ILE E 40 -18.36 -15.57 7.39
N ALA E 41 -17.31 -15.02 8.00
CA ALA E 41 -17.48 -14.06 9.08
C ALA E 41 -17.57 -12.62 8.59
N LYS E 42 -16.71 -12.22 7.66
CA LYS E 42 -16.69 -10.85 7.18
C LYS E 42 -16.21 -10.85 5.73
N MET E 43 -16.48 -9.74 5.05
CA MET E 43 -15.96 -9.50 3.71
C MET E 43 -15.57 -8.04 3.58
N ASN E 44 -14.59 -7.78 2.72
CA ASN E 44 -14.00 -6.46 2.58
C ASN E 44 -14.38 -5.71 1.31
N ASP E 45 -14.57 -6.43 0.21
CA ASP E 45 -15.06 -5.85 -1.04
C ASP E 45 -14.48 -4.47 -1.34
N PHE E 46 -13.21 -4.24 -0.98
CA PHE E 46 -12.57 -2.98 -1.34
C PHE E 46 -12.16 -3.00 -2.81
N ASN E 47 -11.52 -4.07 -3.24
CA ASN E 47 -11.11 -4.25 -4.62
C ASN E 47 -12.17 -4.94 -5.45
N LEU E 48 -13.41 -5.01 -4.95
CA LEU E 48 -14.45 -5.75 -5.67
C LEU E 48 -14.60 -5.24 -7.08
N ALA E 49 -14.30 -3.96 -7.33
CA ALA E 49 -14.35 -3.46 -8.69
C ALA E 49 -13.35 -4.19 -9.57
N GLU E 50 -12.16 -4.47 -9.04
CA GLU E 50 -11.17 -5.23 -9.78
C GLU E 50 -11.51 -6.71 -9.88
N GLY E 51 -12.50 -7.18 -9.15
CA GLY E 51 -12.90 -8.57 -9.21
C GLY E 51 -12.35 -9.44 -8.11
N ARG E 52 -11.92 -8.87 -6.99
CA ARG E 52 -11.39 -9.64 -5.87
C ARG E 52 -12.14 -9.27 -4.61
N LEU E 53 -12.76 -10.25 -3.97
CA LEU E 53 -13.45 -10.07 -2.71
C LEU E 53 -12.64 -10.76 -1.63
N LYS E 54 -12.37 -10.05 -0.54
CA LYS E 54 -11.55 -10.55 0.55
C LYS E 54 -12.46 -10.95 1.70
N ILE E 55 -12.58 -12.25 1.97
CA ILE E 55 -13.48 -12.76 2.98
C ILE E 55 -12.68 -13.45 4.06
N GLN E 56 -13.26 -13.51 5.25
CA GLN E 56 -12.69 -14.21 6.39
C GLN E 56 -13.64 -15.31 6.81
N THR E 57 -13.12 -16.53 6.91
CA THR E 57 -13.92 -17.69 7.24
C THR E 57 -13.33 -18.40 8.45
N TYR E 58 -14.20 -19.04 9.23
CA TYR E 58 -13.81 -19.82 10.39
C TYR E 58 -14.17 -21.27 10.16
N LEU E 59 -13.20 -22.15 10.35
CA LEU E 59 -13.37 -23.58 10.09
C LEU E 59 -13.28 -24.37 11.39
N ILE E 60 -14.04 -25.46 11.46
CA ILE E 60 -13.95 -26.43 12.54
C ILE E 60 -13.77 -27.79 11.89
N LEU E 61 -12.52 -28.20 11.69
CA LEU E 61 -12.24 -29.52 11.16
C LEU E 61 -12.46 -30.56 12.25
N GLN E 62 -13.04 -31.70 11.86
CA GLN E 62 -13.33 -32.77 12.80
C GLN E 62 -12.97 -34.10 12.16
N TRP E 63 -12.19 -34.91 12.87
CA TRP E 63 -11.84 -36.23 12.40
C TRP E 63 -11.67 -37.14 13.60
N TYR E 64 -11.31 -38.40 13.33
CA TYR E 64 -11.13 -39.40 14.38
C TYR E 64 -9.69 -39.91 14.34
N ASP E 65 -8.99 -39.74 15.46
CA ASP E 65 -7.66 -40.32 15.64
C ASP E 65 -7.84 -41.70 16.24
N GLU E 66 -7.49 -42.72 15.48
CA GLU E 66 -7.67 -44.09 15.92
C GLU E 66 -6.55 -44.59 16.81
N LYS E 67 -5.56 -43.75 17.10
CA LYS E 67 -4.40 -44.15 17.88
C LYS E 67 -4.26 -43.42 19.21
N ILE E 68 -5.15 -42.48 19.52
CA ILE E 68 -5.02 -41.69 20.74
C ILE E 68 -6.28 -41.89 21.58
N PHE E 69 -6.86 -43.07 21.52
CA PHE E 69 -8.01 -43.41 22.35
C PHE E 69 -7.55 -43.91 23.71
N TRP E 70 -8.14 -43.37 24.77
CA TRP E 70 -7.91 -43.83 26.14
C TRP E 70 -9.25 -43.86 26.85
N ASN E 71 -9.23 -44.26 28.13
CA ASN E 71 -10.45 -44.29 28.93
C ASN E 71 -10.16 -43.78 30.33
N GLU E 72 -11.21 -43.28 30.98
CA GLU E 72 -11.05 -42.62 32.27
C GLU E 72 -10.59 -43.57 33.37
N SER E 73 -10.77 -44.88 33.18
CA SER E 73 -10.41 -45.81 34.25
C SER E 73 -8.93 -45.68 34.62
N THR E 74 -8.07 -45.44 33.63
CA THR E 74 -6.65 -45.27 33.88
C THR E 74 -6.18 -43.82 33.87
N TYR E 75 -6.83 -42.96 33.07
CA TYR E 75 -6.48 -41.54 32.99
C TYR E 75 -7.74 -40.72 33.19
N PRO E 76 -8.01 -40.24 34.41
CA PRO E 76 -9.28 -39.54 34.65
C PRO E 76 -9.38 -38.19 33.96
N ILE E 77 -9.17 -38.17 32.64
CA ILE E 77 -9.27 -36.96 31.84
C ILE E 77 -10.31 -37.20 30.76
N PRO E 78 -11.38 -36.41 30.68
CA PRO E 78 -12.37 -36.62 29.62
C PRO E 78 -11.99 -36.03 28.28
N LYS E 79 -11.14 -35.01 28.27
CA LYS E 79 -10.67 -34.42 27.02
C LYS E 79 -9.43 -33.61 27.33
N LEU E 80 -8.71 -33.23 26.28
CA LEU E 80 -7.46 -32.51 26.43
C LEU E 80 -7.30 -31.53 25.28
N MET E 81 -6.45 -30.54 25.51
CA MET E 81 -6.02 -29.60 24.48
C MET E 81 -4.56 -29.87 24.19
N VAL E 82 -4.26 -30.25 22.95
CA VAL E 82 -2.91 -30.65 22.56
C VAL E 82 -2.48 -29.80 21.37
N SER E 83 -1.20 -29.41 21.36
CA SER E 83 -0.71 -28.48 20.36
C SER E 83 -0.70 -29.11 18.97
N SER E 84 -0.72 -28.25 17.95
CA SER E 84 -0.81 -28.70 16.58
C SER E 84 0.44 -29.41 16.10
N LYS E 85 1.53 -29.34 16.84
CA LYS E 85 2.78 -30.00 16.47
C LYS E 85 3.07 -31.22 17.33
N LYS E 86 2.04 -31.81 17.93
CA LYS E 86 2.18 -33.05 18.68
C LYS E 86 1.48 -34.22 18.03
N ILE E 87 0.38 -33.98 17.30
CA ILE E 87 -0.38 -35.04 16.68
C ILE E 87 -0.69 -34.64 15.24
N TRP E 88 -1.12 -35.63 14.47
CA TRP E 88 -1.39 -35.41 13.05
C TRP E 88 -2.61 -34.51 12.87
N SER E 89 -2.46 -33.50 12.01
CA SER E 89 -3.58 -32.67 11.58
C SER E 89 -3.45 -32.45 10.08
N PRO E 90 -4.56 -32.30 9.38
CA PRO E 90 -4.48 -32.09 7.94
C PRO E 90 -4.23 -30.64 7.58
N ALA E 91 -3.50 -30.44 6.50
CA ALA E 91 -3.20 -29.11 5.99
C ALA E 91 -4.17 -28.79 4.87
N ILE E 92 -4.96 -27.74 5.07
CA ILE E 92 -5.95 -27.31 4.10
C ILE E 92 -5.50 -26.01 3.47
N SER E 93 -5.84 -25.82 2.21
CA SER E 93 -5.55 -24.57 1.52
C SER E 93 -6.62 -24.38 0.46
N VAL E 94 -6.73 -23.13 0.00
CA VAL E 94 -7.76 -22.77 -0.97
C VAL E 94 -7.08 -22.36 -2.26
N TYR E 95 -7.82 -22.48 -3.36
CA TYR E 95 -7.26 -22.18 -4.66
C TYR E 95 -6.83 -20.72 -4.75
N TYR E 96 -5.70 -20.50 -5.41
CA TYR E 96 -5.26 -19.19 -5.88
C TYR E 96 -4.94 -18.22 -4.75
N THR E 97 -4.66 -18.71 -3.54
CA THR E 97 -4.14 -17.83 -2.50
C THR E 97 -3.07 -18.51 -1.66
N GLU E 98 -2.35 -19.47 -2.23
CA GLU E 98 -1.36 -20.19 -1.45
C GLU E 98 -0.21 -19.29 -1.02
N ASN E 99 0.15 -18.32 -1.86
CA ASN E 99 1.33 -17.48 -1.62
C ASN E 99 0.99 -16.15 -0.97
N GLU E 100 -0.28 -15.90 -0.65
CA GLU E 100 -0.70 -14.69 0.03
C GLU E 100 -1.65 -15.03 1.16
N MET E 101 -1.32 -16.08 1.92
CA MET E 101 -2.10 -16.50 3.07
C MET E 101 -1.13 -16.98 4.13
N ASP E 102 -1.07 -16.28 5.26
CA ASP E 102 -0.03 -16.55 6.25
C ASP E 102 -0.07 -17.98 6.74
N SER E 103 -1.24 -18.45 7.18
CA SER E 103 -1.41 -19.80 7.69
C SER E 103 -0.51 -20.05 8.92
N LYS E 104 -0.83 -19.33 10.00
CA LYS E 104 -0.18 -19.53 11.28
C LYS E 104 -1.08 -20.40 12.15
N ASP E 105 -0.55 -21.51 12.63
CA ASP E 105 -1.30 -22.44 13.48
C ASP E 105 -1.21 -21.96 14.93
N GLN E 106 -2.28 -21.35 15.43
CA GLN E 106 -2.29 -20.76 16.76
C GLN E 106 -3.30 -21.40 17.70
N PHE E 107 -4.32 -22.07 17.19
CA PHE E 107 -5.33 -22.71 18.01
C PHE E 107 -4.97 -24.18 18.18
N GLN E 108 -4.88 -24.62 19.43
CA GLN E 108 -4.57 -26.02 19.68
C GLN E 108 -5.73 -26.90 19.22
N MET E 109 -5.49 -28.20 19.22
CA MET E 109 -6.50 -29.19 18.90
C MET E 109 -7.10 -29.74 20.18
N GLU E 110 -8.38 -30.06 20.13
CA GLU E 110 -9.09 -30.64 21.25
C GLU E 110 -9.35 -32.11 20.94
N ILE E 111 -8.84 -33.00 21.79
CA ILE E 111 -8.94 -34.44 21.58
C ILE E 111 -9.72 -35.03 22.74
N TYR E 112 -10.68 -35.88 22.43
CA TYR E 112 -11.53 -36.51 23.44
C TYR E 112 -10.99 -37.91 23.78
N LYS E 113 -11.64 -38.55 24.75
CA LYS E 113 -11.15 -39.83 25.23
C LYS E 113 -11.18 -40.89 24.14
N ASN E 114 -12.17 -40.82 23.24
CA ASN E 114 -12.37 -41.86 22.24
C ASN E 114 -11.70 -41.56 20.92
N GLY E 115 -10.99 -40.44 20.81
CA GLY E 115 -10.23 -40.11 19.62
C GLY E 115 -10.82 -39.05 18.74
N SER E 116 -12.00 -38.52 19.06
CA SER E 116 -12.56 -37.43 18.27
C SER E 116 -11.72 -36.18 18.45
N VAL E 117 -11.30 -35.57 17.34
CA VAL E 117 -10.40 -34.42 17.36
C VAL E 117 -11.04 -33.27 16.62
N HIS E 118 -10.97 -32.08 17.22
CA HIS E 118 -11.45 -30.84 16.62
C HIS E 118 -10.28 -29.87 16.47
N GLN E 119 -10.28 -29.11 15.39
CA GLN E 119 -9.28 -28.08 15.20
C GLN E 119 -9.95 -26.81 14.70
N TRP E 120 -9.46 -25.67 15.18
CA TRP E 120 -9.95 -24.36 14.76
C TRP E 120 -8.97 -23.75 13.77
N LYS E 121 -9.49 -23.22 12.68
CA LYS E 121 -8.68 -22.52 11.70
C LYS E 121 -9.43 -21.30 11.20
N SER E 122 -8.69 -20.29 10.77
CA SER E 122 -9.31 -19.09 10.21
C SER E 122 -8.50 -18.64 9.00
N PHE E 123 -9.18 -18.47 7.87
CA PHE E 123 -8.54 -18.07 6.63
C PHE E 123 -8.98 -16.66 6.26
N TYR E 124 -8.04 -15.85 5.79
CA TYR E 124 -8.33 -14.50 5.32
C TYR E 124 -7.71 -14.38 3.93
N PHE E 125 -8.53 -14.51 2.88
CA PHE E 125 -8.03 -14.71 1.53
C PHE E 125 -8.91 -13.99 0.54
N ASN E 126 -8.36 -13.75 -0.64
CA ASN E 126 -9.11 -13.19 -1.75
C ASN E 126 -9.79 -14.28 -2.54
N ILE E 127 -11.04 -14.04 -2.93
CA ILE E 127 -11.83 -14.98 -3.70
C ILE E 127 -12.25 -14.25 -4.97
N LEU E 128 -11.76 -14.71 -6.11
CA LEU E 128 -12.00 -14.00 -7.35
C LEU E 128 -13.48 -14.05 -7.73
N CYS E 129 -13.97 -12.96 -8.30
CA CYS E 129 -15.37 -12.82 -8.67
C CYS E 129 -15.53 -12.37 -10.10
N ASP E 130 -16.67 -12.71 -10.70
CA ASP E 130 -17.01 -12.34 -12.06
C ASP E 130 -18.10 -11.29 -11.98
N VAL E 131 -17.97 -10.22 -12.74
CA VAL E 131 -18.88 -9.08 -12.65
C VAL E 131 -19.82 -9.06 -13.84
N ASN E 132 -21.09 -8.78 -13.56
CA ASN E 132 -22.11 -8.57 -14.57
C ASN E 132 -22.54 -7.12 -14.38
N ALA E 133 -22.34 -6.29 -15.40
CA ALA E 133 -22.70 -4.88 -15.31
C ALA E 133 -23.92 -4.50 -16.13
N ARG E 134 -24.70 -5.46 -16.62
CA ARG E 134 -25.81 -5.08 -17.49
C ARG E 134 -26.74 -4.14 -16.75
N ALA E 135 -27.05 -4.45 -15.50
CA ALA E 135 -27.84 -3.58 -14.65
C ALA E 135 -26.84 -2.74 -13.86
N PHE E 136 -26.78 -1.44 -14.14
CA PHE E 136 -25.88 -0.57 -13.42
C PHE E 136 -26.74 0.53 -12.78
N PRO E 137 -26.53 0.85 -11.51
CA PRO E 137 -25.51 0.40 -10.57
C PRO E 137 -25.76 -0.94 -9.94
N PHE E 138 -26.87 -1.61 -10.26
CA PHE E 138 -27.20 -2.85 -9.56
C PHE E 138 -26.43 -4.02 -10.17
N ASP E 139 -25.11 -3.95 -10.02
CA ASP E 139 -24.22 -4.99 -10.54
C ASP E 139 -24.32 -6.27 -9.69
N LYS E 140 -24.03 -7.40 -10.32
CA LYS E 140 -24.13 -8.70 -9.66
C LYS E 140 -22.79 -9.40 -9.81
N TYR E 141 -22.33 -10.02 -8.72
CA TYR E 141 -21.05 -10.71 -8.68
C TYR E 141 -21.23 -12.17 -8.30
N THR E 142 -20.42 -13.04 -8.90
CA THR E 142 -20.38 -14.45 -8.58
C THR E 142 -18.94 -14.84 -8.30
N CYS E 143 -18.70 -15.52 -7.18
CA CYS E 143 -17.36 -15.86 -6.75
C CYS E 143 -17.28 -17.33 -6.40
N GLU E 144 -16.10 -17.93 -6.55
CA GLU E 144 -15.93 -19.32 -6.16
C GLU E 144 -14.50 -19.61 -5.72
N THR E 145 -14.36 -20.56 -4.80
CA THR E 145 -13.07 -21.04 -4.33
C THR E 145 -13.20 -22.52 -4.03
N MET E 146 -12.07 -23.20 -3.93
CA MET E 146 -12.06 -24.63 -3.62
C MET E 146 -11.06 -24.93 -2.52
N PHE E 147 -11.52 -25.59 -1.45
CA PHE E 147 -10.62 -26.03 -0.39
C PHE E 147 -10.09 -27.42 -0.74
N TYR E 148 -8.84 -27.70 -0.45
CA TYR E 148 -8.26 -29.01 -0.74
C TYR E 148 -7.16 -29.32 0.26
N PHE E 149 -6.78 -30.59 0.30
CA PHE E 149 -5.67 -31.02 1.16
C PHE E 149 -4.35 -30.69 0.50
N ASN E 150 -3.43 -30.11 1.27
CA ASN E 150 -2.12 -29.79 0.75
C ASN E 150 -1.39 -31.04 0.25
N ASP E 151 -1.68 -32.20 0.83
CA ASP E 151 -0.82 -33.36 0.68
C ASP E 151 -1.52 -34.66 0.32
N TYR E 152 -2.85 -34.71 0.30
CA TYR E 152 -3.56 -35.97 0.19
C TYR E 152 -4.52 -35.94 -0.98
N ASP E 153 -4.70 -37.08 -1.62
CA ASP E 153 -5.60 -37.25 -2.74
C ASP E 153 -6.81 -38.06 -2.29
N ILE E 154 -7.68 -38.39 -3.26
CA ILE E 154 -8.94 -39.02 -2.93
C ILE E 154 -8.76 -40.41 -2.33
N GLN E 155 -7.60 -41.03 -2.54
CA GLN E 155 -7.32 -42.35 -2.00
C GLN E 155 -6.58 -42.29 -0.68
N THR E 156 -6.36 -41.10 -0.13
CA THR E 156 -5.58 -40.95 1.10
C THR E 156 -6.31 -40.12 2.14
N ALA E 157 -7.11 -39.14 1.70
CA ALA E 157 -7.87 -38.33 2.64
C ALA E 157 -9.02 -37.67 1.89
N ILE E 158 -10.17 -37.58 2.54
CA ILE E 158 -11.41 -37.19 1.88
C ILE E 158 -12.21 -36.29 2.81
N PHE E 159 -12.90 -35.30 2.24
CA PHE E 159 -13.85 -34.49 3.00
C PHE E 159 -15.15 -35.26 3.13
N SER E 160 -15.48 -35.69 4.35
CA SER E 160 -16.73 -36.41 4.55
C SER E 160 -17.94 -35.48 4.51
N SER E 161 -17.76 -34.20 4.81
CA SER E 161 -18.85 -33.25 4.77
C SER E 161 -18.28 -31.87 4.58
N PHE E 162 -19.13 -30.94 4.14
CA PHE E 162 -18.71 -29.56 3.93
C PHE E 162 -19.96 -28.68 4.05
N ARG E 163 -20.05 -27.99 5.20
CA ARG E 163 -21.22 -27.16 5.48
C ARG E 163 -20.78 -25.75 5.78
N CYS E 164 -21.57 -24.78 5.30
CA CYS E 164 -21.27 -23.38 5.53
C CYS E 164 -22.47 -22.68 6.13
N ILE E 165 -22.21 -21.76 7.04
CA ILE E 165 -23.21 -20.86 7.58
C ILE E 165 -22.68 -19.44 7.45
N SER E 166 -23.44 -18.48 7.94
CA SER E 166 -23.06 -17.08 7.88
C SER E 166 -23.27 -16.42 9.24
N SER E 167 -22.57 -15.31 9.43
CA SER E 167 -22.64 -14.59 10.70
C SER E 167 -23.87 -13.68 10.79
N THR E 168 -24.71 -13.66 9.76
CA THR E 168 -25.95 -12.89 9.74
C THR E 168 -25.71 -11.39 9.55
N ASP E 169 -24.44 -10.96 9.55
CA ASP E 169 -24.12 -9.55 9.37
C ASP E 169 -23.45 -9.29 8.02
N LEU E 170 -23.37 -10.30 7.16
CA LEU E 170 -22.79 -10.09 5.83
C LEU E 170 -23.68 -9.15 5.02
N SER E 171 -24.97 -9.46 4.94
CA SER E 171 -25.90 -8.74 4.08
C SER E 171 -26.46 -7.49 4.74
N ARG E 172 -26.08 -7.23 5.98
CA ARG E 172 -26.54 -6.01 6.67
C ARG E 172 -26.04 -4.75 5.97
N LYS E 173 -25.04 -4.86 5.11
CA LYS E 173 -24.33 -3.70 4.57
C LYS E 173 -24.30 -3.72 3.05
N ALA E 174 -25.34 -3.19 2.43
CA ALA E 174 -25.33 -2.84 1.01
C ALA E 174 -25.00 -4.03 0.11
N TRP E 175 -25.40 -5.24 0.48
CA TRP E 175 -25.18 -6.40 -0.36
C TRP E 175 -26.19 -7.48 -0.01
N TYR E 176 -26.70 -8.15 -1.03
CA TYR E 176 -27.42 -9.41 -0.86
C TYR E 176 -26.43 -10.54 -1.07
N VAL E 177 -26.07 -11.24 0.01
CA VAL E 177 -25.10 -12.31 -0.05
C VAL E 177 -25.82 -13.64 0.11
N SER E 178 -25.60 -14.54 -0.83
CA SER E 178 -26.18 -15.88 -0.79
C SER E 178 -25.09 -16.89 -1.14
N PHE E 179 -24.77 -17.76 -0.18
CA PHE E 179 -23.69 -18.72 -0.33
C PHE E 179 -24.24 -20.11 -0.66
N SER E 180 -23.33 -21.01 -1.02
CA SER E 180 -23.66 -22.42 -1.19
C SER E 180 -22.37 -23.22 -1.30
N CYS E 181 -22.24 -24.30 -0.54
CA CYS E 181 -21.03 -25.09 -0.57
C CYS E 181 -21.33 -26.58 -0.43
N ASP E 182 -20.67 -27.38 -1.25
CA ASP E 182 -20.80 -28.83 -1.20
C ASP E 182 -19.49 -29.44 -1.68
N THR E 183 -19.31 -30.72 -1.37
CA THR E 183 -18.08 -31.42 -1.70
C THR E 183 -18.11 -31.94 -3.13
N LYS E 184 -16.99 -31.77 -3.82
CA LYS E 184 -16.78 -32.26 -5.18
C LYS E 184 -15.71 -33.33 -5.18
N ILE E 185 -15.46 -33.91 -6.35
CA ILE E 185 -14.42 -34.92 -6.54
C ILE E 185 -13.60 -34.46 -7.73
N GLY E 186 -12.51 -33.75 -7.47
CA GLY E 186 -11.68 -33.23 -8.54
C GLY E 186 -10.69 -34.26 -9.02
N GLU E 187 -9.75 -33.79 -9.85
CA GLU E 187 -8.74 -34.67 -10.40
C GLU E 187 -7.55 -34.82 -9.45
N GLU E 188 -7.43 -33.98 -8.45
CA GLU E 188 -6.35 -34.00 -7.47
C GLU E 188 -6.92 -34.16 -6.07
N GLY E 189 -7.95 -34.99 -5.94
CA GLY E 189 -8.50 -35.34 -4.64
C GLY E 189 -9.77 -34.60 -4.32
N SER E 190 -10.29 -34.88 -3.12
CA SER E 190 -11.56 -34.31 -2.71
C SER E 190 -11.45 -32.81 -2.54
N LEU E 191 -12.53 -32.10 -2.88
CA LEU E 191 -12.55 -30.65 -2.86
C LEU E 191 -13.78 -30.15 -2.11
N GLY E 192 -13.63 -28.98 -1.51
CA GLY E 192 -14.77 -28.28 -0.94
C GLY E 192 -15.08 -27.04 -1.74
N GLN E 193 -16.18 -27.04 -2.48
CA GLN E 193 -16.51 -25.94 -3.37
C GLN E 193 -17.35 -24.93 -2.61
N LEU E 194 -16.88 -23.68 -2.56
CA LEU E 194 -17.59 -22.58 -1.92
C LEU E 194 -17.99 -21.57 -2.97
N SER E 195 -19.27 -21.22 -3.00
CA SER E 195 -19.82 -20.30 -3.98
C SER E 195 -20.49 -19.13 -3.27
N LEU E 196 -20.26 -17.92 -3.79
CA LEU E 196 -20.88 -16.72 -3.26
C LEU E 196 -21.57 -15.97 -4.39
N LYS E 197 -22.63 -15.25 -4.03
CA LYS E 197 -23.37 -14.41 -4.96
C LYS E 197 -23.66 -13.09 -4.27
N LEU E 198 -23.13 -12.00 -4.82
CA LEU E 198 -23.36 -10.67 -4.29
C LEU E 198 -24.19 -9.87 -5.27
N VAL E 199 -25.24 -9.24 -4.77
CA VAL E 199 -26.11 -8.37 -5.57
C VAL E 199 -26.29 -7.08 -4.82
N ARG E 200 -25.87 -5.97 -5.42
CA ARG E 200 -25.89 -4.69 -4.73
C ARG E 200 -27.32 -4.27 -4.40
N LYS E 201 -27.50 -3.74 -3.20
CA LYS E 201 -28.80 -3.24 -2.77
C LYS E 201 -29.17 -1.95 -3.50
N VAL E 202 -30.48 -1.69 -3.58
CA VAL E 202 -31.00 -0.51 -4.24
C VAL E 202 -31.09 0.60 -3.19
N SER E 203 -30.08 1.47 -3.18
CA SER E 203 -30.06 2.62 -2.29
C SER E 203 -30.54 3.85 -3.06
N LEU E 204 -30.44 5.01 -2.42
CA LEU E 204 -30.62 6.28 -3.13
C LEU E 204 -29.29 6.85 -3.58
N GLN E 205 -28.23 6.68 -2.77
CA GLN E 205 -26.91 7.08 -3.19
C GLN E 205 -26.52 6.42 -4.50
N CYS E 206 -27.01 5.21 -4.73
CA CYS E 206 -26.79 4.49 -5.98
C CYS E 206 -27.86 4.80 -7.00
N LEU E 207 -28.52 5.95 -6.89
CA LEU E 207 -29.47 6.42 -7.89
C LEU E 207 -29.17 7.87 -8.27
N SER E 208 -27.92 8.29 -8.09
CA SER E 208 -27.47 9.58 -8.60
C SER E 208 -26.95 9.48 -10.02
N VAL E 209 -26.89 8.26 -10.58
CA VAL E 209 -26.59 8.09 -11.99
C VAL E 209 -27.86 8.05 -12.83
N LEU E 210 -29.03 8.10 -12.19
CA LEU E 210 -30.28 8.21 -12.93
C LEU E 210 -30.47 9.64 -13.41
N LEU E 211 -30.40 10.59 -12.48
CA LEU E 211 -30.61 12.00 -12.82
C LEU E 211 -29.77 12.46 -13.99
N PRO E 212 -28.45 12.25 -14.01
CA PRO E 212 -27.65 12.74 -15.14
C PRO E 212 -28.17 12.23 -16.46
N LEU E 213 -28.62 10.98 -16.50
CA LEU E 213 -29.22 10.44 -17.72
C LEU E 213 -30.53 11.16 -18.03
N PHE E 214 -31.50 11.06 -17.13
CA PHE E 214 -32.82 11.63 -17.36
C PHE E 214 -32.72 13.05 -17.91
N ILE E 215 -32.14 13.96 -17.13
CA ILE E 215 -31.98 15.34 -17.58
C ILE E 215 -31.39 15.35 -18.99
N PHE E 216 -30.24 14.70 -19.15
CA PHE E 216 -29.60 14.66 -20.46
C PHE E 216 -30.59 14.21 -21.52
N PHE E 217 -31.28 13.10 -21.26
CA PHE E 217 -32.30 12.63 -22.18
C PHE E 217 -33.19 13.79 -22.61
N ILE E 218 -33.82 14.45 -21.63
CA ILE E 218 -34.69 15.58 -21.95
C ILE E 218 -33.93 16.56 -22.83
N LEU E 219 -32.76 17.00 -22.38
CA LEU E 219 -31.98 17.96 -23.15
C LEU E 219 -31.83 17.46 -24.58
N ASN E 220 -31.47 16.19 -24.73
CA ASN E 220 -31.22 15.66 -26.06
C ASN E 220 -32.48 15.66 -26.89
N ILE E 221 -33.63 15.31 -26.28
CA ILE E 221 -34.90 15.38 -26.99
C ILE E 221 -35.41 16.80 -27.11
N MET E 222 -34.83 17.73 -26.35
CA MET E 222 -35.20 19.13 -26.43
C MET E 222 -34.38 19.89 -27.45
N ILE E 223 -33.54 19.21 -28.23
CA ILE E 223 -32.83 19.88 -29.31
C ILE E 223 -33.76 20.14 -30.48
N GLY E 224 -34.81 19.35 -30.64
CA GLY E 224 -35.72 19.51 -31.76
C GLY E 224 -36.78 20.57 -31.55
N TYR E 225 -37.51 20.48 -30.43
CA TYR E 225 -38.58 21.42 -30.11
C TYR E 225 -37.96 22.65 -29.47
N LEU E 226 -37.59 23.62 -30.30
CA LEU E 226 -36.86 24.80 -29.86
C LEU E 226 -37.23 25.98 -30.77
N PRO E 227 -36.75 27.20 -30.47
CA PRO E 227 -36.92 28.28 -31.45
C PRO E 227 -36.03 28.05 -32.66
N ILE E 228 -36.44 27.10 -33.52
CA ILE E 228 -35.63 26.73 -34.68
C ILE E 228 -35.31 27.96 -35.51
N GLU E 229 -36.16 28.97 -35.45
CA GLU E 229 -35.85 30.25 -36.09
C GLU E 229 -34.50 30.78 -35.61
N SER E 230 -34.18 30.56 -34.34
CA SER E 230 -32.91 31.00 -33.78
C SER E 230 -31.82 30.00 -34.15
N GLY E 231 -30.79 30.46 -34.85
CA GLY E 231 -29.66 29.61 -35.16
C GLY E 231 -28.83 29.23 -33.97
N GLU E 232 -29.04 29.88 -32.82
CA GLU E 232 -28.32 29.52 -31.61
C GLU E 232 -28.59 28.08 -31.20
N LYS E 233 -29.71 27.51 -31.63
CA LYS E 233 -30.04 26.11 -31.38
C LYS E 233 -28.80 25.23 -31.55
N VAL E 234 -28.04 25.47 -32.61
CA VAL E 234 -26.87 24.65 -32.87
C VAL E 234 -25.80 24.88 -31.82
N THR E 235 -25.65 26.14 -31.36
CA THR E 235 -24.68 26.41 -30.30
C THR E 235 -25.06 25.71 -29.00
N PHE E 236 -26.35 25.75 -28.65
CA PHE E 236 -26.82 25.04 -27.47
C PHE E 236 -26.59 23.53 -27.63
N ALA E 237 -26.76 23.02 -28.84
CA ALA E 237 -26.51 21.61 -29.08
C ALA E 237 -25.03 21.28 -28.87
N THR E 238 -24.14 22.14 -29.35
CA THR E 238 -22.72 21.91 -29.10
C THR E 238 -22.39 21.96 -27.62
N THR E 239 -23.00 22.88 -26.88
CA THR E 239 -22.76 22.94 -25.44
C THR E 239 -23.20 21.65 -24.76
N VAL E 240 -24.41 21.19 -25.07
CA VAL E 240 -24.91 19.96 -24.46
C VAL E 240 -24.04 18.78 -24.87
N PHE E 241 -23.56 18.79 -26.11
CA PHE E 241 -22.74 17.69 -26.58
C PHE E 241 -21.38 17.65 -25.91
N LEU E 242 -20.78 18.82 -25.68
CA LEU E 242 -19.53 18.84 -24.94
C LEU E 242 -19.75 18.34 -23.51
N SER E 243 -20.85 18.77 -22.90
CA SER E 243 -21.21 18.21 -21.59
C SER E 243 -21.33 16.70 -21.67
N ASN E 244 -21.91 16.19 -22.75
CA ASN E 244 -22.08 14.74 -22.91
C ASN E 244 -20.75 14.03 -23.00
N VAL E 245 -19.81 14.58 -23.76
CA VAL E 245 -18.49 13.98 -23.86
C VAL E 245 -17.83 13.96 -22.48
N ILE E 246 -17.91 15.06 -21.75
CA ILE E 246 -17.27 15.13 -20.44
C ILE E 246 -17.91 14.12 -19.50
N TYR E 247 -19.24 14.00 -19.53
CA TYR E 247 -19.90 13.04 -18.66
C TYR E 247 -19.55 11.61 -19.03
N ILE E 248 -19.39 11.32 -20.32
CA ILE E 248 -18.99 9.98 -20.73
C ILE E 248 -17.59 9.68 -20.20
N ASP E 249 -16.68 10.63 -20.31
CA ASP E 249 -15.35 10.44 -19.76
C ASP E 249 -15.40 10.18 -18.27
N ASN E 250 -16.24 10.93 -17.55
CA ASN E 250 -16.38 10.72 -16.11
C ASN E 250 -16.93 9.34 -15.81
N LEU E 251 -17.99 8.94 -16.52
CA LEU E 251 -18.65 7.68 -16.22
C LEU E 251 -17.75 6.49 -16.52
N SER E 252 -16.91 6.59 -17.54
CA SER E 252 -16.04 5.47 -17.86
C SER E 252 -15.09 5.12 -16.72
N LYS E 253 -14.91 6.01 -15.76
CA LYS E 253 -14.03 5.77 -14.63
C LYS E 253 -14.71 5.08 -13.45
N GLN E 254 -16.00 4.77 -13.57
CA GLN E 254 -16.73 4.14 -12.46
C GLN E 254 -17.15 2.71 -12.74
N LEU E 255 -17.22 2.30 -14.00
CA LEU E 255 -17.74 0.98 -14.32
C LEU E 255 -16.78 -0.11 -13.83
N PRO E 256 -17.29 -1.30 -13.53
CA PRO E 256 -16.39 -2.42 -13.22
C PRO E 256 -15.45 -2.70 -14.38
N LYS E 257 -14.22 -3.08 -14.04
CA LYS E 257 -13.16 -3.15 -15.05
C LYS E 257 -13.49 -4.16 -16.13
N GLU E 258 -13.82 -5.39 -15.75
CA GLU E 258 -14.03 -6.48 -16.69
C GLU E 258 -15.43 -7.05 -16.48
N SER E 259 -16.42 -6.43 -17.12
CA SER E 259 -17.79 -6.91 -17.07
C SER E 259 -18.04 -7.88 -18.20
N SER E 260 -18.94 -8.83 -17.93
CA SER E 260 -19.31 -9.79 -18.97
C SER E 260 -20.15 -9.13 -20.06
N GLU E 261 -21.12 -8.33 -19.67
CA GLU E 261 -21.95 -7.58 -20.60
C GLU E 261 -21.51 -6.13 -20.66
N ILE E 262 -22.12 -5.38 -21.57
CA ILE E 262 -21.85 -3.96 -21.73
C ILE E 262 -22.86 -3.19 -20.87
N PRO E 263 -22.41 -2.37 -19.93
CA PRO E 263 -23.37 -1.67 -19.06
C PRO E 263 -24.39 -0.89 -19.87
N LEU E 264 -25.67 -1.11 -19.56
CA LEU E 264 -26.73 -0.51 -20.35
C LEU E 264 -26.71 1.01 -20.24
N ILE E 265 -26.45 1.54 -19.05
CA ILE E 265 -26.45 2.99 -18.86
C ILE E 265 -25.39 3.63 -19.73
N PHE E 266 -24.19 3.06 -19.72
CA PHE E 266 -23.10 3.59 -20.54
C PHE E 266 -23.51 3.60 -21.99
N LEU E 267 -24.13 2.52 -22.46
CA LEU E 267 -24.66 2.48 -23.82
C LEU E 267 -25.60 3.66 -24.04
N CYS E 268 -26.73 3.68 -23.33
CA CYS E 268 -27.67 4.77 -23.44
C CYS E 268 -26.97 6.11 -23.62
N HIS E 269 -26.04 6.43 -22.72
CA HIS E 269 -25.42 7.76 -22.77
C HIS E 269 -24.62 7.95 -24.05
N ILE E 270 -23.74 7.00 -24.38
CA ILE E 270 -22.87 7.19 -25.53
C ILE E 270 -23.67 7.23 -26.82
N PHE E 271 -24.69 6.38 -26.94
CA PHE E 271 -25.53 6.40 -28.12
C PHE E 271 -26.32 7.71 -28.22
N LEU E 272 -26.92 8.16 -27.12
CA LEU E 272 -27.60 9.45 -27.13
C LEU E 272 -26.67 10.51 -27.68
N ALA E 273 -25.44 10.55 -27.16
CA ALA E 273 -24.50 11.54 -27.66
C ALA E 273 -24.32 11.37 -29.16
N PHE E 274 -23.80 10.23 -29.57
CA PHE E 274 -23.42 10.08 -30.97
C PHE E 274 -24.58 10.46 -31.89
N LEU E 275 -25.81 10.06 -31.56
CA LEU E 275 -26.93 10.42 -32.43
C LEU E 275 -27.27 11.90 -32.39
N SER E 276 -27.22 12.54 -31.23
CA SER E 276 -27.49 13.98 -31.18
C SER E 276 -26.43 14.77 -31.93
N GLY E 277 -25.16 14.39 -31.75
CA GLY E 277 -24.10 15.02 -32.50
C GLY E 277 -24.30 14.85 -33.99
N LEU E 278 -24.72 13.66 -34.41
CA LEU E 278 -25.00 13.45 -35.83
C LEU E 278 -26.16 14.33 -36.29
N SER E 279 -27.14 14.56 -35.42
CA SER E 279 -28.26 15.44 -35.75
C SER E 279 -27.77 16.87 -35.97
N ALA E 280 -26.95 17.37 -35.05
CA ALA E 280 -26.40 18.72 -35.22
C ALA E 280 -25.59 18.80 -36.49
N VAL E 281 -24.76 17.78 -36.76
CA VAL E 281 -24.04 17.74 -38.02
C VAL E 281 -25.02 17.88 -39.17
N GLY E 282 -25.92 16.92 -39.31
CA GLY E 282 -26.95 16.95 -40.32
C GLY E 282 -27.52 18.34 -40.52
N THR E 283 -27.87 19.03 -39.43
CA THR E 283 -28.41 20.38 -39.56
C THR E 283 -27.41 21.32 -40.23
N ILE E 284 -26.18 21.37 -39.73
CA ILE E 284 -25.21 22.31 -40.26
C ILE E 284 -24.87 21.98 -41.72
N ILE E 285 -24.65 20.70 -42.01
CA ILE E 285 -24.30 20.29 -43.37
C ILE E 285 -25.44 20.59 -44.32
N THR E 286 -26.67 20.32 -43.91
CA THR E 286 -27.82 20.62 -44.77
C THR E 286 -27.93 22.11 -45.03
N SER E 287 -27.69 22.93 -44.01
CA SER E 287 -27.63 24.38 -44.24
C SER E 287 -26.52 24.71 -45.23
N LYS E 288 -25.41 23.99 -45.16
CA LYS E 288 -24.33 24.17 -46.13
C LYS E 288 -24.81 23.87 -47.54
N ILE E 289 -25.65 22.85 -47.69
CA ILE E 289 -26.15 22.51 -49.02
C ILE E 289 -26.90 23.69 -49.63
N ILE E 367 -35.57 15.97 -40.92
CA ILE E 367 -34.44 15.32 -40.29
C ILE E 367 -34.53 15.45 -38.77
N LEU E 368 -34.85 16.66 -38.32
CA LEU E 368 -35.01 16.92 -36.89
C LEU E 368 -35.95 15.90 -36.26
N TYR E 369 -37.20 15.87 -36.73
CA TYR E 369 -38.19 14.97 -36.16
C TYR E 369 -37.72 13.51 -36.31
N ILE E 370 -37.08 13.18 -37.43
CA ILE E 370 -36.61 11.81 -37.63
C ILE E 370 -35.60 11.43 -36.55
N MET E 371 -34.66 12.34 -36.27
CA MET E 371 -33.63 12.03 -35.28
C MET E 371 -34.23 11.97 -33.88
N THR E 372 -35.20 12.84 -33.57
CA THR E 372 -35.89 12.73 -32.29
C THR E 372 -36.58 11.38 -32.17
N PHE E 373 -37.24 10.93 -33.23
CA PHE E 373 -37.95 9.65 -33.18
C PHE E 373 -36.97 8.50 -32.95
N ILE E 374 -35.86 8.48 -33.70
CA ILE E 374 -34.89 7.40 -33.54
C ILE E 374 -34.30 7.42 -32.14
N SER E 375 -33.92 8.61 -31.65
CA SER E 375 -33.35 8.71 -30.32
C SER E 375 -34.33 8.18 -29.28
N ILE E 376 -35.60 8.62 -29.36
CA ILE E 376 -36.59 8.16 -28.40
C ILE E 376 -36.74 6.65 -28.48
N LEU E 377 -36.85 6.11 -29.70
CA LEU E 377 -37.07 4.69 -29.87
C LEU E 377 -35.95 3.88 -29.24
N CYS E 378 -34.71 4.19 -29.60
CA CYS E 378 -33.59 3.38 -29.12
C CYS E 378 -33.34 3.60 -27.63
N ALA E 379 -33.47 4.84 -27.15
CA ALA E 379 -33.29 5.09 -25.73
C ALA E 379 -34.33 4.35 -24.91
N LEU E 380 -35.59 4.37 -25.35
CA LEU E 380 -36.62 3.63 -24.63
C LEU E 380 -36.40 2.13 -24.72
N VAL E 381 -35.88 1.64 -25.85
CA VAL E 381 -35.55 0.23 -25.97
C VAL E 381 -34.50 -0.15 -24.92
N PHE E 382 -33.46 0.67 -24.80
CA PHE E 382 -32.41 0.38 -23.83
C PHE E 382 -32.94 0.47 -22.40
N THR E 383 -33.77 1.48 -22.12
CA THR E 383 -34.32 1.60 -20.78
C THR E 383 -35.20 0.40 -20.42
N SER E 384 -35.99 -0.08 -21.39
CA SER E 384 -36.78 -1.29 -21.16
C SER E 384 -35.88 -2.50 -20.95
N LEU E 385 -34.81 -2.61 -21.75
CA LEU E 385 -33.88 -3.71 -21.57
C LEU E 385 -33.28 -3.71 -20.17
N PHE E 386 -33.01 -2.53 -19.63
CA PHE E 386 -32.50 -2.43 -18.26
C PHE E 386 -33.60 -2.78 -17.26
N PHE E 387 -34.80 -2.23 -17.45
CA PHE E 387 -35.91 -2.54 -16.55
C PHE E 387 -36.17 -4.03 -16.50
N GLU E 388 -35.90 -4.75 -17.59
CA GLU E 388 -36.08 -6.20 -17.59
C GLU E 388 -35.35 -6.84 -16.43
N SER E 389 -34.04 -6.62 -16.34
CA SER E 389 -33.25 -7.21 -15.26
C SER E 389 -33.30 -6.40 -13.97
N PHE E 390 -33.93 -5.21 -14.00
CA PHE E 390 -34.07 -4.37 -12.81
C PHE E 390 -34.39 -5.20 -11.58
N LEU E 391 -33.62 -4.98 -10.52
CA LEU E 391 -33.79 -5.70 -9.26
C LEU E 391 -34.45 -4.77 -8.26
N ASP E 392 -35.60 -5.18 -7.75
CA ASP E 392 -36.36 -4.38 -6.80
C ASP E 392 -36.44 -2.92 -7.23
C1 NAG F . 8.59 -45.83 -11.00
C2 NAG F . 8.53 -45.96 -12.52
C3 NAG F . 7.54 -44.98 -13.10
C4 NAG F . 6.18 -45.10 -12.41
C5 NAG F . 6.34 -45.04 -10.90
C6 NAG F . 5.06 -45.33 -10.17
C7 NAG F . 10.65 -46.75 -13.48
C8 NAG F . 11.97 -46.35 -14.06
N2 NAG F . 9.85 -45.75 -13.10
O3 NAG F . 7.38 -45.23 -14.50
O4 NAG F . 5.34 -44.04 -12.83
O5 NAG F . 7.29 -46.02 -10.47
O6 NAG F . 5.14 -46.54 -9.42
O7 NAG F . 10.33 -47.92 -13.37
H2 NAG F . 8.24 -46.87 -12.74
H3 NAG F . 7.87 -44.07 -12.97
H4 NAG F . 5.78 -45.96 -12.64
H5 NAG F . 6.66 -44.15 -10.65
H61 NAG F . 4.32 -45.41 -10.81
H62 NAG F . 4.86 -44.59 -9.55
H81 NAG F . 12.53 -47.13 -14.16
H82 NAG F . 12.40 -45.70 -13.48
H83 NAG F . 11.83 -45.94 -14.95
HN2 NAG F . 10.14 -44.90 -13.21
HO3 NAG F . 6.54 -45.43 -14.67
HO6 NAG F . 5.98 -46.73 -9.28
C1 NAG F . 4.16 -44.63 -13.41
C2 NAG F . 3.25 -43.51 -13.92
C3 NAG F . 2.03 -44.11 -14.63
C4 NAG F . 2.46 -45.12 -15.68
C5 NAG F . 3.41 -46.14 -15.08
C6 NAG F . 3.97 -47.10 -16.10
C7 NAG F . 3.55 -41.59 -12.43
C8 NAG F . 2.97 -40.80 -11.30
N2 NAG F . 2.84 -42.64 -12.84
O3 NAG F . 1.30 -43.05 -15.24
O4 NAG F . 1.32 -45.79 -16.19
O5 NAG F . 4.53 -45.47 -14.49
O6 NAG F . 4.97 -47.95 -15.53
O7 NAG F . 4.62 -41.29 -12.95
H2 NAG F . 3.75 -42.98 -14.58
H3 NAG F . 1.47 -44.54 -13.97
H4 NAG F . 2.90 -44.65 -16.42
H5 NAG F . 2.93 -46.65 -14.39
H61 NAG F . 4.37 -46.60 -16.83
H62 NAG F . 3.25 -47.66 -16.45
H81 NAG F . 3.62 -40.12 -11.01
H82 NAG F . 2.79 -41.40 -10.54
H83 NAG F . 2.14 -40.38 -11.58
HN2 NAG F . 2.05 -42.83 -12.41
HO3 NAG F . 0.48 -43.01 -14.88
HO6 NAG F . 5.34 -47.53 -14.84
C1 BMA F . 0.80 -45.06 -17.31
C2 BMA F . -0.28 -45.92 -17.98
C3 BMA F . -0.97 -45.14 -19.09
C4 BMA F . -1.39 -43.74 -18.61
C5 BMA F . -0.21 -43.02 -17.97
C6 BMA F . -0.59 -41.65 -17.41
O2 BMA F . -1.28 -46.28 -17.04
O3 BMA F . -2.11 -45.83 -19.57
O4 BMA F . -1.86 -42.98 -19.71
O5 BMA F . 0.27 -43.82 -16.89
O6 BMA F . -0.04 -40.64 -18.26
H2 BMA F . 0.19 -46.83 -18.39
H3 BMA F . -0.29 -45.02 -19.93
H4 BMA F . -2.17 -43.85 -17.84
H5 BMA F . 0.60 -42.86 -18.71
H61 BMA F . -0.21 -41.57 -16.38
H62 BMA F . -1.68 -41.61 -17.37
HO2 BMA F . -2.12 -46.19 -17.49
HO3 BMA F . -2.44 -45.29 -20.32
HO4 BMA F . -2.52 -42.37 -19.34
HO6 BMA F . 0.09 -39.85 -17.72
C1 NAG G . 41.86 -22.26 -5.90
C2 NAG G . 42.81 -21.36 -6.65
C3 NAG G . 42.05 -20.48 -7.64
C4 NAG G . 41.16 -21.33 -8.53
C5 NAG G . 40.31 -22.30 -7.71
C6 NAG G . 39.56 -23.29 -8.56
C7 NAG G . 44.85 -20.80 -5.38
C8 NAG G . 45.47 -19.84 -4.42
N2 NAG G . 43.58 -20.53 -5.73
O3 NAG G . 42.98 -19.75 -8.43
O4 NAG G . 40.28 -20.48 -9.26
O5 NAG G . 41.14 -23.05 -6.82
O6 NAG G . 40.40 -24.38 -8.92
O7 NAG G . 45.44 -21.78 -5.82
H2 NAG G . 43.43 -21.92 -7.16
H3 NAG G . 41.49 -19.85 -7.14
H4 NAG G . 41.71 -21.84 -9.15
H5 NAG G . 39.67 -21.79 -7.18
H61 NAG G . 39.25 -22.85 -9.37
H62 NAG G . 38.80 -23.63 -8.06
H81 NAG G . 46.35 -20.19 -4.14
H82 NAG G . 44.90 -19.75 -3.64
H83 NAG G . 45.59 -18.98 -4.86
HN2 NAG G . 43.18 -19.79 -5.37
HO3 NAG G . 42.75 -19.82 -9.29
HO6 NAG G . 40.55 -24.89 -8.20
C1 NAG G . 40.39 -20.78 -10.66
C2 NAG G . 39.36 -19.94 -11.41
C3 NAG G . 39.47 -20.18 -12.91
C4 NAG G . 40.90 -19.98 -13.38
C5 NAG G . 41.86 -20.81 -12.53
C6 NAG G . 43.32 -20.57 -12.87
C7 NAG G . 37.49 -19.68 -9.85
C8 NAG G . 36.09 -20.09 -9.52
N2 NAG G . 38.01 -20.22 -10.94
O3 NAG G . 38.60 -19.30 -13.60
O4 NAG G . 41.04 -20.39 -14.74
O5 NAG G . 41.69 -20.49 -11.14
O6 NAG G . 44.16 -20.98 -11.80
O7 NAG G . 38.12 -18.90 -9.15
H2 NAG G . 39.55 -19.00 -11.24
H3 NAG G . 39.20 -21.11 -13.11
H4 NAG G . 41.14 -19.05 -13.30
H5 NAG G . 41.66 -21.77 -12.66
H61 NAG G . 43.45 -19.61 -13.03
H62 NAG G . 43.55 -21.07 -13.66
H81 NAG G . 35.80 -19.64 -8.70
H82 NAG G . 36.05 -21.06 -9.38
H83 NAG G . 35.49 -19.85 -10.25
HN2 NAG G . 37.50 -20.81 -11.44
HO3 NAG G . 38.09 -19.75 -14.17
HO6 NAG G . 43.71 -21.50 -11.25
C1 BMA G . 40.82 -19.23 -15.58
C2 BMA G . 41.26 -19.59 -17.00
C3 BMA G . 40.88 -18.46 -17.97
C4 BMA G . 39.41 -18.06 -17.80
C5 BMA G . 39.15 -17.69 -16.34
C6 BMA G . 37.71 -17.30 -16.08
O2 BMA G . 40.59 -20.76 -17.45
O3 BMA G . 41.15 -18.82 -19.32
O4 BMA G . 39.11 -16.96 -18.63
O5 BMA G . 39.46 -18.84 -15.54
O6 BMA G . 37.71 -16.04 -15.41
H2 BMA G . 42.35 -19.75 -17.01
H3 BMA G . 41.50 -17.58 -17.75
H4 BMA G . 38.79 -18.94 -18.05
H5 BMA G . 39.80 -16.85 -16.04
H61 BMA G . 37.25 -18.09 -15.45
H62 BMA G . 37.19 -17.26 -17.03
HO2 BMA G . 40.26 -20.55 -18.34
HO3 BMA G . 40.79 -18.08 -19.85
HO4 BMA G . 38.20 -17.11 -18.94
HO6 BMA G . 36.79 -15.77 -15.30
C1 NAG H . 37.71 -1.92 29.97
C2 NAG H . 37.88 -0.55 30.61
C3 NAG H . 37.46 0.54 29.62
C4 NAG H . 38.19 0.37 28.30
C5 NAG H . 38.03 -1.06 27.78
C6 NAG H . 38.86 -1.32 26.56
C7 NAG H . 37.66 -0.51 33.05
C8 NAG H . 36.73 -0.39 34.21
N2 NAG H . 37.12 -0.45 31.83
O3 NAG H . 37.75 1.81 30.18
O4 NAG H . 37.66 1.27 27.33
O5 NAG H . 38.45 -1.99 28.78
O6 NAG H . 39.86 -2.30 26.81
O7 NAG H . 38.87 -0.65 33.21
H2 NAG H . 38.82 -0.42 30.80
H3 NAG H . 36.50 0.48 29.47
H4 NAG H . 39.14 0.55 28.43
H5 NAG H . 37.09 -1.22 27.57
H61 NAG H . 39.29 -0.49 26.27
H62 NAG H . 38.28 -1.64 25.83
H81 NAG H . 37.20 -0.61 35.04
H82 NAG H . 35.97 -1.00 34.08
H83 NAG H . 36.39 0.53 34.26
HN2 NAG H . 36.21 -0.34 31.78
HO3 NAG H . 38.39 2.21 29.71
HO6 NAG H . 39.65 -2.76 27.54
C1 NAG H . 38.76 2.04 26.83
C2 NAG H . 38.25 3.00 25.76
C3 NAG H . 39.38 3.91 25.27
C4 NAG H . 40.08 4.57 26.45
C5 NAG H . 40.50 3.52 27.47
C6 NAG H . 41.12 4.11 28.71
C7 NAG H . 36.46 1.73 24.66
C8 NAG H . 36.03 1.01 23.41
N2 NAG H . 37.68 2.27 24.63
O3 NAG H . 38.83 4.90 24.41
O4 NAG H . 41.23 5.27 25.99
O5 NAG H . 39.36 2.78 27.88
O6 NAG H . 41.34 3.12 29.69
O7 NAG H . 35.73 1.82 25.63
H2 NAG H . 37.55 3.56 26.14
H3 NAG H . 40.02 3.38 24.77
H4 NAG H . 39.47 5.21 26.87
H5 NAG H . 41.15 2.92 27.05
H61 NAG H . 40.51 4.79 29.07
H62 NAG H . 41.97 4.53 28.49
H81 NAG H . 35.13 0.66 23.53
H82 NAG H . 36.64 0.28 23.24
H83 NAG H . 36.04 1.64 22.65
HN2 NAG H . 38.18 2.17 23.88
HO3 NAG H . 39.23 4.87 23.63
HO6 NAG H . 40.79 2.43 29.57
C1 BMA H . 40.86 6.63 25.75
C2 BMA H . 42.14 7.45 25.47
C3 BMA H . 41.77 8.87 25.06
C4 BMA H . 40.71 8.87 23.96
C5 BMA H . 39.50 8.05 24.39
C6 BMA H . 38.41 7.99 23.33
O2 BMA H . 42.87 6.87 24.40
O3 BMA H . 42.92 9.60 24.65
O4 BMA H . 40.30 10.20 23.68
O5 BMA H . 39.95 6.72 24.65
O6 BMA H . 37.29 8.71 23.81
H2 BMA H . 42.75 7.46 26.39
H3 BMA H . 41.36 9.40 25.93
H4 BMA H . 41.14 8.39 23.06
H5 BMA H . 39.06 8.49 25.31
H61 BMA H . 38.17 6.93 23.14
H62 BMA H . 38.83 8.42 22.41
HO2 BMA H . 43.17 7.61 23.85
HO3 BMA H . 42.60 10.51 24.49
HO4 BMA H . 39.99 10.19 22.76
HO6 BMA H . 36.51 8.36 23.36
C1 NAG I . 1.41 -12.31 46.26
C2 NAG I . 0.22 -11.69 46.95
C3 NAG I . -0.14 -10.36 46.31
C4 NAG I . 1.08 -9.45 46.28
C5 NAG I . 2.28 -10.17 45.67
C6 NAG I . 3.56 -9.38 45.79
C7 NAG I . -1.18 -13.47 47.90
C8 NAG I . -2.40 -14.32 47.72
N2 NAG I . -0.93 -12.59 46.93
O3 NAG I . -1.18 -9.74 47.05
O4 NAG I . 0.79 -8.30 45.50
O5 NAG I . 2.51 -11.42 46.33
O6 NAG I . 4.45 -10.00 46.71
O7 NAG I . -0.45 -13.58 48.88
H2 NAG I . 0.46 -11.52 47.89
H3 NAG I . -0.44 -10.52 45.40
H4 NAG I . 1.30 -9.17 47.19
H5 NAG I . 2.11 -10.33 44.72
H61 NAG I . 3.36 -8.48 46.10
H62 NAG I . 4.00 -9.34 44.91
H81 NAG I . -2.48 -14.94 48.46
H82 NAG I . -2.32 -14.83 46.88
H83 NAG I . -3.19 -13.75 47.68
HN2 NAG I . -1.50 -12.55 46.22
HO3 NAG I . -0.98 -8.89 47.18
HO6 NAG I . 4.12 -10.77 46.98
C1 NAG I . 1.05 -7.10 46.25
C2 NAG I . 0.72 -5.91 45.37
C3 NAG I . 0.90 -4.61 46.13
C4 NAG I . 0.12 -4.64 47.44
C5 NAG I . 0.48 -5.89 48.23
C6 NAG I . -0.34 -6.06 49.48
C7 NAG I . 1.28 -6.67 43.09
C8 NAG I . 2.24 -6.53 41.95
N2 NAG I . 1.54 -5.91 44.16
O3 NAG I . 0.44 -3.52 45.33
O4 NAG I . 0.44 -3.49 48.22
O5 NAG I . 0.25 -7.06 47.43
O6 NAG I . -0.15 -7.35 50.06
O7 NAG I . 0.32 -7.43 43.06
H2 NAG I . -0.22 -5.98 45.09
H3 NAG I . 1.84 -4.48 46.32
H4 NAG I . -0.84 -4.64 47.24
H5 NAG I . 1.42 -5.85 48.48
H61 NAG I . -1.29 -5.95 49.26
H62 NAG I . -0.09 -5.38 50.13
H81 NAG I . 1.96 -7.12 41.22
H82 NAG I . 3.14 -6.78 42.24
H83 NAG I . 2.24 -5.61 41.64
HN2 NAG I . 2.26 -5.36 44.14
HO3 NAG I . 1.05 -2.88 45.33
HO6 NAG I . -0.01 -7.94 49.42
C1 BMA I . -0.43 -2.40 47.84
C2 BMA I . -0.24 -1.28 48.88
C3 BMA I . -1.09 -0.08 48.50
C4 BMA I . -0.83 0.34 47.03
C5 BMA I . -1.00 -0.87 46.10
C6 BMA I . -0.65 -0.53 44.66
O2 BMA I . 1.10 -0.84 48.90
O3 BMA I . -0.86 1.03 49.36
O4 BMA I . -1.75 1.35 46.66
O5 BMA I . -0.12 -1.91 46.55
O6 BMA I . -1.84 -0.60 43.88
H2 BMA I . -0.55 -1.66 49.86
H3 BMA I . -2.16 -0.32 48.59
H4 BMA I . 0.20 0.69 46.96
H5 BMA I . -2.04 -1.21 46.13
H61 BMA I . 0.10 -1.24 44.31
H62 BMA I . -0.22 0.47 44.64
HO2 BMA I . 1.06 0.13 49.01
HO3 BMA I . -1.43 1.74 49.04
HO4 BMA I . -1.27 1.92 46.04
HO6 BMA I . -1.59 -0.51 42.96
C1 NAG J . -16.61 -39.70 21.16
C2 NAG J . -17.93 -40.04 20.51
C3 NAG J . -18.67 -38.77 20.08
C4 NAG J . -18.78 -37.80 21.26
C5 NAG J . -17.41 -37.57 21.88
C6 NAG J . -17.47 -36.72 23.13
C7 NAG J . -18.20 -42.17 19.31
C8 NAG J . -17.90 -42.93 18.06
N2 NAG J . -17.75 -40.92 19.37
O3 NAG J . -19.96 -39.11 19.60
O4 NAG J . -19.28 -36.56 20.80
O5 NAG J . -16.83 -38.82 22.26
O6 NAG J . -17.37 -37.52 24.30
O7 NAG J . -18.83 -42.67 20.24
H2 NAG J . -18.49 -40.50 21.17
H3 NAG J . -18.16 -38.34 19.36
H4 NAG J . -19.37 -38.18 21.92
H5 NAG J . -16.83 -37.13 21.22
H61 NAG J . -18.32 -36.24 23.15
H62 NAG J . -16.74 -36.08 23.12
H81 NAG J . -18.03 -43.89 18.22
H82 NAG J . -16.98 -42.76 17.79
H83 NAG J . -18.51 -42.65 17.35
HN2 NAG J . -17.28 -40.60 18.64
HO3 NAG J . -20.57 -38.66 20.07
HO6 NAG J . -16.78 -38.16 24.17
C1 NAG J . -20.47 -36.23 21.54
C2 NAG J . -21.05 -34.94 20.97
C3 NAG J . -22.35 -34.59 21.69
C4 NAG J . -23.31 -35.77 21.67
C5 NAG J . -22.61 -37.02 22.20
C6 NAG J . -23.47 -38.27 22.09
C7 NAG J . -19.22 -33.54 20.12
C8 NAG J . -18.31 -32.39 20.40
N2 NAG J . -20.10 -33.85 21.08
O3 NAG J . -22.95 -33.47 21.04
O4 NAG J . -24.43 -35.50 22.50
O5 NAG J . -21.42 -37.27 21.44
O6 NAG J . -22.69 -39.44 22.29
O7 NAG J . -19.17 -34.17 19.06
H2 NAG J . -21.25 -35.09 20.03
H3 NAG J . -22.15 -34.35 22.61
H4 NAG J . -23.61 -35.93 20.77
H5 NAG J . -22.37 -36.89 23.13
H61 NAG J . -23.87 -38.30 21.21
H62 NAG J . -24.17 -38.24 22.77
H81 NAG J . -17.64 -32.32 19.69
H82 NAG J . -17.87 -32.54 21.26
H83 NAG J . -18.84 -31.56 20.44
HN2 NAG J . -20.09 -33.36 21.85
HO3 NAG J . -23.02 -32.80 21.63
HO6 NAG J . -21.83 -39.26 22.11
C1 BMA J . -25.45 -34.83 21.73
C2 BMA J . -26.72 -34.77 22.61
C3 BMA J . -27.78 -33.91 21.94
C4 BMA J . -27.21 -32.57 21.46
C5 BMA J . -25.99 -32.81 20.57
C6 BMA J . -25.34 -31.52 20.10
O2 BMA J . -26.43 -34.14 23.86
O3 BMA J . -28.90 -33.68 22.79
O4 BMA J . -28.19 -31.85 20.73
O5 BMA J . -25.03 -33.54 21.34
O6 BMA J . -25.42 -31.47 18.67
H2 BMA J . -27.09 -35.78 22.77
H3 BMA J . -28.18 -34.44 21.05
H4 BMA J . -26.87 -32.00 22.35
H5 BMA J . -26.29 -33.39 19.68
H61 BMA J . -24.31 -31.50 20.45
H62 BMA J . -25.88 -30.69 20.56
HO2 BMA J . -27.16 -33.51 24.01
HO3 BMA J . -29.56 -33.24 22.24
HO4 BMA J . -27.99 -30.91 20.88
HO6 BMA J . -24.82 -30.78 18.38
C1 WK3 K . -5.83 -27.04 -9.94
C2 WK3 K . -5.01 -27.83 -8.94
C4 WK3 K . -2.81 -27.13 -9.86
C5 WK3 K . -2.74 -28.40 -10.71
C7 WK3 K . -1.82 -28.69 -12.95
C8 WK3 K . -0.45 -28.38 -12.88
C9 WK3 K . 0.11 -27.60 -11.73
C10 WK3 K . 0.38 -28.85 -13.90
C11 WK3 K . -0.13 -29.61 -14.93
C12 WK3 K . -1.47 -29.95 -14.96
C13 WK3 K . -2.34 -29.49 -13.98
C14 WK3 K . -3.80 -29.85 -14.02
C16 WK3 K . -3.90 -25.82 -8.09
C17 WK3 K . -4.90 -25.70 -6.96
C18 WK3 K . -2.96 -28.08 -7.53
C19 WK3 K . -1.59 -27.64 -7.11
C20 WK3 K . -1.41 -26.72 -6.09
C21 WK3 K . -0.15 -26.26 -5.75
C22 WK3 K . 0.96 -26.73 -6.42
C23 WK3 K . 0.81 -27.67 -7.41
C24 WK3 K . -0.45 -28.14 -7.75
N3 WK3 K . -3.65 -27.23 -8.60
N6 WK3 K . -2.71 -28.09 -12.02
O15 WK3 K . -2.72 -29.53 -10.26
HC1A WK3 K . -6.64 -27.67 -10.32
HC1C WK3 K . -5.28 -26.72 -10.82
HC1B WK3 K . -6.32 -26.16 -9.53
HC2A WK3 K . -4.87 -28.84 -9.32
HC2B WK3 K . -5.58 -27.98 -8.03
HC4B WK3 K . -1.78 -26.87 -9.62
HC4A WK3 K . -3.17 -26.28 -10.43
HC9A WK3 K . -0.47 -26.71 -11.51
HC9C WK3 K . 1.12 -27.24 -11.93
HC9B WK3 K . 0.17 -28.20 -10.82
HC10 WK3 K . 1.44 -28.62 -13.87
HC11 WK3 K . 0.53 -29.96 -15.73
HC12 WK3 K . -1.84 -30.57 -15.76
H14B WK3 K . -4.23 -29.92 -13.02
H14A WK3 K . -3.97 -30.82 -14.49
H14C WK3 K . -4.38 -29.12 -14.59
H16A WK3 K . -2.97 -25.36 -7.77
H16B WK3 K . -4.23 -25.20 -8.92
H17C WK3 K . -5.02 -26.58 -6.34
H17B WK3 K . -5.88 -25.36 -7.27
H17A WK3 K . -4.55 -24.93 -6.26
H18A WK3 K . -2.91 -29.10 -7.89
H18B WK3 K . -3.58 -28.12 -6.63
HC20 WK3 K . -2.26 -26.32 -5.53
HC21 WK3 K . -0.03 -25.54 -4.94
HC22 WK3 K . 1.95 -26.36 -6.17
HC23 WK3 K . 1.68 -28.06 -7.94
HC24 WK3 K . -0.54 -28.90 -8.51
HN6 WK3 K . -3.34 -27.40 -12.42
C1 WK3 L . 22.44 -13.27 -14.39
C2 WK3 L . 22.67 -14.31 -13.30
C4 WK3 L . 23.47 -12.64 -11.65
C5 WK3 L . 24.93 -12.90 -12.03
C7 WK3 L . 26.80 -11.36 -12.33
C8 WK3 L . 27.07 -10.86 -11.05
C9 WK3 L . 26.07 -10.96 -9.93
C10 WK3 L . 28.32 -10.26 -10.83
C11 WK3 L . 29.26 -10.20 -11.83
C12 WK3 L . 28.99 -10.75 -13.08
C13 WK3 L . 27.76 -11.33 -13.35
C14 WK3 L . 27.47 -11.91 -14.71
C16 WK3 L . 21.11 -13.29 -11.70
C17 WK3 L . 20.02 -14.24 -12.15
C18 WK3 L . 22.82 -14.96 -10.92
C19 WK3 L . 22.78 -14.63 -9.44
C20 WK3 L . 21.60 -14.73 -8.72
C21 WK3 L . 21.57 -14.38 -7.38
C22 WK3 L . 22.70 -13.94 -6.74
C23 WK3 L . 23.88 -13.87 -7.44
C24 WK3 L . 23.93 -14.22 -8.78
N3 WK3 L . 22.54 -13.80 -11.87
N6 WK3 L . 25.49 -11.82 -12.62
O15 WK3 L . 25.52 -13.95 -11.82
HC1A WK3 L . 22.52 -13.74 -15.36
HC1C WK3 L . 23.17 -12.46 -14.38
HC1B WK3 L . 21.45 -12.81 -14.38
HC2A WK3 L . 23.68 -14.70 -13.43
HC2B WK3 L . 22.03 -15.17 -13.46
HC4B WK3 L . 23.48 -12.34 -10.61
HC4A WK3 L . 23.07 -11.78 -12.18
HC9A WK3 L . 25.06 -10.70 -10.27
HC9C WK3 L . 26.28 -10.27 -9.12
HC9B WK3 L . 26.06 -11.96 -9.50
HC10 WK3 L . 28.55 -9.84 -9.86
HC11 WK3 L . 30.23 -9.73 -11.64
HC12 WK3 L . 29.75 -10.73 -13.85
H14B WK3 L . 26.77 -12.74 -14.65
H14A WK3 L . 28.36 -12.29 -15.20
H14C WK3 L . 27.04 -11.16 -15.38
H16A WK3 L . 20.92 -13.04 -10.65
H16B WK3 L . 21.01 -12.35 -12.23
H17C WK3 L . 20.23 -15.30 -12.02
H17B WK3 L . 19.67 -14.08 -13.17
H17A WK3 L . 19.13 -14.08 -11.52
H18A WK3 L . 23.79 -15.38 -11.17
H18B WK3 L . 22.11 -15.77 -11.07
HC20 WK3 L . 20.68 -15.09 -9.17
HC21 WK3 L . 20.63 -14.47 -6.82
HC22 WK3 L . 22.66 -13.65 -5.69
HC23 WK3 L . 24.79 -13.53 -6.95
HC24 WK3 L . 24.89 -14.17 -9.30
HN6 WK3 L . 24.99 -11.27 -13.32
C1 WK3 M . 27.35 5.90 10.29
C2 WK3 M . 27.64 4.53 10.86
C4 WK3 M . 25.99 4.72 12.71
C5 WK3 M . 27.08 5.22 13.67
C7 WK3 M . 27.08 6.96 15.38
C8 WK3 M . 26.28 6.48 16.43
C9 WK3 M . 25.26 5.41 16.21
C10 WK3 M . 26.47 7.02 17.69
C11 WK3 M . 27.46 7.97 17.93
C12 WK3 M . 28.24 8.40 16.88
C13 WK3 M . 28.06 7.93 15.58
C14 WK3 M . 28.90 8.45 14.45
C16 WK3 M . 25.35 3.73 10.57
C17 WK3 M . 25.68 3.03 9.27
C18 WK3 M . 26.92 2.48 12.07
C19 WK3 M . 25.90 1.71 12.87
C20 WK3 M . 24.97 0.89 12.23
C21 WK3 M . 24.00 0.23 12.96
C22 WK3 M . 23.94 0.36 14.32
C23 WK3 M . 24.87 1.14 14.97
C24 WK3 M . 25.85 1.80 14.25
N3 WK3 M . 26.48 3.86 11.57
N6 WK3 M . 26.84 6.49 14.06
O15 WK3 M . 28.04 4.56 14.02
HC1A WK3 M . 28.29 6.40 10.02
HC1C WK3 M . 26.86 6.59 10.99
HC1B WK3 M . 26.76 5.90 9.37
HC2A WK3 M . 28.48 4.62 11.55
HC2B WK3 M . 28.01 3.88 10.08
HC4B WK3 M . 25.27 4.19 13.33
HC4A WK3 M . 25.43 5.55 12.29
HC9A WK3 M . 24.70 5.55 15.29
HC9C WK3 M . 24.50 5.39 16.99
HC9B WK3 M . 25.71 4.41 16.20
HC10 WK3 M . 25.85 6.70 18.52
HC11 WK3 M . 27.60 8.37 18.93
HC12 WK3 M . 29.04 9.13 17.08
H14B WK3 M . 29.18 7.65 13.77
H14A WK3 M . 29.83 8.90 14.79
H14C WK3 M . 28.37 9.22 13.88
H16A WK3 M . 24.49 3.21 11.01
H16B WK3 M . 24.96 4.73 10.34
H17C WK3 M . 26.50 2.30 9.32
H17B WK3 M . 25.89 3.70 8.43
H17A WK3 M . 24.82 2.44 8.95
H18A WK3 M . 27.82 2.61 12.67
H18B WK3 M . 27.23 1.85 11.24
HC20 WK3 M . 24.99 0.75 11.15
HC21 WK3 M . 23.28 -0.41 12.44
HC22 WK3 M . 23.16 -0.14 14.90
HC23 WK3 M . 24.85 1.24 16.05
HC24 WK3 M . 26.60 2.38 14.79
HN6 WK3 M . 26.46 7.18 13.43
C1 WK3 N . 2.66 3.44 29.48
C2 WK3 N . 3.38 2.12 29.74
C4 WK3 N . 1.49 0.64 29.07
C5 WK3 N . 1.05 0.56 30.51
C7 WK3 N . -1.10 0.91 31.64
C8 WK3 N . -1.78 -0.30 31.43
C9 WK3 N . -1.40 -1.23 30.31
C10 WK3 N . -2.81 -0.63 32.30
C11 WK3 N . -3.15 0.20 33.36
C12 WK3 N . -2.45 1.37 33.56
C13 WK3 N . -1.43 1.76 32.70
C14 WK3 N . -0.71 3.08 32.90
C16 WK3 N . 3.15 1.36 27.40
C17 WK3 N . 4.54 1.83 27.02
C18 WK3 N . 3.81 -0.27 29.18
C19 WK3 N . 3.44 -1.54 28.49
C20 WK3 N . 3.94 -1.83 27.22
C21 WK3 N . 3.58 -3.00 26.57
C22 WK3 N . 2.74 -3.90 27.18
C23 WK3 N . 2.26 -3.64 28.45
C24 WK3 N . 2.61 -2.47 29.10
N3 WK3 N . 2.95 0.95 28.86
N6 WK3 N . -0.07 1.29 30.75
O15 WK3 N . 1.61 -0.11 31.37
HC1A WK3 N . 2.63 4.01 30.41
HC1C WK3 N . 1.62 3.33 29.17
HC1B WK3 N . 3.15 4.08 28.76
HC2A WK3 N . 3.25 1.85 30.78
HC2B WK3 N . 4.46 2.27 29.64
HC4B WK3 N . 1.22 -0.30 28.60
HC4A WK3 N . 0.92 1.38 28.51
HC9A WK3 N . -1.17 -0.69 29.39
HC9C WK3 N . -2.21 -1.90 30.05
HC9B WK3 N . -0.54 -1.85 30.57
HC10 WK3 N . -3.36 -1.55 32.15
HC11 WK3 N . -3.96 -0.07 34.03
HC12 WK3 N . -2.70 2.00 34.42
H14B WK3 N . 0.37 2.96 32.79
H14A WK3 N . -0.88 3.50 33.89
H14C WK3 N . -1.05 3.83 32.19
H16A WK3 N . 2.88 0.54 26.73
H16B WK3 N . 2.43 2.15 27.16
H17C WK3 N . 5.34 1.48 27.67
H17B WK3 N . 4.63 2.90 26.92
H17A WK3 N . 4.78 1.43 26.03
H18A WK3 N . 3.76 -0.41 30.26
H18B WK3 N . 4.87 -0.06 28.98
HC20 WK3 N . 4.62 -1.15 26.71
HC21 WK3 N . 3.96 -3.20 25.58
HC22 WK3 N . 2.45 -4.82 26.68
HC23 WK3 N . 1.59 -4.35 28.94
HC24 WK3 N . 2.24 -2.30 30.11
HN6 WK3 N . -0.22 2.17 30.27
C1 WK3 O . -17.87 -16.69 17.07
C2 WK3 O . -16.79 -17.65 17.54
C4 WK3 O . -16.47 -18.64 15.30
C5 WK3 O . -17.47 -19.75 15.60
C7 WK3 O . -19.04 -20.99 14.19
C8 WK3 O . -18.32 -21.76 13.29
C9 WK3 O . -16.92 -21.41 12.88
C10 WK3 O . -18.93 -22.90 12.77
C11 WK3 O . -20.21 -23.27 13.15
C12 WK3 O . -20.90 -22.47 14.05
C13 WK3 O . -20.33 -21.33 14.60
C14 WK3 O . -21.10 -20.48 15.58
C16 WK3 O . -15.05 -16.79 16.03
C17 WK3 O . -14.48 -15.92 17.11
C18 WK3 O . -14.77 -19.03 17.11
C19 WK3 O . -13.63 -19.47 16.24
C20 WK3 O . -12.43 -18.77 16.22
C21 WK3 O . -11.40 -19.19 15.39
C22 WK3 O . -11.54 -20.29 14.58
C23 WK3 O . -12.72 -20.99 14.61
C24 WK3 O . -13.76 -20.60 15.43
N3 WK3 O . -15.77 -18.05 16.49
N6 WK3 O . -18.46 -19.79 14.69
O15 WK3 O . -17.36 -20.53 16.54
HC1A WK3 O . -18.59 -16.52 17.87
HC1C WK3 O . -18.45 -17.06 16.22
HC1B WK3 O . -17.51 -15.69 16.80
HC2A WK3 O . -17.28 -18.54 17.92
HC2B WK3 O . -16.29 -17.24 18.42
HC4B WK3 O . -15.75 -19.07 14.61
HC4A WK3 O . -16.93 -17.83 14.74
HC9A WK3 O . -16.70 -20.34 12.98
HC9C WK3 O . -16.72 -21.64 11.84
HC9B WK3 O . -16.18 -21.96 13.46
HC10 WK3 O . -18.40 -23.53 12.06
HC11 WK3 O . -20.68 -24.16 12.74
HC12 WK3 O . -21.91 -22.77 14.34
H14B WK3 O . -20.44 -20.03 16.31
H14A WK3 O . -21.84 -21.06 16.14
H14C WK3 O . -21.65 -19.68 15.08
H16A WK3 O . -14.24 -17.04 15.33
H16B WK3 O . -15.75 -16.20 15.43
H17C WK3 O . -14.22 -16.43 18.05
H17B WK3 O . -15.10 -15.07 17.36
H17A WK3 O . -13.54 -15.48 16.77
H18A WK3 O . -15.33 -19.89 17.46
H18B WK3 O . -14.34 -18.59 18.01
HC20 WK3 O . -12.28 -17.91 16.85
HC21 WK3 O . -10.46 -18.62 15.39
HC22 WK3 O . -10.73 -20.60 13.93
HC23 WK3 O . -12.84 -21.88 13.98
HC24 WK3 O . -14.68 -21.19 15.44
HN6 WK3 O . -18.85 -18.94 14.30
#